data_9QQK
#
_entry.id   9QQK
#
_cell.length_a   1.00
_cell.length_b   1.00
_cell.length_c   1.00
_cell.angle_alpha   90.00
_cell.angle_beta   90.00
_cell.angle_gamma   90.00
#
_symmetry.space_group_name_H-M   'P 1'
#
loop_
_entity.id
_entity.type
_entity.pdbx_description
1 polymer 'gh161 phosphorylase'
2 branched beta-D-glucopyranose-(1-3)-beta-D-glucopyranose-(1-3)-beta-D-glucopyranose-(1-3)-beta-D-glucopyranose-(1-3)-beta-D-glucopyranose
#
_entity_poly.entity_id   1
_entity_poly.type   'polypeptide(L)'
_entity_poly.pdbx_seq_one_letter_code
;MTGKNETFVMDDYGKKSTFASFLPGIAGIRGIPIWCYYVNRGQCVVSFGVDNKDHAIMEFYPAHQAYQNVKTTGFRTFLK
KNGTVFEPFSDENITHRMQIHMNGLAIEEQNRSSGMDTKVVYYTLPGENVGALVRVVSVTNQSGEPIELELIDGMPAVIP
YGVSMDSMKNMGQTAKAWMQVEDLSEGLPYYRVRASMDDTAAVRRIDGGNFSACCEADGRRLQPIVDPSLIFSYDLSLKR
PVGFEERPLKELLLEEQMTQNLLPCSFYGITRTLAPGGSVTLYELIGQVENKQLLKEYFAEKKDAAYFEAKKREADELAE
ALTDGIRTRTASAAFDAYCRYTYMDNVLRGGYPMQLGNNKIFYVYSRKHGDLERDYNYFSMLPEFYSQGNGNFRDVNQNR
RCDTFFAPFVGRKNIQEFYSLIQLDGYNPLGVEKLTYRLSKERAKKLLTDVKEEQRSALIDFATKPFTPGALCRKFGEVF
GDTWDETLFIRVIDFAEEMVNGSFGEGYWSDHWTYNLDLILDYLSVFPEQEKEMLYEEVYTTFLSRINVNRRFRRYVETE
NGLRQYRALNEASRRADLGEKLVRTEYGSGDVLTMTLMEKLILLGAVKFATLDAYGMGIEMEGGKPGWYDALNGMPGLFG
SSMAETYELARMLSYTIEALKQYPGEVALIEELGCFLDELNLITRLEHDNIMRDEELLSFWNRINDAKEIYRDKTYQGVS
GKKMVYHTEQLAAILEGFLEIVTCGIKKARRISGEICPTYFTYEVPEYEKLKDGGIRPLKFVPQNMPYFLEGPVRYLKLP
VEQGEKRALYEAVKESDLYDGELSMYKVNASLADSSFELGRARAFTPGWLENESIWLHMEYKYLLELLRSGLYEEFFADF
KKAAIPFQNPEIYGRSIYENSSFIASSRNPNPSCRGRGFVARLSGSTIEFISMWKEMMFGAHPFRTEQEELVFSLAPAIP
AYLIPEDGRLSAAFMSKTTVCYEFGGHRDYVPGTYRIRHMVFFYENGSQATVEGEKVSGKLAEDIRAGRVRKMEVAVDLE
HHHHHH
;
_entity_poly.pdbx_strand_id   A,B
#
# COMPACT_ATOMS: atom_id res chain seq x y z
N GLU A 6 -30.41 -10.13 -27.58
CA GLU A 6 -29.60 -10.88 -26.62
C GLU A 6 -28.30 -10.16 -26.33
N THR A 7 -27.96 -9.18 -27.18
CA THR A 7 -26.74 -8.39 -27.03
C THR A 7 -27.11 -6.92 -26.92
N PHE A 8 -26.30 -6.18 -26.14
CA PHE A 8 -26.50 -4.76 -25.93
C PHE A 8 -25.48 -3.99 -26.76
N VAL A 9 -25.95 -3.01 -27.52
CA VAL A 9 -25.12 -2.23 -28.43
C VAL A 9 -25.14 -0.78 -27.97
N MET A 10 -23.95 -0.20 -27.80
CA MET A 10 -23.80 1.19 -27.41
C MET A 10 -23.00 1.91 -28.49
N ASP A 11 -23.47 3.09 -28.90
CA ASP A 11 -22.86 3.87 -29.96
C ASP A 11 -22.13 5.06 -29.36
N ASP A 12 -20.88 5.25 -29.79
CA ASP A 12 -20.03 6.34 -29.29
C ASP A 12 -19.91 6.28 -27.77
N TYR A 13 -19.41 5.14 -27.28
CA TYR A 13 -19.25 4.95 -25.84
C TYR A 13 -18.20 5.88 -25.24
N GLY A 14 -17.33 6.46 -26.07
CA GLY A 14 -16.31 7.35 -25.53
C GLY A 14 -16.88 8.62 -24.94
N LYS A 15 -17.95 9.15 -25.54
CA LYS A 15 -18.55 10.39 -25.08
C LYS A 15 -19.67 10.17 -24.07
N LYS A 16 -20.04 8.92 -23.78
CA LYS A 16 -21.12 8.64 -22.85
C LYS A 16 -20.59 8.63 -21.41
N SER A 17 -21.50 8.46 -20.46
CA SER A 17 -21.12 8.40 -19.06
C SER A 17 -20.32 7.14 -18.78
N THR A 18 -19.34 7.27 -17.88
CA THR A 18 -18.44 6.17 -17.58
C THR A 18 -19.12 5.13 -16.71
N PHE A 19 -18.74 3.86 -16.93
CA PHE A 19 -19.20 2.77 -16.10
C PHE A 19 -18.15 1.67 -16.13
N ALA A 20 -18.20 0.79 -15.13
CA ALA A 20 -17.24 -0.30 -14.98
C ALA A 20 -17.97 -1.63 -14.95
N SER A 21 -17.42 -2.60 -15.66
CA SER A 21 -18.01 -3.94 -15.74
C SER A 21 -16.86 -4.95 -15.77
N PHE A 22 -17.21 -6.23 -15.92
CA PHE A 22 -16.21 -7.29 -15.94
C PHE A 22 -16.77 -8.49 -16.68
N LEU A 23 -15.86 -9.31 -17.19
CA LEU A 23 -16.24 -10.57 -17.78
C LEU A 23 -16.60 -11.58 -16.69
N PRO A 24 -17.53 -12.51 -16.99
CA PRO A 24 -17.88 -13.52 -15.97
C PRO A 24 -16.69 -14.38 -15.56
N GLY A 25 -15.74 -14.62 -16.45
CA GLY A 25 -14.56 -15.38 -16.09
C GLY A 25 -14.82 -16.82 -15.75
N ILE A 26 -15.64 -17.51 -16.54
CA ILE A 26 -15.93 -18.92 -16.36
C ILE A 26 -15.25 -19.70 -17.49
N ALA A 27 -14.44 -20.68 -17.12
CA ALA A 27 -13.72 -21.49 -18.08
C ALA A 27 -14.25 -22.91 -18.18
N GLY A 28 -15.42 -23.18 -17.61
CA GLY A 28 -16.00 -24.52 -17.65
C GLY A 28 -15.42 -25.42 -16.58
N ILE A 29 -15.84 -26.68 -16.64
CA ILE A 29 -15.40 -27.67 -15.66
C ILE A 29 -13.90 -27.93 -15.80
N ARG A 30 -13.42 -28.07 -17.02
CA ARG A 30 -12.02 -28.42 -17.29
C ARG A 30 -11.21 -27.22 -17.77
N GLY A 31 -11.45 -26.04 -17.21
CA GLY A 31 -10.72 -24.85 -17.60
C GLY A 31 -10.18 -24.11 -16.40
N ILE A 32 -9.28 -23.17 -16.67
CA ILE A 32 -8.64 -22.35 -15.65
C ILE A 32 -9.24 -20.95 -15.75
N PRO A 33 -10.07 -20.52 -14.79
CA PRO A 33 -10.69 -19.21 -14.88
C PRO A 33 -9.70 -18.08 -14.59
N ILE A 34 -9.99 -16.92 -15.17
CA ILE A 34 -9.23 -15.69 -14.93
C ILE A 34 -10.22 -14.56 -14.68
N TRP A 35 -9.70 -13.45 -14.18
CA TRP A 35 -10.49 -12.26 -13.89
C TRP A 35 -10.06 -11.12 -14.81
N CYS A 36 -11.04 -10.39 -15.35
CA CYS A 36 -10.77 -9.28 -16.25
C CYS A 36 -11.83 -8.20 -16.05
N TYR A 37 -11.39 -6.96 -15.88
CA TYR A 37 -12.29 -5.82 -15.73
C TYR A 37 -12.08 -4.86 -16.89
N TYR A 38 -13.15 -4.14 -17.24
CA TYR A 38 -13.07 -3.22 -18.37
C TYR A 38 -13.98 -2.02 -18.12
N VAL A 39 -13.66 -0.92 -18.80
CA VAL A 39 -14.43 0.30 -18.75
C VAL A 39 -14.75 0.73 -20.18
N ASN A 40 -15.63 1.72 -20.31
CA ASN A 40 -16.07 2.19 -21.63
C ASN A 40 -15.19 3.35 -22.10
N ARG A 41 -13.88 3.11 -22.12
CA ARG A 41 -12.92 4.09 -22.59
C ARG A 41 -11.79 3.36 -23.29
N GLY A 42 -11.25 3.99 -24.33
CA GLY A 42 -10.13 3.40 -25.05
C GLY A 42 -10.52 2.09 -25.70
N GLN A 43 -9.69 1.07 -25.50
CA GLN A 43 -9.95 -0.26 -26.03
C GLN A 43 -10.70 -1.14 -25.06
N CYS A 44 -11.15 -0.60 -23.93
CA CYS A 44 -12.05 -1.28 -22.99
C CYS A 44 -11.39 -2.51 -22.37
N VAL A 45 -10.17 -2.33 -21.87
CA VAL A 45 -9.50 -3.30 -21.00
C VAL A 45 -8.56 -2.52 -20.08
N VAL A 46 -8.69 -2.74 -18.77
CA VAL A 46 -7.87 -2.04 -17.79
C VAL A 46 -6.87 -2.98 -17.13
N SER A 47 -7.36 -4.05 -16.48
CA SER A 47 -6.48 -4.96 -15.77
C SER A 47 -7.07 -6.36 -15.80
N PHE A 48 -6.18 -7.35 -15.83
CA PHE A 48 -6.60 -8.75 -15.80
C PHE A 48 -5.44 -9.58 -15.26
N GLY A 49 -5.77 -10.79 -14.83
CA GLY A 49 -4.76 -11.67 -14.27
C GLY A 49 -5.37 -12.97 -13.81
N VAL A 50 -4.55 -13.76 -13.12
CA VAL A 50 -4.97 -15.07 -12.62
C VAL A 50 -4.88 -15.05 -11.10
N ASP A 51 -5.73 -15.87 -10.48
CA ASP A 51 -5.76 -16.05 -9.02
C ASP A 51 -6.17 -14.72 -8.39
N ASN A 52 -5.57 -14.31 -7.29
CA ASN A 52 -5.90 -13.07 -6.60
C ASN A 52 -4.99 -11.96 -7.12
N LYS A 53 -4.95 -10.83 -6.42
CA LYS A 53 -3.98 -9.78 -6.74
C LYS A 53 -2.57 -10.30 -6.48
N ASP A 54 -1.58 -9.45 -6.79
CA ASP A 54 -0.16 -9.75 -6.75
C ASP A 54 0.25 -10.77 -7.81
N HIS A 55 -0.69 -11.25 -8.63
CA HIS A 55 -0.42 -12.15 -9.74
C HIS A 55 -1.13 -11.64 -10.99
N ALA A 56 -1.16 -10.33 -11.17
CA ALA A 56 -1.90 -9.70 -12.26
C ALA A 56 -0.96 -9.40 -13.43
N ILE A 57 -1.37 -9.83 -14.63
CA ILE A 57 -0.60 -9.50 -15.81
C ILE A 57 -0.62 -8.00 -16.07
N MET A 58 -1.79 -7.38 -15.93
CA MET A 58 -1.96 -5.94 -16.04
C MET A 58 -2.20 -5.36 -14.64
N GLU A 59 -1.56 -4.23 -14.36
CA GLU A 59 -1.63 -3.64 -13.03
C GLU A 59 -3.07 -3.26 -12.68
N PHE A 60 -3.50 -3.64 -11.48
CA PHE A 60 -4.85 -3.35 -11.03
C PHE A 60 -4.98 -1.89 -10.59
N TYR A 61 -6.09 -1.27 -10.95
CA TYR A 61 -6.37 0.11 -10.58
C TYR A 61 -7.79 0.24 -10.06
N PRO A 62 -8.04 1.19 -9.15
CA PRO A 62 -9.42 1.53 -8.79
C PRO A 62 -10.17 2.14 -9.96
N ALA A 63 -11.45 2.46 -9.78
CA ALA A 63 -12.26 2.96 -10.88
C ALA A 63 -11.72 4.29 -11.42
N HIS A 64 -11.35 5.20 -10.52
CA HIS A 64 -10.88 6.51 -10.97
C HIS A 64 -9.59 6.41 -11.76
N GLN A 65 -8.61 5.69 -11.22
CA GLN A 65 -7.35 5.49 -11.93
C GLN A 65 -7.56 4.69 -13.21
N ALA A 66 -8.49 3.74 -13.20
CA ALA A 66 -8.80 2.99 -14.42
C ALA A 66 -9.32 3.91 -15.51
N TYR A 67 -10.22 4.83 -15.15
CA TYR A 67 -10.70 5.80 -16.12
C TYR A 67 -9.57 6.71 -16.60
N GLN A 68 -8.69 7.11 -15.69
CA GLN A 68 -7.67 8.09 -16.03
C GLN A 68 -6.54 7.51 -16.87
N ASN A 69 -6.21 6.22 -16.69
CA ASN A 69 -5.02 5.63 -17.29
C ASN A 69 -5.34 4.49 -18.25
N VAL A 70 -6.59 4.39 -18.72
CA VAL A 70 -6.94 3.31 -19.63
C VAL A 70 -6.28 3.51 -20.99
N LYS A 71 -6.22 4.75 -21.47
CA LYS A 71 -5.72 5.04 -22.81
C LYS A 71 -4.21 4.95 -22.92
N THR A 72 -3.49 4.85 -21.81
CA THR A 72 -2.03 4.80 -21.83
C THR A 72 -1.48 3.42 -21.50
N THR A 73 -1.95 2.81 -20.40
CA THR A 73 -1.48 1.50 -20.00
C THR A 73 -2.33 0.36 -20.55
N GLY A 74 -3.42 0.67 -21.24
CA GLY A 74 -4.24 -0.37 -21.84
C GLY A 74 -3.68 -0.83 -23.17
N PHE A 75 -4.44 -1.72 -23.81
CA PHE A 75 -4.03 -2.25 -25.11
C PHE A 75 -3.93 -1.11 -26.13
N ARG A 76 -2.86 -1.13 -26.91
CA ARG A 76 -2.56 -0.08 -27.88
C ARG A 76 -2.44 -0.67 -29.27
N THR A 77 -2.99 0.01 -30.26
CA THR A 77 -2.91 -0.40 -31.66
C THR A 77 -2.46 0.79 -32.49
N PHE A 78 -1.43 0.57 -33.31
CA PHE A 78 -0.88 1.61 -34.17
C PHE A 78 -0.91 1.16 -35.62
N LEU A 79 -1.27 2.07 -36.51
CA LEU A 79 -1.32 1.81 -37.94
C LEU A 79 -0.51 2.87 -38.67
N LYS A 80 0.06 2.48 -39.80
CA LYS A 80 0.80 3.40 -40.66
C LYS A 80 0.37 3.18 -42.10
N LYS A 81 -0.22 4.20 -42.71
CA LYS A 81 -0.66 4.15 -44.10
C LYS A 81 0.12 5.19 -44.88
N ASN A 82 1.20 4.76 -45.54
CA ASN A 82 2.02 5.61 -46.40
C ASN A 82 2.60 6.80 -45.63
N GLY A 83 3.37 6.47 -44.59
CA GLY A 83 4.13 7.46 -43.86
C GLY A 83 3.39 8.23 -42.80
N THR A 84 2.09 8.00 -42.63
CA THR A 84 1.30 8.67 -41.62
C THR A 84 0.78 7.66 -40.61
N VAL A 85 0.90 7.98 -39.33
CA VAL A 85 0.58 7.06 -38.25
C VAL A 85 -0.77 7.45 -37.66
N PHE A 86 -1.71 6.51 -37.64
CA PHE A 86 -3.01 6.67 -37.03
C PHE A 86 -3.13 5.74 -35.83
N GLU A 87 -4.02 6.10 -34.91
CA GLU A 87 -4.24 5.26 -33.74
C GLU A 87 -5.74 5.04 -33.52
N PRO A 88 -6.23 3.83 -33.77
CA PRO A 88 -7.66 3.56 -33.55
C PRO A 88 -8.03 3.67 -32.08
N PHE A 89 -9.30 4.00 -31.85
CA PHE A 89 -9.86 4.11 -30.50
C PHE A 89 -9.10 5.13 -29.66
N SER A 90 -8.74 6.25 -30.27
CA SER A 90 -8.02 7.31 -29.56
C SER A 90 -8.75 8.63 -29.67
N ASP A 91 -9.53 8.81 -30.72
CA ASP A 91 -10.29 10.03 -30.96
C ASP A 91 -11.78 9.72 -30.89
N GLU A 92 -12.50 10.45 -30.03
CA GLU A 92 -13.92 10.22 -29.85
C GLU A 92 -14.76 10.72 -31.02
N ASN A 93 -14.23 11.65 -31.83
CA ASN A 93 -14.99 12.16 -32.95
C ASN A 93 -15.26 11.08 -33.99
N ILE A 94 -14.28 10.19 -34.20
CA ILE A 94 -14.46 9.09 -35.15
C ILE A 94 -15.52 8.13 -34.60
N THR A 95 -16.43 7.71 -35.48
CA THR A 95 -17.52 6.84 -35.05
C THR A 95 -16.99 5.49 -34.58
N HIS A 96 -17.51 5.02 -33.46
CA HIS A 96 -17.14 3.72 -32.92
C HIS A 96 -18.35 3.10 -32.24
N ARG A 97 -18.29 1.79 -32.05
CA ARG A 97 -19.42 1.03 -31.54
C ARG A 97 -18.91 0.00 -30.54
N MET A 98 -19.83 -0.49 -29.70
CA MET A 98 -19.48 -1.44 -28.66
C MET A 98 -20.61 -2.44 -28.49
N GLN A 99 -20.24 -3.72 -28.37
CA GLN A 99 -21.19 -4.79 -28.16
C GLN A 99 -20.80 -5.56 -26.90
N ILE A 100 -21.80 -5.89 -26.08
CA ILE A 100 -21.56 -6.61 -24.83
C ILE A 100 -22.31 -7.94 -24.93
N HIS A 101 -21.57 -9.02 -25.12
CA HIS A 101 -22.15 -10.35 -25.14
C HIS A 101 -22.30 -10.89 -23.72
N MET A 102 -22.94 -12.06 -23.62
CA MET A 102 -23.09 -12.70 -22.31
C MET A 102 -21.74 -13.07 -21.72
N ASN A 103 -20.84 -13.61 -22.54
CA ASN A 103 -19.50 -14.01 -22.11
C ASN A 103 -18.46 -13.55 -23.13
N GLY A 104 -18.57 -12.28 -23.54
CA GLY A 104 -17.63 -11.75 -24.51
C GLY A 104 -17.76 -10.25 -24.60
N LEU A 105 -16.88 -9.66 -25.41
CA LEU A 105 -16.85 -8.21 -25.59
C LEU A 105 -16.19 -7.91 -26.93
N ALA A 106 -16.88 -7.18 -27.79
CA ALA A 106 -16.38 -6.84 -29.11
C ALA A 106 -16.62 -5.36 -29.39
N ILE A 107 -15.59 -4.68 -29.89
CA ILE A 107 -15.68 -3.27 -30.24
C ILE A 107 -15.15 -3.08 -31.65
N GLU A 108 -15.56 -1.98 -32.27
CA GLU A 108 -15.11 -1.68 -33.63
C GLU A 108 -15.15 -0.18 -33.84
N GLU A 109 -14.40 0.27 -34.86
CA GLU A 109 -14.35 1.67 -35.24
C GLU A 109 -14.37 1.78 -36.75
N GLN A 110 -15.12 2.75 -37.27
CA GLN A 110 -15.24 2.99 -38.70
C GLN A 110 -14.67 4.37 -39.00
N ASN A 111 -13.40 4.41 -39.38
CA ASN A 111 -12.71 5.66 -39.71
C ASN A 111 -12.87 5.92 -41.20
N ARG A 112 -13.75 6.86 -41.55
CA ARG A 112 -13.97 7.19 -42.95
C ARG A 112 -12.86 8.05 -43.54
N SER A 113 -12.08 8.72 -42.69
CA SER A 113 -10.99 9.55 -43.19
C SER A 113 -9.86 8.69 -43.76
N SER A 114 -9.28 7.84 -42.92
CA SER A 114 -8.23 6.94 -43.38
C SER A 114 -8.75 5.77 -44.19
N GLY A 115 -10.06 5.55 -44.20
CA GLY A 115 -10.64 4.46 -44.96
C GLY A 115 -10.25 3.08 -44.47
N MET A 116 -10.14 2.90 -43.16
CA MET A 116 -9.80 1.61 -42.57
C MET A 116 -10.72 1.32 -41.40
N ASP A 117 -11.08 0.04 -41.25
CA ASP A 117 -11.95 -0.41 -40.16
C ASP A 117 -11.17 -1.34 -39.24
N THR A 118 -11.40 -1.20 -37.94
CA THR A 118 -10.72 -2.02 -36.94
C THR A 118 -11.76 -2.70 -36.06
N LYS A 119 -11.53 -3.97 -35.77
CA LYS A 119 -12.42 -4.74 -34.90
C LYS A 119 -11.58 -5.55 -33.93
N VAL A 120 -11.94 -5.51 -32.65
CA VAL A 120 -11.23 -6.21 -31.60
C VAL A 120 -12.23 -7.06 -30.82
N VAL A 121 -11.86 -8.32 -30.55
CA VAL A 121 -12.71 -9.26 -29.84
C VAL A 121 -11.94 -9.80 -28.64
N TYR A 122 -12.58 -9.76 -27.47
CA TYR A 122 -12.01 -10.28 -26.24
C TYR A 122 -12.85 -11.43 -25.72
N TYR A 123 -12.19 -12.52 -25.33
CA TYR A 123 -12.86 -13.60 -24.63
C TYR A 123 -11.82 -14.44 -23.89
N THR A 124 -12.29 -15.15 -22.88
CA THR A 124 -11.44 -16.00 -22.07
C THR A 124 -11.36 -17.39 -22.69
N LEU A 125 -10.16 -17.97 -22.70
CA LEU A 125 -9.96 -19.28 -23.29
C LEU A 125 -10.61 -20.35 -22.43
N PRO A 126 -11.59 -21.10 -22.95
CA PRO A 126 -12.28 -22.10 -22.14
C PRO A 126 -11.71 -23.50 -22.29
N GLY A 127 -11.81 -24.26 -21.21
CA GLY A 127 -11.50 -25.68 -21.23
C GLY A 127 -10.08 -26.03 -21.62
N GLU A 128 -9.09 -25.36 -21.03
CA GLU A 128 -7.70 -25.65 -21.32
C GLU A 128 -6.91 -25.66 -20.02
N ASN A 129 -5.78 -26.37 -20.04
CA ASN A 129 -4.93 -26.48 -18.86
C ASN A 129 -4.27 -25.16 -18.50
N VAL A 130 -4.23 -24.20 -19.42
CA VAL A 130 -3.59 -22.91 -19.21
C VAL A 130 -4.65 -21.82 -19.35
N GLY A 131 -4.74 -20.96 -18.34
CA GLY A 131 -5.66 -19.83 -18.38
C GLY A 131 -5.03 -18.65 -19.08
N ALA A 132 -5.76 -18.09 -20.04
CA ALA A 132 -5.24 -16.97 -20.82
C ALA A 132 -6.41 -16.16 -21.36
N LEU A 133 -6.08 -15.02 -21.97
CA LEU A 133 -7.06 -14.11 -22.54
C LEU A 133 -6.81 -14.01 -24.03
N VAL A 134 -7.72 -14.57 -24.83
CA VAL A 134 -7.59 -14.53 -26.28
C VAL A 134 -8.00 -13.15 -26.78
N ARG A 135 -7.26 -12.64 -27.77
CA ARG A 135 -7.54 -11.32 -28.34
C ARG A 135 -7.38 -11.41 -29.85
N VAL A 136 -8.41 -11.01 -30.59
CA VAL A 136 -8.42 -11.08 -32.04
C VAL A 136 -8.55 -9.66 -32.58
N VAL A 137 -7.63 -9.28 -33.47
CA VAL A 137 -7.60 -7.96 -34.08
C VAL A 137 -7.68 -8.11 -35.58
N SER A 138 -8.61 -7.38 -36.21
CA SER A 138 -8.79 -7.42 -37.65
C SER A 138 -8.84 -6.01 -38.19
N VAL A 139 -8.16 -5.79 -39.32
CA VAL A 139 -8.13 -4.51 -40.00
C VAL A 139 -8.56 -4.72 -41.44
N THR A 140 -9.52 -3.93 -41.90
CA THR A 140 -10.07 -4.06 -43.25
C THR A 140 -9.84 -2.78 -44.03
N ASN A 141 -9.47 -2.91 -45.29
CA ASN A 141 -9.22 -1.77 -46.16
C ASN A 141 -10.52 -1.40 -46.89
N GLN A 142 -10.99 -0.18 -46.68
CA GLN A 142 -12.22 0.31 -47.30
C GLN A 142 -11.98 1.39 -48.33
N SER A 143 -10.72 1.65 -48.69
CA SER A 143 -10.40 2.68 -49.68
C SER A 143 -10.61 2.11 -51.08
N GLY A 144 -10.24 2.89 -52.10
CA GLY A 144 -10.42 2.47 -53.46
C GLY A 144 -9.13 2.08 -54.15
N GLU A 145 -8.01 2.23 -53.46
CA GLU A 145 -6.70 1.92 -54.01
C GLU A 145 -5.93 1.02 -53.06
N PRO A 146 -5.03 0.19 -53.58
CA PRO A 146 -4.16 -0.60 -52.71
C PRO A 146 -3.31 0.29 -51.81
N ILE A 147 -3.09 -0.17 -50.58
CA ILE A 147 -2.33 0.59 -49.60
C ILE A 147 -1.23 -0.29 -49.02
N GLU A 148 -0.20 0.36 -48.50
CA GLU A 148 0.91 -0.30 -47.84
C GLU A 148 0.76 -0.06 -46.33
N LEU A 149 0.42 -1.12 -45.60
CA LEU A 149 0.06 -1.02 -44.20
C LEU A 149 1.12 -1.71 -43.34
N GLU A 150 1.52 -1.04 -42.27
CA GLU A 150 2.39 -1.62 -41.24
C GLU A 150 1.68 -1.51 -39.91
N LEU A 151 1.48 -2.65 -39.25
CA LEU A 151 0.65 -2.73 -38.06
C LEU A 151 1.50 -3.11 -36.85
N ILE A 152 1.21 -2.48 -35.71
CA ILE A 152 1.82 -2.83 -34.43
C ILE A 152 0.70 -2.89 -33.39
N ASP A 153 0.65 -3.98 -32.64
CA ASP A 153 -0.40 -4.17 -31.65
C ASP A 153 0.16 -4.94 -30.47
N GLY A 154 -0.20 -4.52 -29.26
CA GLY A 154 0.24 -5.23 -28.08
C GLY A 154 -0.06 -4.43 -26.82
N MET A 155 0.52 -4.90 -25.71
CA MET A 155 0.35 -4.31 -24.40
C MET A 155 1.62 -3.63 -23.96
N PRO A 156 1.56 -2.36 -23.54
CA PRO A 156 2.79 -1.61 -23.25
C PRO A 156 3.41 -1.89 -21.89
N ALA A 157 2.72 -2.57 -20.99
CA ALA A 157 3.24 -2.81 -19.65
C ALA A 157 2.80 -4.19 -19.19
N VAL A 158 3.77 -5.09 -19.00
CA VAL A 158 3.51 -6.43 -18.51
C VAL A 158 4.25 -6.58 -17.18
N ILE A 159 3.50 -6.88 -16.12
CA ILE A 159 4.09 -7.06 -14.80
C ILE A 159 4.74 -8.43 -14.73
N PRO A 160 6.05 -8.51 -14.48
CA PRO A 160 6.70 -9.82 -14.37
C PRO A 160 6.15 -10.61 -13.19
N TYR A 161 6.15 -11.94 -13.34
CA TYR A 161 5.65 -12.81 -12.30
C TYR A 161 6.52 -12.72 -11.06
N GLY A 162 5.88 -12.66 -9.89
CA GLY A 162 6.57 -12.56 -8.63
C GLY A 162 6.66 -11.18 -8.04
N VAL A 163 6.01 -10.19 -8.64
CA VAL A 163 6.01 -8.81 -8.14
C VAL A 163 4.66 -8.53 -7.50
N SER A 164 4.67 -8.17 -6.22
CA SER A 164 3.44 -7.90 -5.50
C SER A 164 2.88 -6.53 -5.88
N MET A 165 1.57 -6.37 -5.64
CA MET A 165 0.89 -5.13 -6.00
C MET A 165 1.42 -3.95 -5.20
N ASP A 166 1.60 -4.13 -3.88
CA ASP A 166 2.10 -3.04 -3.06
C ASP A 166 3.52 -2.64 -3.46
N SER A 167 4.35 -3.63 -3.81
CA SER A 167 5.68 -3.32 -4.31
C SER A 167 5.61 -2.49 -5.58
N MET A 168 4.75 -2.89 -6.52
CA MET A 168 4.64 -2.15 -7.78
C MET A 168 4.15 -0.73 -7.55
N LYS A 169 3.24 -0.54 -6.61
CA LYS A 169 2.67 0.79 -6.38
C LYS A 169 3.47 1.65 -5.42
N ASN A 170 4.46 1.10 -4.71
CA ASN A 170 5.24 1.90 -3.78
C ASN A 170 6.71 1.99 -4.16
N MET A 171 7.37 0.85 -4.39
CA MET A 171 8.80 0.79 -4.63
C MET A 171 9.10 0.37 -6.07
N GLY A 172 8.34 0.92 -7.01
CA GLY A 172 8.44 0.49 -8.39
C GLY A 172 9.80 0.77 -9.01
N GLN A 173 10.39 1.93 -8.69
CA GLN A 173 11.67 2.29 -9.28
C GLN A 173 12.76 1.31 -8.86
N THR A 174 12.79 0.93 -7.58
CA THR A 174 13.77 -0.05 -7.11
C THR A 174 13.42 -1.47 -7.54
N ALA A 175 12.14 -1.77 -7.76
CA ALA A 175 11.73 -3.12 -8.14
C ALA A 175 12.18 -3.50 -9.55
N LYS A 176 12.65 -2.55 -10.35
CA LYS A 176 13.06 -2.87 -11.72
C LYS A 176 14.37 -3.64 -11.77
N ALA A 177 15.08 -3.77 -10.65
CA ALA A 177 16.33 -4.51 -10.64
C ALA A 177 16.10 -6.02 -10.82
N TRP A 178 14.96 -6.52 -10.36
CA TRP A 178 14.67 -7.94 -10.43
C TRP A 178 13.95 -8.35 -11.71
N MET A 179 13.58 -7.40 -12.58
CA MET A 179 12.79 -7.72 -13.75
C MET A 179 13.67 -8.18 -14.89
N GLN A 180 13.19 -9.17 -15.66
CA GLN A 180 13.90 -9.67 -16.82
C GLN A 180 12.92 -10.36 -17.75
N VAL A 181 13.35 -10.54 -18.99
CA VAL A 181 12.58 -11.27 -20.00
C VAL A 181 13.53 -12.19 -20.75
N GLU A 182 13.09 -13.42 -20.99
CA GLU A 182 13.93 -14.44 -21.60
C GLU A 182 13.16 -15.19 -22.67
N ASP A 183 13.87 -16.01 -23.42
CA ASP A 183 13.30 -16.83 -24.50
C ASP A 183 12.64 -15.94 -25.56
N LEU A 184 13.45 -15.09 -26.19
CA LEU A 184 12.96 -14.24 -27.26
C LEU A 184 13.15 -14.86 -28.64
N SER A 185 14.20 -15.65 -28.84
CA SER A 185 14.43 -16.27 -30.13
C SER A 185 13.33 -17.26 -30.48
N GLU A 186 12.85 -18.01 -29.50
CA GLU A 186 11.81 -19.00 -29.74
C GLU A 186 10.44 -18.39 -30.00
N GLY A 187 10.29 -17.08 -29.79
CA GLY A 187 9.00 -16.44 -30.00
C GLY A 187 8.04 -16.55 -28.85
N LEU A 188 8.48 -17.02 -27.69
CA LEU A 188 7.63 -17.16 -26.50
C LEU A 188 8.32 -16.47 -25.34
N PRO A 189 8.21 -15.14 -25.25
CA PRO A 189 8.84 -14.42 -24.14
C PRO A 189 8.30 -14.89 -22.79
N TYR A 190 9.18 -14.92 -21.80
CA TYR A 190 8.84 -15.40 -20.47
C TYR A 190 9.20 -14.30 -19.46
N TYR A 191 8.20 -13.73 -18.81
CA TYR A 191 8.39 -12.63 -17.87
C TYR A 191 8.36 -13.18 -16.45
N ARG A 192 9.47 -13.04 -15.73
CA ARG A 192 9.53 -13.45 -14.34
C ARG A 192 10.71 -12.74 -13.69
N VAL A 193 10.73 -12.76 -12.36
CA VAL A 193 11.79 -12.12 -11.60
C VAL A 193 13.00 -13.05 -11.55
N ARG A 194 14.19 -12.45 -11.40
CA ARG A 194 15.41 -13.23 -11.33
C ARG A 194 15.45 -14.07 -10.05
N ALA A 195 15.01 -13.49 -8.93
CA ALA A 195 15.00 -14.18 -7.65
C ALA A 195 13.85 -13.65 -6.82
N SER A 196 13.55 -14.36 -5.72
CA SER A 196 12.45 -13.97 -4.87
C SER A 196 12.69 -12.61 -4.24
N MET A 197 11.67 -11.75 -4.29
CA MET A 197 11.78 -10.41 -3.74
C MET A 197 11.97 -10.44 -2.23
N ASP A 198 11.19 -11.25 -1.53
CA ASP A 198 11.26 -11.32 -0.08
C ASP A 198 12.55 -12.00 0.37
N ASP A 199 12.97 -11.67 1.59
CA ASP A 199 14.20 -12.20 2.16
C ASP A 199 13.89 -13.44 3.03
N THR A 200 13.40 -14.48 2.35
CA THR A 200 13.08 -15.74 3.02
C THR A 200 13.63 -16.88 2.17
N ALA A 201 13.21 -18.11 2.49
CA ALA A 201 13.72 -19.29 1.81
C ALA A 201 13.08 -19.41 0.42
N ALA A 202 13.31 -20.56 -0.21
CA ALA A 202 12.87 -20.82 -1.59
C ALA A 202 13.42 -19.78 -2.54
N VAL A 203 14.72 -19.51 -2.43
CA VAL A 203 15.37 -18.58 -3.35
C VAL A 203 15.55 -19.24 -4.71
N ARG A 204 15.58 -18.43 -5.76
CA ARG A 204 15.61 -18.90 -7.14
C ARG A 204 14.59 -20.01 -7.38
N ARG A 205 13.40 -19.91 -6.78
CA ARG A 205 12.34 -20.87 -6.98
C ARG A 205 11.18 -20.32 -7.80
N ILE A 206 11.27 -19.08 -8.26
CA ILE A 206 10.22 -18.51 -9.09
C ILE A 206 10.28 -19.17 -10.46
N ASP A 207 9.35 -20.08 -10.73
CA ASP A 207 9.31 -20.82 -11.98
C ASP A 207 8.19 -20.39 -12.90
N GLY A 208 7.05 -19.98 -12.35
CA GLY A 208 5.97 -19.49 -13.19
C GLY A 208 6.31 -18.15 -13.81
N GLY A 209 5.57 -17.83 -14.87
CA GLY A 209 5.79 -16.57 -15.57
C GLY A 209 4.65 -16.29 -16.51
N ASN A 210 4.70 -15.10 -17.09
CA ASN A 210 3.70 -14.66 -18.06
C ASN A 210 4.25 -14.83 -19.47
N PHE A 211 3.39 -15.26 -20.38
CA PHE A 211 3.79 -15.53 -21.75
C PHE A 211 2.83 -14.85 -22.71
N SER A 212 3.33 -14.51 -23.90
CA SER A 212 2.53 -13.92 -24.95
C SER A 212 2.95 -14.52 -26.28
N ALA A 213 1.97 -14.89 -27.10
CA ALA A 213 2.22 -15.46 -28.40
C ALA A 213 1.24 -14.90 -29.41
N CYS A 214 1.75 -14.51 -30.57
CA CYS A 214 0.93 -13.96 -31.64
C CYS A 214 1.17 -14.72 -32.93
N CYS A 215 0.10 -15.03 -33.64
CA CYS A 215 0.20 -15.77 -34.89
C CYS A 215 -0.92 -15.33 -35.82
N GLU A 216 -0.67 -15.50 -37.12
CA GLU A 216 -1.66 -15.18 -38.14
C GLU A 216 -2.50 -16.43 -38.45
N ALA A 217 -3.25 -16.37 -39.54
CA ALA A 217 -4.11 -17.50 -39.91
C ALA A 217 -3.29 -18.75 -40.23
N ASP A 218 -2.13 -18.57 -40.88
CA ASP A 218 -1.31 -19.72 -41.26
C ASP A 218 -0.73 -20.46 -40.05
N GLY A 219 -0.68 -19.83 -38.89
CA GLY A 219 -0.25 -20.49 -37.67
C GLY A 219 1.19 -20.24 -37.27
N ARG A 220 1.95 -19.49 -38.05
CA ARG A 220 3.33 -19.19 -37.70
C ARG A 220 3.40 -18.08 -36.66
N ARG A 221 4.29 -18.25 -35.69
CA ARG A 221 4.43 -17.24 -34.64
C ARG A 221 5.33 -16.09 -35.10
N LEU A 222 5.23 -14.97 -34.40
CA LEU A 222 5.90 -13.74 -34.76
C LEU A 222 6.91 -13.35 -33.70
N GLN A 223 7.95 -12.65 -34.12
CA GLN A 223 8.99 -12.19 -33.20
C GLN A 223 8.46 -11.02 -32.38
N PRO A 224 8.52 -11.10 -31.05
CA PRO A 224 7.96 -10.04 -30.21
C PRO A 224 8.93 -8.87 -30.05
N ILE A 225 8.40 -7.78 -29.50
CA ILE A 225 9.18 -6.61 -29.12
C ILE A 225 8.94 -6.37 -27.64
N VAL A 226 10.03 -6.39 -26.86
CA VAL A 226 9.93 -6.27 -25.41
C VAL A 226 10.55 -4.98 -24.88
N ASP A 227 11.11 -4.15 -25.74
CA ASP A 227 11.71 -2.90 -25.31
C ASP A 227 10.83 -1.72 -25.71
N PRO A 228 10.16 -1.07 -24.77
CA PRO A 228 9.29 0.06 -25.15
C PRO A 228 10.05 1.24 -25.75
N SER A 229 11.36 1.35 -25.51
CA SER A 229 12.11 2.48 -26.06
C SER A 229 12.26 2.40 -27.57
N LEU A 230 12.00 1.23 -28.18
CA LEU A 230 12.09 1.09 -29.62
C LEU A 230 10.86 1.64 -30.34
N ILE A 231 9.80 1.95 -29.62
CA ILE A 231 8.57 2.45 -30.21
C ILE A 231 8.31 3.90 -29.84
N PHE A 232 8.59 4.28 -28.58
CA PHE A 232 8.33 5.63 -28.11
C PHE A 232 9.58 6.49 -28.00
N SER A 233 10.76 5.88 -27.99
CA SER A 233 12.04 6.59 -27.95
C SER A 233 12.09 7.46 -26.70
N TYR A 234 12.28 8.77 -26.81
CA TYR A 234 12.41 9.61 -25.62
C TYR A 234 11.08 9.92 -24.95
N ASP A 235 9.95 9.63 -25.61
CA ASP A 235 8.64 9.94 -25.07
C ASP A 235 8.28 8.88 -24.03
N LEU A 236 8.40 9.24 -22.76
CA LEU A 236 8.11 8.33 -21.66
C LEU A 236 6.65 8.36 -21.23
N SER A 237 5.83 9.23 -21.82
CA SER A 237 4.41 9.30 -21.47
C SER A 237 3.57 8.29 -22.24
N LEU A 238 4.18 7.54 -23.17
CA LEU A 238 3.47 6.54 -23.97
C LEU A 238 2.31 7.16 -24.73
N LYS A 239 2.51 8.38 -25.22
CA LYS A 239 1.48 9.11 -25.95
C LYS A 239 1.75 9.21 -27.44
N ARG A 240 3.01 9.18 -27.86
CA ARG A 240 3.37 9.31 -29.26
C ARG A 240 4.37 8.22 -29.63
N PRO A 241 4.11 7.45 -30.68
CA PRO A 241 5.10 6.45 -31.15
C PRO A 241 6.17 7.09 -32.02
N VAL A 242 7.06 7.85 -31.38
CA VAL A 242 8.08 8.58 -32.11
C VAL A 242 9.03 7.64 -32.83
N GLY A 243 9.44 6.57 -32.15
CA GLY A 243 10.33 5.60 -32.78
C GLY A 243 9.70 4.95 -33.99
N PHE A 244 8.40 4.62 -33.90
CA PHE A 244 7.71 4.04 -35.04
C PHE A 244 7.65 5.03 -36.21
N GLU A 245 7.39 6.30 -35.93
CA GLU A 245 7.32 7.30 -36.99
C GLU A 245 8.67 7.51 -37.65
N GLU A 246 9.74 7.51 -36.86
CA GLU A 246 11.06 7.84 -37.41
C GLU A 246 11.60 6.72 -38.29
N ARG A 247 11.34 5.47 -37.93
CA ARG A 247 12.00 4.35 -38.57
C ARG A 247 10.99 3.32 -39.06
N PRO A 248 11.31 2.59 -40.12
CA PRO A 248 10.40 1.55 -40.61
C PRO A 248 10.33 0.38 -39.64
N LEU A 249 9.26 -0.41 -39.80
CA LEU A 249 9.06 -1.57 -38.94
C LEU A 249 10.15 -2.61 -39.14
N LYS A 250 10.61 -2.80 -40.38
CA LYS A 250 11.61 -3.82 -40.66
C LYS A 250 12.91 -3.53 -39.93
N GLU A 251 13.30 -2.25 -39.86
CA GLU A 251 14.54 -1.90 -39.17
C GLU A 251 14.44 -2.15 -37.67
N LEU A 252 13.26 -1.94 -37.09
CA LEU A 252 13.10 -2.09 -35.64
C LEU A 252 13.36 -3.53 -35.20
N LEU A 253 12.86 -4.50 -35.97
CA LEU A 253 13.00 -5.90 -35.59
C LEU A 253 14.45 -6.38 -35.62
N LEU A 254 15.32 -5.68 -36.33
CA LEU A 254 16.72 -6.07 -36.45
C LEU A 254 17.62 -5.41 -35.41
N GLU A 255 17.06 -4.58 -34.53
CA GLU A 255 17.85 -3.86 -33.55
C GLU A 255 17.87 -4.61 -32.22
N GLU A 256 18.99 -4.49 -31.51
CA GLU A 256 19.13 -5.13 -30.21
C GLU A 256 18.19 -4.48 -29.20
N GLN A 257 17.62 -5.30 -28.32
CA GLN A 257 16.62 -4.85 -27.36
C GLN A 257 17.11 -5.08 -25.94
N MET A 258 16.67 -4.20 -25.04
CA MET A 258 16.93 -4.41 -23.62
C MET A 258 16.15 -5.62 -23.11
N THR A 259 16.76 -6.39 -22.21
CA THR A 259 16.11 -7.55 -21.62
C THR A 259 16.14 -7.56 -20.11
N GLN A 260 16.91 -6.67 -19.46
CA GLN A 260 17.02 -6.65 -18.01
C GLN A 260 16.97 -5.20 -17.53
N ASN A 261 16.53 -5.04 -16.28
CA ASN A 261 16.43 -3.72 -15.63
C ASN A 261 15.52 -2.78 -16.41
N LEU A 262 14.30 -3.26 -16.68
CA LEU A 262 13.32 -2.45 -17.38
C LEU A 262 11.93 -3.05 -17.13
N LEU A 263 10.91 -2.27 -17.48
CA LEU A 263 9.54 -2.76 -17.42
C LEU A 263 9.16 -3.29 -18.79
N PRO A 264 9.14 -4.60 -18.98
CA PRO A 264 8.98 -5.15 -20.33
C PRO A 264 7.58 -4.92 -20.90
N CYS A 265 7.52 -4.92 -22.23
CA CYS A 265 6.26 -4.83 -22.94
C CYS A 265 6.13 -5.98 -23.93
N SER A 266 5.11 -5.96 -24.79
CA SER A 266 4.91 -7.02 -25.77
C SER A 266 4.17 -6.43 -26.96
N PHE A 267 4.89 -6.16 -28.05
CA PHE A 267 4.32 -5.63 -29.27
C PHE A 267 4.69 -6.54 -30.44
N TYR A 268 3.73 -6.80 -31.31
CA TYR A 268 3.93 -7.63 -32.48
C TYR A 268 3.61 -6.82 -33.74
N GLY A 269 4.45 -6.97 -34.76
CA GLY A 269 4.31 -6.18 -35.96
C GLY A 269 4.44 -7.03 -37.20
N ILE A 270 3.67 -6.67 -38.22
CA ILE A 270 3.72 -7.32 -39.53
C ILE A 270 3.66 -6.24 -40.61
N THR A 271 4.10 -6.62 -41.81
CA THR A 271 4.08 -5.73 -42.97
C THR A 271 3.30 -6.41 -44.09
N ARG A 272 2.38 -5.68 -44.70
CA ARG A 272 1.52 -6.24 -45.73
C ARG A 272 1.04 -5.13 -46.65
N THR A 273 0.70 -5.51 -47.88
CA THR A 273 0.07 -4.62 -48.83
C THR A 273 -1.36 -5.10 -49.05
N LEU A 274 -2.33 -4.25 -48.76
CA LEU A 274 -3.74 -4.63 -48.78
C LEU A 274 -4.38 -4.16 -50.08
N ALA A 275 -4.96 -5.10 -50.83
CA ALA A 275 -5.79 -4.76 -51.96
C ALA A 275 -7.12 -4.21 -51.47
N PRO A 276 -7.84 -3.46 -52.31
CA PRO A 276 -9.17 -2.97 -51.91
C PRO A 276 -10.08 -4.13 -51.53
N GLY A 277 -10.64 -4.04 -50.32
CA GLY A 277 -11.47 -5.09 -49.78
C GLY A 277 -10.75 -6.16 -49.00
N GLY A 278 -9.41 -6.11 -48.92
CA GLY A 278 -8.66 -7.10 -48.20
C GLY A 278 -8.71 -6.89 -46.69
N SER A 279 -8.16 -7.85 -45.96
CA SER A 279 -8.18 -7.80 -44.51
C SER A 279 -6.96 -8.51 -43.95
N VAL A 280 -6.60 -8.15 -42.72
CA VAL A 280 -5.49 -8.75 -41.99
C VAL A 280 -5.97 -9.06 -40.58
N THR A 281 -5.69 -10.27 -40.11
CA THR A 281 -6.16 -10.73 -38.81
C THR A 281 -4.99 -11.25 -37.99
N LEU A 282 -4.98 -10.92 -36.71
CA LEU A 282 -3.99 -11.40 -35.76
C LEU A 282 -4.67 -12.06 -34.57
N TYR A 283 -3.99 -13.03 -33.98
CA TYR A 283 -4.49 -13.73 -32.80
C TYR A 283 -3.42 -13.72 -31.73
N GLU A 284 -3.83 -13.50 -30.49
CA GLU A 284 -2.90 -13.35 -29.37
C GLU A 284 -3.37 -14.17 -28.18
N LEU A 285 -2.41 -14.53 -27.33
CA LEU A 285 -2.67 -15.31 -26.12
C LEU A 285 -1.77 -14.78 -25.02
N ILE A 286 -2.36 -14.20 -23.98
CA ILE A 286 -1.63 -13.71 -22.82
C ILE A 286 -2.13 -14.46 -21.59
N GLY A 287 -1.23 -15.17 -20.93
CA GLY A 287 -1.61 -15.98 -19.78
C GLY A 287 -0.52 -16.16 -18.75
N GLN A 288 -0.72 -17.10 -17.84
CA GLN A 288 0.24 -17.34 -16.77
C GLN A 288 0.30 -18.83 -16.47
N VAL A 289 1.52 -19.38 -16.39
CA VAL A 289 1.71 -20.78 -16.07
C VAL A 289 2.56 -20.89 -14.82
N GLU A 290 2.86 -22.13 -14.40
CA GLU A 290 3.67 -22.37 -13.22
C GLU A 290 5.07 -22.88 -13.54
N ASN A 291 5.30 -23.42 -14.72
CA ASN A 291 6.62 -23.89 -15.11
C ASN A 291 6.71 -23.89 -16.64
N LYS A 292 7.95 -23.86 -17.14
CA LYS A 292 8.16 -23.83 -18.58
C LYS A 292 7.72 -25.12 -19.25
N GLN A 293 7.78 -26.25 -18.53
CA GLN A 293 7.43 -27.53 -19.13
C GLN A 293 5.96 -27.55 -19.57
N LEU A 294 5.07 -27.04 -18.72
CA LEU A 294 3.66 -27.00 -19.07
C LEU A 294 3.41 -26.11 -20.27
N LEU A 295 4.08 -24.95 -20.32
CA LEU A 295 3.92 -24.05 -21.46
C LEU A 295 4.42 -24.69 -22.74
N LYS A 296 5.55 -25.38 -22.69
CA LYS A 296 6.07 -26.05 -23.88
C LYS A 296 5.13 -27.19 -24.31
N GLU A 297 4.58 -27.93 -23.36
CA GLU A 297 3.68 -29.02 -23.70
C GLU A 297 2.38 -28.49 -24.31
N TYR A 298 1.91 -27.33 -23.84
CA TYR A 298 0.69 -26.76 -24.41
C TYR A 298 0.87 -26.38 -25.87
N PHE A 299 2.02 -25.80 -26.21
CA PHE A 299 2.31 -25.40 -27.58
C PHE A 299 2.96 -26.51 -28.39
N ALA A 300 2.85 -27.76 -27.96
CA ALA A 300 3.38 -28.87 -28.74
C ALA A 300 2.64 -29.06 -30.05
N GLU A 301 1.42 -28.54 -30.17
CA GLU A 301 0.63 -28.63 -31.39
C GLU A 301 0.32 -27.22 -31.89
N LYS A 302 0.32 -27.06 -33.21
CA LYS A 302 0.12 -25.75 -33.80
C LYS A 302 -1.31 -25.26 -33.57
N LYS A 303 -1.42 -23.94 -33.38
CA LYS A 303 -2.71 -23.28 -33.18
C LYS A 303 -3.03 -22.43 -34.41
N ASP A 304 -4.25 -22.54 -34.91
CA ASP A 304 -4.65 -21.80 -36.11
C ASP A 304 -6.01 -21.15 -35.94
N ALA A 305 -6.53 -20.56 -37.02
CA ALA A 305 -7.76 -19.78 -36.92
C ALA A 305 -8.96 -20.65 -36.53
N ALA A 306 -9.01 -21.88 -37.06
CA ALA A 306 -10.12 -22.77 -36.72
C ALA A 306 -10.15 -23.06 -35.22
N TYR A 307 -8.97 -23.25 -34.62
CA TYR A 307 -8.89 -23.48 -33.19
C TYR A 307 -9.49 -22.30 -32.41
N PHE A 308 -9.13 -21.07 -32.79
CA PHE A 308 -9.61 -19.91 -32.06
C PHE A 308 -11.11 -19.72 -32.25
N GLU A 309 -11.62 -19.91 -33.46
CA GLU A 309 -13.06 -19.74 -33.67
C GLU A 309 -13.85 -20.82 -32.95
N ALA A 310 -13.33 -22.06 -32.91
CA ALA A 310 -14.00 -23.10 -32.15
C ALA A 310 -13.99 -22.78 -30.66
N LYS A 311 -12.88 -22.24 -30.16
CA LYS A 311 -12.83 -21.84 -28.75
C LYS A 311 -13.83 -20.73 -28.46
N LYS A 312 -13.96 -19.76 -29.36
CA LYS A 312 -14.93 -18.69 -29.16
C LYS A 312 -16.35 -19.23 -29.13
N ARG A 313 -16.68 -20.13 -30.06
CA ARG A 313 -18.01 -20.74 -30.06
C ARG A 313 -18.26 -21.52 -28.78
N GLU A 314 -17.25 -22.26 -28.32
CA GLU A 314 -17.39 -23.00 -27.06
C GLU A 314 -17.61 -22.07 -25.89
N ALA A 315 -16.88 -20.95 -25.86
CA ALA A 315 -17.03 -19.99 -24.77
C ALA A 315 -18.43 -19.40 -24.75
N ASP A 316 -18.98 -19.06 -25.91
CA ASP A 316 -20.35 -18.54 -25.97
C ASP A 316 -21.35 -19.61 -25.54
N GLU A 317 -21.18 -20.83 -26.05
CA GLU A 317 -22.13 -21.90 -25.75
C GLU A 317 -22.10 -22.28 -24.27
N LEU A 318 -20.95 -22.12 -23.61
CA LEU A 318 -20.87 -22.42 -22.18
C LEU A 318 -21.85 -21.57 -21.38
N ALA A 319 -21.81 -20.25 -21.59
CA ALA A 319 -22.76 -19.38 -20.89
C ALA A 319 -24.18 -19.60 -21.37
N GLU A 320 -24.37 -19.82 -22.68
CA GLU A 320 -25.72 -20.01 -23.20
C GLU A 320 -26.38 -21.26 -22.64
N ALA A 321 -25.58 -22.28 -22.31
CA ALA A 321 -26.10 -23.50 -21.70
C ALA A 321 -26.19 -23.38 -20.19
N LEU A 322 -25.30 -22.63 -19.55
CA LEU A 322 -25.42 -22.40 -18.12
C LEU A 322 -26.70 -21.66 -17.78
N THR A 323 -27.07 -20.66 -18.60
CA THR A 323 -28.25 -19.84 -18.35
C THR A 323 -29.45 -20.32 -19.16
N ASP A 324 -29.58 -21.63 -19.38
CA ASP A 324 -30.68 -22.18 -20.16
C ASP A 324 -31.86 -22.63 -19.30
N GLY A 325 -31.78 -22.48 -17.99
CA GLY A 325 -32.82 -22.90 -17.08
C GLY A 325 -33.83 -21.84 -16.69
N ILE A 326 -33.75 -20.65 -17.28
CA ILE A 326 -34.68 -19.56 -16.94
C ILE A 326 -35.23 -18.96 -18.22
N ARG A 327 -35.04 -19.66 -19.34
CA ARG A 327 -35.49 -19.17 -20.63
C ARG A 327 -36.99 -18.93 -20.63
N THR A 328 -37.40 -17.76 -21.10
CA THR A 328 -38.80 -17.36 -21.15
C THR A 328 -39.07 -16.64 -22.46
N ARG A 329 -40.35 -16.31 -22.68
CA ARG A 329 -40.76 -15.56 -23.85
C ARG A 329 -41.90 -14.62 -23.45
N THR A 330 -41.68 -13.32 -23.61
CA THR A 330 -42.69 -12.34 -23.25
C THR A 330 -42.82 -11.27 -24.34
N ALA A 331 -43.56 -10.20 -24.05
CA ALA A 331 -43.77 -9.14 -25.04
C ALA A 331 -42.46 -8.46 -25.40
N SER A 332 -41.61 -8.19 -24.42
CA SER A 332 -40.35 -7.49 -24.64
C SER A 332 -39.19 -8.44 -24.41
N ALA A 333 -38.27 -8.50 -25.38
CA ALA A 333 -37.08 -9.34 -25.25
C ALA A 333 -36.16 -8.84 -24.13
N ALA A 334 -36.22 -7.55 -23.80
CA ALA A 334 -35.39 -7.02 -22.73
C ALA A 334 -35.70 -7.73 -21.41
N PHE A 335 -36.95 -8.10 -21.19
CA PHE A 335 -37.32 -8.76 -19.94
C PHE A 335 -36.61 -10.11 -19.80
N ASP A 336 -36.67 -10.94 -20.85
CA ASP A 336 -36.02 -12.24 -20.76
C ASP A 336 -34.50 -12.12 -20.77
N ALA A 337 -33.96 -11.14 -21.49
CA ALA A 337 -32.51 -10.91 -21.43
C ALA A 337 -32.08 -10.54 -20.01
N TYR A 338 -32.85 -9.67 -19.35
CA TYR A 338 -32.56 -9.30 -17.98
C TYR A 338 -32.69 -10.50 -17.05
N CYS A 339 -33.68 -11.36 -17.31
CA CYS A 339 -33.85 -12.57 -16.50
C CYS A 339 -32.62 -13.46 -16.61
N ARG A 340 -32.13 -13.67 -17.83
CA ARG A 340 -30.95 -14.51 -18.02
C ARG A 340 -29.72 -13.89 -17.37
N TYR A 341 -29.54 -12.58 -17.52
CA TYR A 341 -28.39 -11.92 -16.89
C TYR A 341 -28.47 -12.01 -15.37
N THR A 342 -29.67 -11.83 -14.81
CA THR A 342 -29.83 -11.93 -13.37
C THR A 342 -29.54 -13.34 -12.86
N TYR A 343 -30.01 -14.36 -13.60
CA TYR A 343 -29.71 -15.73 -13.20
C TYR A 343 -28.20 -16.00 -13.27
N MET A 344 -27.54 -15.49 -14.31
CA MET A 344 -26.10 -15.67 -14.42
C MET A 344 -25.37 -15.01 -13.26
N ASP A 345 -25.78 -13.80 -12.89
CA ASP A 345 -25.13 -13.11 -11.77
C ASP A 345 -25.37 -13.85 -10.46
N ASN A 346 -26.59 -14.35 -10.25
CA ASN A 346 -26.88 -15.10 -9.03
C ASN A 346 -26.03 -16.37 -8.97
N VAL A 347 -25.89 -17.07 -10.09
CA VAL A 347 -25.04 -18.26 -10.14
C VAL A 347 -23.60 -17.89 -9.86
N LEU A 348 -23.13 -16.78 -10.43
CA LEU A 348 -21.74 -16.38 -10.26
C LEU A 348 -21.44 -16.06 -8.80
N ARG A 349 -22.35 -15.38 -8.11
CA ARG A 349 -22.10 -15.03 -6.72
C ARG A 349 -22.34 -16.18 -5.75
N GLY A 350 -23.34 -17.01 -5.99
CA GLY A 350 -23.67 -18.08 -5.07
C GLY A 350 -22.98 -19.39 -5.36
N GLY A 351 -23.09 -19.87 -6.59
CA GLY A 351 -22.49 -21.13 -6.97
C GLY A 351 -23.48 -22.05 -7.68
N TYR A 352 -23.11 -22.54 -8.85
CA TYR A 352 -24.01 -23.39 -9.62
C TYR A 352 -23.99 -24.81 -9.06
N PRO A 353 -25.13 -25.35 -8.66
CA PRO A 353 -25.16 -26.74 -8.17
C PRO A 353 -24.89 -27.73 -9.28
N MET A 354 -24.21 -28.82 -8.93
CA MET A 354 -23.96 -29.90 -9.87
C MET A 354 -23.83 -31.20 -9.09
N GLN A 355 -24.04 -32.31 -9.79
CA GLN A 355 -24.00 -33.63 -9.18
C GLN A 355 -22.64 -34.25 -9.45
N LEU A 356 -21.83 -34.39 -8.42
CA LEU A 356 -20.48 -34.93 -8.52
C LEU A 356 -20.48 -36.37 -8.03
N GLY A 357 -19.86 -37.26 -8.81
CA GLY A 357 -19.86 -38.66 -8.44
C GLY A 357 -21.27 -39.23 -8.48
N ASN A 358 -21.66 -39.91 -7.41
CA ASN A 358 -22.99 -40.50 -7.32
C ASN A 358 -23.77 -40.08 -6.09
N ASN A 359 -23.13 -39.54 -5.06
CA ASN A 359 -23.84 -39.13 -3.85
C ASN A 359 -23.36 -37.79 -3.30
N LYS A 360 -22.52 -37.06 -4.03
CA LYS A 360 -21.98 -35.79 -3.57
C LYS A 360 -22.62 -34.64 -4.33
N ILE A 361 -22.78 -33.51 -3.64
CA ILE A 361 -23.31 -32.29 -4.23
C ILE A 361 -22.20 -31.24 -4.16
N PHE A 362 -21.89 -30.64 -5.31
CA PHE A 362 -20.78 -29.71 -5.43
C PHE A 362 -21.24 -28.43 -6.10
N TYR A 363 -20.64 -27.32 -5.70
CA TYR A 363 -20.95 -26.01 -6.25
C TYR A 363 -19.70 -25.45 -6.92
N VAL A 364 -19.86 -24.94 -8.14
CA VAL A 364 -18.75 -24.43 -8.93
C VAL A 364 -18.98 -22.95 -9.22
N TYR A 365 -17.93 -22.30 -9.71
CA TYR A 365 -17.90 -20.91 -10.17
C TYR A 365 -18.05 -19.90 -9.04
N SER A 366 -18.22 -20.34 -7.79
CA SER A 366 -18.31 -19.41 -6.67
C SER A 366 -16.97 -18.72 -6.46
N ARG A 367 -17.03 -17.46 -6.02
CA ARG A 367 -15.82 -16.67 -5.84
C ARG A 367 -16.08 -15.58 -4.81
N LYS A 368 -14.99 -15.06 -4.25
CA LYS A 368 -15.04 -13.83 -3.45
C LYS A 368 -15.03 -12.65 -4.42
N HIS A 369 -16.16 -11.99 -4.56
CA HIS A 369 -16.29 -10.96 -5.58
C HIS A 369 -15.50 -9.71 -5.22
N GLY A 370 -15.10 -8.97 -6.26
CA GLY A 370 -14.40 -7.72 -6.14
C GLY A 370 -14.24 -7.08 -7.49
N ASP A 371 -14.33 -5.75 -7.58
CA ASP A 371 -14.27 -5.08 -8.86
C ASP A 371 -13.66 -3.69 -8.68
N LEU A 372 -13.64 -2.93 -9.78
CA LEU A 372 -13.02 -1.62 -9.77
C LEU A 372 -13.70 -0.65 -8.82
N GLU A 373 -14.97 -0.90 -8.46
CA GLU A 373 -15.67 -0.06 -7.51
C GLU A 373 -15.72 -0.65 -6.10
N ARG A 374 -15.68 -1.98 -5.98
CA ARG A 374 -15.53 -2.62 -4.68
C ARG A 374 -14.05 -2.87 -4.38
N ASP A 375 -13.29 -1.78 -4.45
CA ASP A 375 -11.84 -1.87 -4.30
C ASP A 375 -11.40 -2.21 -2.88
N TYR A 376 -12.29 -2.07 -1.89
CA TYR A 376 -11.93 -2.41 -0.52
C TYR A 376 -11.87 -3.91 -0.29
N ASN A 377 -12.49 -4.72 -1.15
CA ASN A 377 -12.43 -6.15 -1.03
C ASN A 377 -11.13 -6.69 -1.62
N TYR A 378 -10.77 -7.91 -1.19
CA TYR A 378 -9.57 -8.60 -1.66
C TYR A 378 -10.04 -9.90 -2.32
N PHE A 379 -10.35 -9.83 -3.61
CA PHE A 379 -10.92 -10.97 -4.30
C PHE A 379 -9.88 -12.07 -4.48
N SER A 380 -10.36 -13.30 -4.60
CA SER A 380 -9.50 -14.46 -4.78
C SER A 380 -10.25 -15.53 -5.56
N MET A 381 -9.53 -16.23 -6.43
CA MET A 381 -10.08 -17.33 -7.22
C MET A 381 -9.11 -18.49 -7.22
N LEU A 382 -9.65 -19.70 -7.42
CA LEU A 382 -8.82 -20.90 -7.48
C LEU A 382 -8.49 -21.23 -8.92
N PRO A 383 -7.22 -21.17 -9.32
CA PRO A 383 -6.85 -21.47 -10.72
C PRO A 383 -6.61 -22.95 -10.98
N GLU A 384 -7.70 -23.72 -10.94
CA GLU A 384 -7.62 -25.15 -11.24
C GLU A 384 -8.99 -25.63 -11.67
N PHE A 385 -9.06 -26.90 -12.06
CA PHE A 385 -10.32 -27.50 -12.47
C PHE A 385 -11.32 -27.49 -11.32
N TYR A 386 -12.60 -27.43 -11.67
CA TYR A 386 -13.69 -27.36 -10.70
C TYR A 386 -13.50 -26.16 -9.78
N SER A 387 -13.49 -24.97 -10.39
CA SER A 387 -13.21 -23.75 -9.65
C SER A 387 -14.29 -23.48 -8.61
N GLN A 388 -13.86 -23.02 -7.43
CA GLN A 388 -14.76 -22.70 -6.35
C GLN A 388 -14.09 -21.71 -5.42
N GLY A 389 -14.88 -21.09 -4.56
CA GLY A 389 -14.35 -20.13 -3.59
C GLY A 389 -15.27 -20.01 -2.41
N ASN A 390 -14.75 -19.39 -1.36
CA ASN A 390 -15.48 -19.16 -0.13
C ASN A 390 -16.20 -17.83 -0.18
N GLY A 391 -16.98 -17.55 0.86
CA GLY A 391 -17.72 -16.31 0.93
C GLY A 391 -18.26 -16.07 2.31
N ASN A 392 -19.06 -15.01 2.43
CA ASN A 392 -19.69 -14.68 3.69
C ASN A 392 -20.91 -15.56 3.93
N PHE A 393 -21.50 -15.43 5.12
CA PHE A 393 -22.66 -16.25 5.46
C PHE A 393 -23.93 -15.70 4.84
N ARG A 394 -24.17 -14.39 4.99
CA ARG A 394 -25.42 -13.79 4.56
C ARG A 394 -25.60 -13.91 3.04
N ASP A 395 -24.54 -13.61 2.28
CA ASP A 395 -24.66 -13.60 0.83
C ASP A 395 -24.93 -15.00 0.28
N VAL A 396 -24.16 -15.99 0.72
CA VAL A 396 -24.35 -17.37 0.26
C VAL A 396 -25.70 -17.89 0.71
N ASN A 397 -26.11 -17.54 1.93
CA ASN A 397 -27.41 -18.00 2.44
C ASN A 397 -28.55 -17.44 1.61
N GLN A 398 -28.46 -16.15 1.23
CA GLN A 398 -29.54 -15.55 0.44
C GLN A 398 -29.54 -16.07 -0.99
N ASN A 399 -28.35 -16.25 -1.58
CA ASN A 399 -28.28 -16.63 -2.99
C ASN A 399 -28.83 -18.03 -3.24
N ARG A 400 -28.75 -18.92 -2.26
CA ARG A 400 -29.23 -20.29 -2.40
C ARG A 400 -30.65 -20.47 -1.87
N ARG A 401 -31.45 -19.40 -1.89
CA ARG A 401 -32.80 -19.50 -1.35
C ARG A 401 -33.69 -20.37 -2.23
N CYS A 402 -33.67 -20.13 -3.54
CA CYS A 402 -34.50 -20.89 -4.48
C CYS A 402 -33.70 -21.91 -5.26
N ASP A 403 -32.67 -22.50 -4.64
CA ASP A 403 -31.83 -23.46 -5.35
C ASP A 403 -32.54 -24.79 -5.55
N THR A 404 -33.44 -25.16 -4.63
CA THR A 404 -34.12 -26.45 -4.73
C THR A 404 -35.04 -26.49 -5.95
N PHE A 405 -35.70 -25.37 -6.26
CA PHE A 405 -36.65 -25.35 -7.37
C PHE A 405 -35.97 -25.66 -8.71
N PHE A 406 -34.80 -25.07 -8.94
CA PHE A 406 -34.10 -25.29 -10.20
C PHE A 406 -33.41 -26.65 -10.25
N ALA A 407 -32.90 -27.12 -9.11
CA ALA A 407 -32.20 -28.40 -9.03
C ALA A 407 -32.87 -29.26 -7.98
N PRO A 408 -33.84 -30.09 -8.38
CA PRO A 408 -34.55 -30.93 -7.40
C PRO A 408 -33.65 -31.91 -6.67
N PHE A 409 -32.57 -32.37 -7.31
CA PHE A 409 -31.72 -33.38 -6.70
C PHE A 409 -30.93 -32.86 -5.50
N VAL A 410 -30.92 -31.54 -5.27
CA VAL A 410 -30.20 -31.00 -4.12
C VAL A 410 -30.81 -31.51 -2.82
N GLY A 411 -32.13 -31.49 -2.72
CA GLY A 411 -32.77 -31.99 -1.51
C GLY A 411 -32.64 -31.01 -0.37
N ARG A 412 -32.20 -31.51 0.79
CA ARG A 412 -32.09 -30.73 2.01
C ARG A 412 -30.64 -30.45 2.39
N LYS A 413 -29.73 -30.42 1.41
CA LYS A 413 -28.34 -30.13 1.71
C LYS A 413 -28.17 -28.72 2.28
N ASN A 414 -28.85 -27.73 1.68
CA ASN A 414 -28.68 -26.35 2.13
C ASN A 414 -29.21 -26.17 3.54
N ILE A 415 -30.35 -26.77 3.86
CA ILE A 415 -30.95 -26.59 5.19
C ILE A 415 -30.01 -27.14 6.26
N GLN A 416 -29.50 -28.35 6.05
CA GLN A 416 -28.57 -28.94 7.01
C GLN A 416 -27.29 -28.13 7.10
N GLU A 417 -26.76 -27.69 5.96
CA GLU A 417 -25.51 -26.94 5.95
C GLU A 417 -25.64 -25.62 6.72
N PHE A 418 -26.74 -24.90 6.53
CA PHE A 418 -26.93 -23.60 7.16
C PHE A 418 -27.59 -23.67 8.52
N TYR A 419 -28.05 -24.85 8.96
CA TYR A 419 -28.49 -25.01 10.34
C TYR A 419 -27.46 -25.70 11.22
N SER A 420 -26.44 -26.33 10.63
CA SER A 420 -25.35 -26.87 11.42
C SER A 420 -24.31 -25.82 11.80
N LEU A 421 -24.43 -24.60 11.28
CA LEU A 421 -23.52 -23.50 11.60
C LEU A 421 -24.05 -22.62 12.72
N ILE A 422 -25.18 -22.98 13.32
CA ILE A 422 -25.75 -22.21 14.41
C ILE A 422 -25.20 -22.75 15.73
N GLN A 423 -24.54 -21.88 16.49
CA GLN A 423 -23.94 -22.28 17.75
C GLN A 423 -25.00 -22.40 18.84
N LEU A 424 -24.58 -22.83 20.02
CA LEU A 424 -25.52 -23.02 21.13
C LEU A 424 -26.00 -21.70 21.72
N ASP A 425 -25.29 -20.60 21.46
CA ASP A 425 -25.67 -19.29 21.99
C ASP A 425 -26.43 -18.45 20.97
N GLY A 426 -26.81 -19.02 19.83
CA GLY A 426 -27.62 -18.32 18.86
C GLY A 426 -26.86 -17.59 17.77
N TYR A 427 -25.56 -17.44 17.90
CA TYR A 427 -24.75 -16.77 16.90
C TYR A 427 -24.06 -17.78 15.98
N ASN A 428 -23.55 -17.29 14.86
CA ASN A 428 -22.97 -18.14 13.84
C ASN A 428 -21.68 -17.52 13.33
N PRO A 429 -20.74 -18.34 12.88
CA PRO A 429 -19.51 -17.81 12.29
C PRO A 429 -19.77 -17.10 10.98
N LEU A 430 -18.93 -16.11 10.69
CA LEU A 430 -19.11 -15.33 9.47
C LEU A 430 -18.70 -16.11 8.23
N GLY A 431 -17.58 -16.82 8.29
CA GLY A 431 -17.00 -17.43 7.10
C GLY A 431 -17.58 -18.80 6.80
N VAL A 432 -17.69 -19.09 5.50
CA VAL A 432 -18.11 -20.39 4.99
C VAL A 432 -17.07 -20.78 3.96
N GLU A 433 -16.10 -21.59 4.37
CA GLU A 433 -14.99 -21.94 3.49
C GLU A 433 -15.42 -22.98 2.46
N LYS A 434 -14.56 -23.16 1.45
CA LYS A 434 -14.86 -24.04 0.34
C LYS A 434 -14.84 -25.50 0.78
N LEU A 435 -15.50 -26.35 -0.01
CA LEU A 435 -15.60 -27.76 0.31
C LEU A 435 -14.26 -28.46 0.13
N THR A 436 -14.05 -29.52 0.92
CA THR A 436 -12.85 -30.33 0.84
C THR A 436 -13.20 -31.74 1.28
N TYR A 437 -12.37 -32.70 0.86
CA TYR A 437 -12.62 -34.11 1.13
C TYR A 437 -11.37 -34.77 1.66
N ARG A 438 -11.56 -35.82 2.46
CA ARG A 438 -10.47 -36.57 3.07
C ARG A 438 -10.78 -38.05 2.98
N LEU A 439 -9.75 -38.85 2.72
CA LEU A 439 -9.89 -40.30 2.59
C LEU A 439 -9.12 -40.99 3.71
N SER A 440 -9.67 -42.10 4.19
CA SER A 440 -9.09 -42.83 5.30
C SER A 440 -7.94 -43.71 4.80
N LYS A 441 -7.46 -44.61 5.65
CA LYS A 441 -6.31 -45.46 5.31
C LYS A 441 -6.75 -46.77 4.66
N GLU A 442 -7.60 -47.54 5.35
CA GLU A 442 -7.98 -48.85 4.84
C GLU A 442 -8.75 -48.75 3.53
N ARG A 443 -9.65 -47.78 3.42
CA ARG A 443 -10.39 -47.61 2.18
C ARG A 443 -9.46 -47.20 1.04
N ALA A 444 -8.50 -46.33 1.32
CA ALA A 444 -7.53 -45.92 0.30
C ALA A 444 -6.70 -47.11 -0.17
N LYS A 445 -6.25 -47.96 0.77
CA LYS A 445 -5.44 -49.11 0.37
C LYS A 445 -6.28 -50.16 -0.35
N LYS A 446 -7.58 -50.24 -0.04
CA LYS A 446 -8.43 -51.22 -0.70
C LYS A 446 -8.81 -50.78 -2.12
N LEU A 447 -9.07 -49.48 -2.31
CA LEU A 447 -9.48 -49.01 -3.63
C LEU A 447 -8.36 -49.12 -4.64
N LEU A 448 -7.12 -48.79 -4.24
CA LEU A 448 -5.99 -48.74 -5.15
C LEU A 448 -5.38 -50.14 -5.24
N THR A 449 -5.89 -50.93 -6.19
CA THR A 449 -5.38 -52.28 -6.43
C THR A 449 -5.08 -52.53 -7.91
N ASP A 450 -5.22 -51.52 -8.77
CA ASP A 450 -5.00 -51.66 -10.20
C ASP A 450 -4.04 -50.58 -10.69
N VAL A 451 -2.94 -50.41 -9.97
CA VAL A 451 -1.96 -49.36 -10.27
C VAL A 451 -0.59 -49.85 -9.81
N LYS A 452 0.45 -49.34 -10.47
CA LYS A 452 1.81 -49.69 -10.10
C LYS A 452 2.13 -49.18 -8.70
N GLU A 453 3.09 -49.85 -8.05
CA GLU A 453 3.41 -49.52 -6.66
C GLU A 453 3.96 -48.09 -6.54
N GLU A 454 4.81 -47.67 -7.48
CA GLU A 454 5.39 -46.34 -7.42
C GLU A 454 4.32 -45.26 -7.49
N GLN A 455 3.34 -45.43 -8.38
CA GLN A 455 2.22 -44.49 -8.45
C GLN A 455 1.30 -44.65 -7.25
N ARG A 456 1.12 -45.88 -6.77
CA ARG A 456 0.22 -46.14 -5.66
C ARG A 456 0.67 -45.43 -4.40
N SER A 457 1.98 -45.43 -4.12
CA SER A 457 2.48 -44.79 -2.91
C SER A 457 2.17 -43.31 -2.92
N ALA A 458 2.46 -42.63 -4.03
CA ALA A 458 2.18 -41.19 -4.12
C ALA A 458 0.68 -40.92 -4.06
N LEU A 459 -0.12 -41.75 -4.73
CA LEU A 459 -1.57 -41.51 -4.74
C LEU A 459 -2.16 -41.69 -3.35
N ILE A 460 -1.73 -42.72 -2.62
CA ILE A 460 -2.26 -42.95 -1.28
C ILE A 460 -1.70 -41.95 -0.28
N ASP A 461 -0.52 -41.38 -0.54
CA ASP A 461 -0.01 -40.32 0.32
C ASP A 461 -0.76 -39.01 0.08
N PHE A 462 -1.16 -38.73 -1.16
CA PHE A 462 -1.86 -37.49 -1.44
C PHE A 462 -3.34 -37.57 -1.05
N ALA A 463 -3.97 -38.72 -1.26
CA ALA A 463 -5.41 -38.83 -1.04
C ALA A 463 -5.77 -38.80 0.43
N THR A 464 -4.88 -39.25 1.31
CA THR A 464 -5.17 -39.25 2.74
C THR A 464 -5.36 -37.83 3.28
N LYS A 465 -4.50 -36.91 2.86
CA LYS A 465 -4.60 -35.54 3.32
C LYS A 465 -5.82 -34.87 2.70
N PRO A 466 -6.37 -33.84 3.35
CA PRO A 466 -7.50 -33.11 2.76
C PRO A 466 -7.13 -32.50 1.42
N PHE A 467 -8.09 -32.48 0.50
CA PHE A 467 -7.83 -32.04 -0.86
C PHE A 467 -9.12 -31.53 -1.49
N THR A 468 -8.96 -30.82 -2.60
CA THR A 468 -10.05 -30.34 -3.44
C THR A 468 -10.11 -31.15 -4.72
N PRO A 469 -11.28 -31.27 -5.36
CA PRO A 469 -11.38 -32.08 -6.58
C PRO A 469 -10.44 -31.65 -7.69
N GLY A 470 -10.22 -30.34 -7.84
CA GLY A 470 -9.29 -29.89 -8.86
C GLY A 470 -7.86 -30.32 -8.59
N ALA A 471 -7.43 -30.22 -7.32
CA ALA A 471 -6.10 -30.69 -6.95
C ALA A 471 -5.97 -32.19 -7.18
N LEU A 472 -7.03 -32.95 -6.86
CA LEU A 472 -6.99 -34.39 -7.10
C LEU A 472 -6.86 -34.70 -8.58
N CYS A 473 -7.60 -33.99 -9.43
CA CYS A 473 -7.50 -34.22 -10.87
C CYS A 473 -6.12 -33.85 -11.39
N ARG A 474 -5.56 -32.74 -10.90
CA ARG A 474 -4.21 -32.34 -11.33
C ARG A 474 -3.17 -33.37 -10.91
N LYS A 475 -3.27 -33.89 -9.68
CA LYS A 475 -2.35 -34.92 -9.23
C LYS A 475 -2.51 -36.20 -10.04
N PHE A 476 -3.76 -36.57 -10.35
CA PHE A 476 -4.01 -37.74 -11.19
C PHE A 476 -3.33 -37.59 -12.54
N GLY A 477 -3.48 -36.42 -13.16
CA GLY A 477 -2.83 -36.19 -14.44
C GLY A 477 -1.32 -36.24 -14.35
N GLU A 478 -0.75 -35.55 -13.35
CA GLU A 478 0.70 -35.52 -13.21
C GLU A 478 1.29 -36.87 -12.87
N VAL A 479 0.51 -37.76 -12.27
CA VAL A 479 1.00 -39.10 -11.96
C VAL A 479 0.85 -40.04 -13.14
N PHE A 480 -0.30 -40.02 -13.81
CA PHE A 480 -0.61 -41.00 -14.83
C PHE A 480 -0.22 -40.56 -16.24
N GLY A 481 0.30 -39.36 -16.42
CA GLY A 481 0.72 -38.93 -17.75
C GLY A 481 -0.45 -38.35 -18.56
N ASP A 482 -0.92 -39.11 -19.55
CA ASP A 482 -2.03 -38.66 -20.37
C ASP A 482 -3.01 -39.79 -20.73
N THR A 483 -2.83 -40.99 -20.19
CA THR A 483 -3.63 -42.15 -20.56
C THR A 483 -4.25 -42.80 -19.33
N TRP A 484 -4.87 -42.00 -18.47
CA TRP A 484 -5.54 -42.52 -17.30
C TRP A 484 -7.01 -42.81 -17.62
N ASP A 485 -7.78 -43.17 -16.59
CA ASP A 485 -9.20 -43.45 -16.72
C ASP A 485 -9.97 -42.72 -15.63
N GLU A 486 -11.18 -42.27 -15.97
CA GLU A 486 -11.98 -41.46 -15.06
C GLU A 486 -12.72 -42.29 -14.01
N THR A 487 -12.83 -43.61 -14.21
CA THR A 487 -13.54 -44.44 -13.24
C THR A 487 -12.84 -44.42 -11.89
N LEU A 488 -11.51 -44.43 -11.89
CA LEU A 488 -10.77 -44.38 -10.63
C LEU A 488 -11.04 -43.06 -9.90
N PHE A 489 -11.05 -41.95 -10.63
CA PHE A 489 -11.34 -40.65 -10.02
C PHE A 489 -12.76 -40.62 -9.47
N ILE A 490 -13.73 -41.17 -10.21
CA ILE A 490 -15.11 -41.18 -9.75
C ILE A 490 -15.23 -42.02 -8.47
N ARG A 491 -14.58 -43.18 -8.43
CA ARG A 491 -14.64 -44.02 -7.25
C ARG A 491 -13.99 -43.35 -6.06
N VAL A 492 -12.85 -42.69 -6.27
CA VAL A 492 -12.16 -42.01 -5.17
C VAL A 492 -13.03 -40.88 -4.62
N ILE A 493 -13.67 -40.12 -5.50
CA ILE A 493 -14.57 -39.05 -5.04
C ILE A 493 -15.75 -39.64 -4.29
N ASP A 494 -16.33 -40.72 -4.81
CA ASP A 494 -17.50 -41.32 -4.18
C ASP A 494 -17.18 -41.85 -2.79
N PHE A 495 -16.04 -42.53 -2.63
CA PHE A 495 -15.69 -43.11 -1.35
C PHE A 495 -15.02 -42.12 -0.41
N ALA A 496 -14.76 -40.90 -0.86
CA ALA A 496 -14.19 -39.89 0.02
C ALA A 496 -15.22 -39.44 1.06
N GLU A 497 -14.71 -38.89 2.16
CA GLU A 497 -15.55 -38.46 3.26
C GLU A 497 -15.63 -36.94 3.28
N GLU A 498 -16.84 -36.42 3.43
CA GLU A 498 -17.04 -34.98 3.52
C GLU A 498 -16.36 -34.42 4.76
N MET A 499 -15.71 -33.27 4.62
CA MET A 499 -15.00 -32.63 5.70
C MET A 499 -15.77 -31.38 6.13
N VAL A 500 -15.89 -31.19 7.45
CA VAL A 500 -16.65 -30.04 7.95
C VAL A 500 -15.96 -28.74 7.56
N ASN A 501 -16.75 -27.66 7.58
CA ASN A 501 -16.27 -26.36 7.15
C ASN A 501 -16.83 -25.29 8.07
N GLY A 502 -16.16 -24.13 8.08
CA GLY A 502 -16.58 -23.02 8.90
C GLY A 502 -15.45 -22.28 9.57
N SER A 503 -15.41 -20.96 9.38
CA SER A 503 -14.41 -20.10 9.99
C SER A 503 -15.09 -19.00 10.78
N PHE A 504 -14.54 -18.69 11.96
CA PHE A 504 -15.18 -17.73 12.86
C PHE A 504 -15.32 -16.35 12.21
N GLY A 505 -14.27 -15.89 11.55
CA GLY A 505 -14.31 -14.61 10.87
C GLY A 505 -13.87 -13.48 11.78
N GLU A 506 -14.70 -12.44 11.89
CA GLU A 506 -14.36 -11.23 12.63
C GLU A 506 -15.21 -11.04 13.87
N GLY A 507 -16.54 -11.02 13.74
CA GLY A 507 -17.39 -10.73 14.86
C GLY A 507 -18.77 -11.33 14.76
N TYR A 508 -19.67 -10.91 15.66
CA TYR A 508 -21.03 -11.44 15.71
C TYR A 508 -22.01 -10.35 15.29
N TRP A 509 -22.83 -10.66 14.29
CA TRP A 509 -23.92 -9.79 13.88
C TRP A 509 -25.20 -10.22 14.59
N SER A 510 -26.31 -9.57 14.24
CA SER A 510 -27.61 -9.88 14.85
C SER A 510 -28.70 -10.11 13.81
N ASP A 511 -28.32 -10.39 12.56
CA ASP A 511 -29.31 -10.62 11.52
C ASP A 511 -28.99 -11.81 10.62
N HIS A 512 -27.91 -12.55 10.87
CA HIS A 512 -27.56 -13.67 10.01
C HIS A 512 -28.44 -14.89 10.24
N TRP A 513 -29.16 -14.95 11.35
CA TRP A 513 -29.96 -16.12 11.71
C TRP A 513 -31.36 -16.10 11.11
N THR A 514 -31.77 -15.02 10.48
CA THR A 514 -33.15 -14.87 10.03
C THR A 514 -33.39 -15.37 8.62
N TYR A 515 -32.35 -15.80 7.91
CA TYR A 515 -32.48 -16.22 6.51
C TYR A 515 -32.53 -17.74 6.36
N ASN A 516 -33.17 -18.43 7.31
CA ASN A 516 -33.32 -19.88 7.24
C ASN A 516 -34.77 -20.33 7.10
N LEU A 517 -35.71 -19.57 7.66
CA LEU A 517 -37.12 -19.88 7.43
C LEU A 517 -37.47 -19.76 5.95
N ASP A 518 -36.81 -18.85 5.23
CA ASP A 518 -37.00 -18.77 3.80
C ASP A 518 -36.56 -20.05 3.11
N LEU A 519 -35.41 -20.60 3.52
CA LEU A 519 -34.97 -21.88 2.95
C LEU A 519 -35.96 -22.99 3.26
N ILE A 520 -36.46 -23.03 4.50
CA ILE A 520 -37.39 -24.08 4.88
C ILE A 520 -38.67 -23.99 4.07
N LEU A 521 -39.21 -22.78 3.93
CA LEU A 521 -40.45 -22.60 3.15
C LEU A 521 -40.23 -22.92 1.68
N ASP A 522 -39.08 -22.51 1.12
CA ASP A 522 -38.81 -22.81 -0.28
C ASP A 522 -38.70 -24.31 -0.51
N TYR A 523 -38.07 -25.03 0.42
CA TYR A 523 -38.02 -26.49 0.29
C TYR A 523 -39.41 -27.10 0.40
N LEU A 524 -40.23 -26.63 1.35
CA LEU A 524 -41.54 -27.21 1.56
C LEU A 524 -42.51 -26.88 0.42
N SER A 525 -42.24 -25.81 -0.33
CA SER A 525 -43.12 -25.48 -1.46
C SER A 525 -42.98 -26.47 -2.60
N VAL A 526 -41.97 -27.35 -2.57
CA VAL A 526 -41.74 -28.33 -3.62
C VAL A 526 -42.06 -29.74 -3.14
N PHE A 527 -41.79 -30.05 -1.88
CA PHE A 527 -42.02 -31.37 -1.30
C PHE A 527 -42.91 -31.22 -0.09
N PRO A 528 -44.22 -31.02 -0.29
CA PRO A 528 -45.12 -30.79 0.85
C PRO A 528 -45.32 -32.01 1.73
N GLU A 529 -45.02 -33.21 1.25
CA GLU A 529 -45.24 -34.42 2.03
C GLU A 529 -44.02 -34.87 2.82
N GLN A 530 -42.92 -34.14 2.73
CA GLN A 530 -41.69 -34.47 3.46
C GLN A 530 -41.52 -33.64 4.72
N GLU A 531 -42.56 -32.92 5.14
CA GLU A 531 -42.42 -31.99 6.25
C GLU A 531 -42.09 -32.71 7.56
N LYS A 532 -42.83 -33.78 7.87
CA LYS A 532 -42.60 -34.51 9.11
C LYS A 532 -41.22 -35.16 9.12
N GLU A 533 -40.81 -35.73 7.99
CA GLU A 533 -39.49 -36.35 7.90
C GLU A 533 -38.39 -35.31 8.08
N MET A 534 -38.56 -34.12 7.49
CA MET A 534 -37.58 -33.07 7.67
C MET A 534 -37.52 -32.61 9.12
N LEU A 535 -38.69 -32.47 9.76
CA LEU A 535 -38.72 -31.96 11.13
C LEU A 535 -38.14 -32.96 12.12
N TYR A 536 -38.36 -34.26 11.89
CA TYR A 536 -37.96 -35.30 12.84
C TYR A 536 -36.80 -36.14 12.31
N GLU A 537 -35.83 -35.50 11.67
CA GLU A 537 -34.62 -36.15 11.20
C GLU A 537 -33.45 -35.71 12.08
N GLU A 538 -32.73 -36.69 12.64
CA GLU A 538 -31.64 -36.41 13.57
C GLU A 538 -30.31 -36.54 12.83
N VAL A 539 -29.97 -35.48 12.09
CA VAL A 539 -28.68 -35.39 11.40
C VAL A 539 -27.92 -34.11 11.70
N TYR A 540 -28.59 -33.03 12.09
CA TYR A 540 -27.92 -31.75 12.24
C TYR A 540 -26.91 -31.77 13.38
N THR A 541 -25.78 -31.12 13.16
CA THR A 541 -24.74 -30.98 14.17
C THR A 541 -24.72 -29.53 14.68
N THR A 542 -23.77 -29.22 15.54
CA THR A 542 -23.65 -27.89 16.12
C THR A 542 -22.22 -27.40 15.98
N PHE A 543 -22.07 -26.20 15.44
CA PHE A 543 -20.74 -25.59 15.31
C PHE A 543 -20.21 -25.20 16.68
N LEU A 544 -18.89 -25.32 16.84
CA LEU A 544 -18.24 -25.04 18.11
C LEU A 544 -17.96 -23.54 18.24
N SER A 545 -18.44 -22.95 19.33
CA SER A 545 -18.26 -21.52 19.55
C SER A 545 -16.79 -21.19 19.78
N ARG A 546 -16.39 -20.02 19.27
CA ARG A 546 -15.02 -19.55 19.40
C ARG A 546 -14.88 -18.47 20.48
N ILE A 547 -15.76 -17.47 20.47
CA ILE A 547 -15.73 -16.39 21.44
C ILE A 547 -17.11 -16.28 22.09
N ASN A 548 -17.14 -16.24 23.42
CA ASN A 548 -18.37 -16.06 24.16
C ASN A 548 -18.56 -14.58 24.50
N VAL A 549 -19.80 -14.12 24.44
CA VAL A 549 -20.08 -12.71 24.69
C VAL A 549 -19.97 -12.42 26.18
N ASN A 550 -19.58 -11.19 26.51
CA ASN A 550 -19.42 -10.80 27.91
C ASN A 550 -20.77 -10.65 28.59
N ARG A 551 -20.75 -10.63 29.91
CA ARG A 551 -21.95 -10.37 30.68
C ARG A 551 -22.39 -8.92 30.51
N ARG A 552 -23.68 -8.68 30.73
CA ARG A 552 -24.23 -7.34 30.52
C ARG A 552 -23.59 -6.31 31.44
N PHE A 553 -23.30 -6.71 32.69
CA PHE A 553 -22.70 -5.77 33.63
C PHE A 553 -21.31 -5.35 33.17
N ARG A 554 -20.52 -6.28 32.65
CA ARG A 554 -19.18 -5.98 32.20
C ARG A 554 -19.13 -5.41 30.78
N ARG A 555 -20.28 -5.33 30.10
CA ARG A 555 -20.33 -4.79 28.75
C ARG A 555 -20.40 -3.27 28.71
N TYR A 556 -20.55 -2.62 29.86
CA TYR A 556 -20.78 -1.18 29.91
C TYR A 556 -19.52 -0.47 30.37
N VAL A 557 -19.11 0.54 29.61
CA VAL A 557 -17.94 1.35 29.91
C VAL A 557 -18.37 2.80 29.98
N GLU A 558 -17.98 3.49 31.04
CA GLU A 558 -18.35 4.89 31.25
C GLU A 558 -17.30 5.79 30.59
N THR A 559 -17.77 6.72 29.76
CA THR A 559 -16.92 7.69 29.09
C THR A 559 -17.35 9.10 29.47
N GLU A 560 -16.71 10.09 28.83
CA GLU A 560 -17.03 11.48 29.14
C GLU A 560 -18.39 11.89 28.61
N ASN A 561 -18.82 11.31 27.49
CA ASN A 561 -20.13 11.63 26.92
C ASN A 561 -21.28 10.93 27.63
N GLY A 562 -20.99 10.01 28.54
CA GLY A 562 -21.99 9.25 29.25
C GLY A 562 -21.64 7.78 29.25
N LEU A 563 -22.62 6.95 29.60
CA LEU A 563 -22.41 5.52 29.62
C LEU A 563 -22.58 4.94 28.21
N ARG A 564 -21.65 4.10 27.80
CA ARG A 564 -21.65 3.49 26.49
C ARG A 564 -21.53 1.98 26.62
N GLN A 565 -21.67 1.30 25.49
CA GLN A 565 -21.54 -0.16 25.42
C GLN A 565 -20.49 -0.46 24.36
N TYR A 566 -19.22 -0.45 24.77
CA TYR A 566 -18.11 -0.72 23.87
C TYR A 566 -17.58 -2.14 24.01
N ARG A 567 -17.29 -2.57 25.23
CA ARG A 567 -16.83 -3.94 25.45
C ARG A 567 -17.98 -4.90 25.25
N ALA A 568 -17.76 -5.93 24.43
CA ALA A 568 -18.79 -6.91 24.13
C ALA A 568 -18.32 -8.36 24.22
N LEU A 569 -17.02 -8.63 24.10
CA LEU A 569 -16.49 -9.98 24.15
C LEU A 569 -15.33 -10.02 25.12
N ASN A 570 -15.22 -11.13 25.86
CA ASN A 570 -14.11 -11.32 26.79
C ASN A 570 -12.99 -12.07 26.11
N GLU A 571 -11.79 -11.49 26.12
CA GLU A 571 -10.64 -12.10 25.48
C GLU A 571 -10.01 -13.21 26.32
N ALA A 572 -10.39 -13.34 27.59
CA ALA A 572 -9.81 -14.37 28.45
C ALA A 572 -10.30 -15.77 28.07
N SER A 573 -11.44 -15.88 27.40
CA SER A 573 -12.00 -17.17 26.99
C SER A 573 -11.87 -17.41 25.49
N ARG A 574 -10.82 -16.85 24.87
CA ARG A 574 -10.60 -17.05 23.44
C ARG A 574 -10.26 -18.50 23.16
N ARG A 575 -10.94 -19.07 22.16
CA ARG A 575 -10.70 -20.45 21.75
C ARG A 575 -9.68 -20.48 20.61
N ALA A 576 -9.24 -21.69 20.25
CA ALA A 576 -8.35 -21.89 19.12
C ALA A 576 -9.16 -22.24 17.89
N ASP A 577 -8.88 -21.58 16.77
CA ASP A 577 -9.64 -21.73 15.55
C ASP A 577 -9.15 -22.90 14.69
N LEU A 578 -8.42 -23.85 15.28
CA LEU A 578 -7.93 -25.01 14.55
C LEU A 578 -8.19 -26.34 15.23
N GLY A 579 -8.54 -26.36 16.51
CA GLY A 579 -8.71 -27.60 17.23
C GLY A 579 -9.88 -28.45 16.76
N GLU A 580 -11.09 -27.98 16.98
CA GLU A 580 -12.29 -28.71 16.60
C GLU A 580 -13.32 -27.75 16.05
N LYS A 581 -14.05 -28.21 15.02
CA LYS A 581 -15.12 -27.41 14.40
C LYS A 581 -16.51 -27.94 14.72
N LEU A 582 -16.62 -28.90 15.64
CA LEU A 582 -17.90 -29.48 16.02
C LEU A 582 -18.02 -29.49 17.53
N VAL A 583 -19.17 -29.95 18.02
CA VAL A 583 -19.45 -30.06 19.45
C VAL A 583 -19.67 -31.52 19.77
N ARG A 584 -18.91 -32.02 20.73
CA ARG A 584 -18.97 -33.42 21.14
C ARG A 584 -19.52 -33.55 22.55
N THR A 585 -20.13 -34.70 22.82
CA THR A 585 -20.66 -34.96 24.15
C THR A 585 -19.51 -35.26 25.12
N GLU A 586 -19.88 -35.59 26.36
CA GLU A 586 -18.91 -35.85 27.43
C GLU A 586 -17.97 -34.67 27.63
N TYR A 587 -18.51 -33.46 27.45
CA TYR A 587 -17.75 -32.22 27.62
C TYR A 587 -16.52 -32.19 26.71
N GLY A 588 -16.68 -32.66 25.48
CA GLY A 588 -15.63 -32.60 24.50
C GLY A 588 -14.75 -33.83 24.38
N SER A 589 -15.14 -34.95 24.98
CA SER A 589 -14.37 -36.17 24.90
C SER A 589 -15.17 -37.36 24.41
N GLY A 590 -16.36 -37.13 23.85
CA GLY A 590 -17.19 -38.21 23.36
C GLY A 590 -17.45 -38.15 21.88
N ASP A 591 -18.55 -38.75 21.43
CA ASP A 591 -18.90 -38.74 20.03
C ASP A 591 -19.54 -37.41 19.63
N VAL A 592 -19.81 -37.26 18.34
CA VAL A 592 -20.35 -36.01 17.82
C VAL A 592 -21.81 -35.90 18.21
N LEU A 593 -22.19 -34.74 18.74
CA LEU A 593 -23.57 -34.50 19.16
C LEU A 593 -24.46 -34.23 17.95
N THR A 594 -25.63 -34.86 17.94
CA THR A 594 -26.60 -34.69 16.88
C THR A 594 -27.92 -34.20 17.45
N MET A 595 -28.55 -33.25 16.78
CA MET A 595 -29.81 -32.68 17.19
C MET A 595 -30.75 -32.62 15.99
N THR A 596 -32.05 -32.76 16.28
CA THR A 596 -33.06 -32.69 15.23
C THR A 596 -33.35 -31.22 14.88
N LEU A 597 -34.04 -31.04 13.75
CA LEU A 597 -34.37 -29.69 13.30
C LEU A 597 -35.29 -28.98 14.28
N MET A 598 -36.24 -29.72 14.86
CA MET A 598 -37.15 -29.11 15.83
C MET A 598 -36.41 -28.58 17.04
N GLU A 599 -35.41 -29.33 17.50
CA GLU A 599 -34.59 -28.85 18.62
C GLU A 599 -33.86 -27.57 18.25
N LYS A 600 -33.33 -27.50 17.03
CA LYS A 600 -32.66 -26.28 16.59
C LYS A 600 -33.62 -25.10 16.55
N LEU A 601 -34.83 -25.31 16.04
CA LEU A 601 -35.81 -24.22 16.00
C LEU A 601 -36.20 -23.77 17.40
N ILE A 602 -36.40 -24.72 18.31
CA ILE A 602 -36.76 -24.36 19.69
C ILE A 602 -35.64 -23.58 20.34
N LEU A 603 -34.39 -24.04 20.15
CA LEU A 603 -33.25 -23.34 20.74
C LEU A 603 -33.11 -21.93 20.18
N LEU A 604 -33.27 -21.78 18.86
CA LEU A 604 -33.18 -20.45 18.27
C LEU A 604 -34.26 -19.54 18.78
N GLY A 605 -35.50 -20.03 18.88
CA GLY A 605 -36.58 -19.22 19.41
C GLY A 605 -36.32 -18.80 20.85
N ALA A 606 -35.89 -19.74 21.69
CA ALA A 606 -35.65 -19.42 23.10
C ALA A 606 -34.51 -18.42 23.25
N VAL A 607 -33.43 -18.59 22.48
CA VAL A 607 -32.28 -17.71 22.60
C VAL A 607 -32.62 -16.31 22.08
N LYS A 608 -33.35 -16.23 20.96
CA LYS A 608 -33.71 -14.92 20.43
C LYS A 608 -34.76 -14.23 21.30
N PHE A 609 -35.55 -15.00 22.03
CA PHE A 609 -36.34 -14.41 23.10
C PHE A 609 -35.43 -14.14 24.30
N ALA A 610 -35.96 -13.36 25.25
CA ALA A 610 -35.24 -12.98 26.46
C ALA A 610 -34.00 -12.12 26.16
N THR A 611 -33.89 -11.61 24.94
CA THR A 611 -32.86 -10.63 24.59
C THR A 611 -33.45 -9.27 24.28
N LEU A 612 -34.72 -9.05 24.61
CA LEU A 612 -35.37 -7.79 24.32
C LEU A 612 -34.80 -6.68 25.20
N ASP A 613 -34.96 -5.45 24.74
CA ASP A 613 -34.50 -4.30 25.51
C ASP A 613 -35.40 -4.09 26.73
N ALA A 614 -35.12 -3.02 27.47
CA ALA A 614 -35.86 -2.77 28.71
C ALA A 614 -37.35 -2.58 28.45
N TYR A 615 -37.70 -1.81 27.41
CA TYR A 615 -39.10 -1.59 27.10
C TYR A 615 -39.76 -2.80 26.46
N GLY A 616 -39.00 -3.83 26.10
CA GLY A 616 -39.57 -5.03 25.50
C GLY A 616 -40.16 -4.82 24.13
N MET A 617 -39.51 -4.00 23.30
CA MET A 617 -39.98 -3.74 21.94
C MET A 617 -39.00 -4.30 20.90
N GLY A 618 -37.74 -3.90 20.96
CA GLY A 618 -36.73 -4.38 20.03
C GLY A 618 -35.91 -5.51 20.61
N ILE A 619 -34.84 -5.84 19.88
CA ILE A 619 -33.89 -6.87 20.29
C ILE A 619 -32.50 -6.25 20.32
N GLU A 620 -31.82 -6.40 21.46
CA GLU A 620 -30.52 -5.76 21.62
C GLU A 620 -29.49 -6.34 20.65
N MET A 621 -28.70 -5.46 20.06
CA MET A 621 -27.58 -5.87 19.20
C MET A 621 -26.31 -5.91 20.03
N GLU A 622 -26.24 -6.93 20.88
CA GLU A 622 -25.15 -7.08 21.83
C GLU A 622 -23.91 -7.75 21.24
N GLY A 623 -23.96 -8.12 19.96
CA GLY A 623 -22.81 -8.75 19.33
C GLY A 623 -21.74 -7.80 18.84
N GLY A 624 -21.93 -6.49 19.03
CA GLY A 624 -20.97 -5.51 18.57
C GLY A 624 -21.09 -5.11 17.12
N LYS A 625 -22.07 -5.64 16.40
CA LYS A 625 -22.29 -5.31 15.00
C LYS A 625 -23.75 -4.96 14.77
N PRO A 626 -24.03 -4.10 13.80
CA PRO A 626 -25.42 -3.75 13.48
C PRO A 626 -26.12 -4.88 12.75
N GLY A 627 -27.33 -4.61 12.29
CA GLY A 627 -28.10 -5.59 11.56
C GLY A 627 -27.79 -5.59 10.08
N TRP A 628 -28.84 -5.55 9.25
CA TRP A 628 -28.63 -5.52 7.81
C TRP A 628 -27.91 -4.25 7.37
N TYR A 629 -28.27 -3.12 7.96
CA TYR A 629 -27.68 -1.83 7.60
C TYR A 629 -26.28 -1.75 8.17
N ASP A 630 -25.28 -2.03 7.34
CA ASP A 630 -23.89 -2.05 7.79
C ASP A 630 -23.29 -0.67 7.93
N ALA A 631 -23.91 0.36 7.36
CA ALA A 631 -23.35 1.70 7.44
C ALA A 631 -23.40 2.25 8.86
N LEU A 632 -24.46 1.93 9.61
CA LEU A 632 -24.60 2.38 10.99
C LEU A 632 -23.87 1.42 11.92
N ASN A 633 -22.54 1.51 11.87
CA ASN A 633 -21.67 0.62 12.64
C ASN A 633 -21.39 1.13 14.04
N GLY A 634 -22.06 2.19 14.47
CA GLY A 634 -21.88 2.72 15.81
C GLY A 634 -23.12 2.58 16.66
N MET A 635 -24.20 2.10 16.06
CA MET A 635 -25.45 1.90 16.80
C MET A 635 -25.31 0.93 17.97
N PRO A 636 -24.62 -0.21 17.86
CA PRO A 636 -24.54 -1.11 19.02
C PRO A 636 -23.90 -0.47 20.24
N GLY A 637 -23.06 0.56 20.05
CA GLY A 637 -22.47 1.25 21.17
C GLY A 637 -23.42 2.17 21.91
N LEU A 638 -24.63 2.39 21.38
CA LEU A 638 -25.61 3.28 21.97
C LEU A 638 -26.86 2.51 22.43
N PHE A 639 -26.66 1.28 22.91
CA PHE A 639 -27.75 0.43 23.40
C PHE A 639 -28.81 0.23 22.32
N GLY A 640 -28.37 0.03 21.08
CA GLY A 640 -29.29 -0.06 19.97
C GLY A 640 -30.15 -1.32 20.00
N SER A 641 -31.27 -1.25 19.30
CA SER A 641 -32.18 -2.38 19.14
C SER A 641 -32.90 -2.24 17.81
N SER A 642 -33.41 -3.36 17.32
CA SER A 642 -34.06 -3.41 16.02
C SER A 642 -35.41 -4.11 16.12
N MET A 643 -36.39 -3.57 15.40
CA MET A 643 -37.72 -4.16 15.34
C MET A 643 -37.85 -5.23 14.25
N ALA A 644 -36.98 -5.20 13.25
CA ALA A 644 -37.00 -6.23 12.22
C ALA A 644 -36.76 -7.61 12.81
N GLU A 645 -35.81 -7.70 13.74
CA GLU A 645 -35.58 -8.97 14.42
C GLU A 645 -36.79 -9.40 15.22
N THR A 646 -37.51 -8.43 15.81
CA THR A 646 -38.72 -8.77 16.55
C THR A 646 -39.78 -9.34 15.62
N TYR A 647 -39.97 -8.73 14.45
CA TYR A 647 -40.95 -9.25 13.49
C TYR A 647 -40.56 -10.65 13.03
N GLU A 648 -39.28 -10.85 12.73
CA GLU A 648 -38.82 -12.16 12.28
C GLU A 648 -38.99 -13.21 13.37
N LEU A 649 -38.71 -12.83 14.63
CA LEU A 649 -38.91 -13.75 15.75
C LEU A 649 -40.37 -14.11 15.90
N ALA A 650 -41.26 -13.13 15.75
CA ALA A 650 -42.70 -13.43 15.82
C ALA A 650 -43.11 -14.40 14.73
N ARG A 651 -42.64 -14.18 13.50
CA ARG A 651 -42.98 -15.09 12.40
C ARG A 651 -42.45 -16.49 12.66
N MET A 652 -41.21 -16.59 13.13
CA MET A 652 -40.62 -17.91 13.39
C MET A 652 -41.35 -18.63 14.52
N LEU A 653 -41.73 -17.90 15.58
CA LEU A 653 -42.47 -18.53 16.67
C LEU A 653 -43.84 -19.00 16.20
N SER A 654 -44.52 -18.21 15.36
CA SER A 654 -45.80 -18.64 14.82
C SER A 654 -45.65 -19.90 13.99
N TYR A 655 -44.62 -19.96 13.15
CA TYR A 655 -44.38 -21.16 12.35
C TYR A 655 -44.09 -22.36 13.24
N THR A 656 -43.30 -22.17 14.29
CA THR A 656 -42.98 -23.27 15.21
C THR A 656 -44.24 -23.75 15.93
N ILE A 657 -45.11 -22.82 16.34
CA ILE A 657 -46.35 -23.22 16.99
C ILE A 657 -47.22 -24.03 16.03
N GLU A 658 -47.32 -23.59 14.78
CA GLU A 658 -48.10 -24.34 13.81
C GLU A 658 -47.52 -25.74 13.60
N ALA A 659 -46.20 -25.83 13.49
CA ALA A 659 -45.57 -27.14 13.29
C ALA A 659 -45.81 -28.05 14.48
N LEU A 660 -45.69 -27.53 15.70
CA LEU A 660 -45.92 -28.34 16.89
C LEU A 660 -47.37 -28.81 16.95
N LYS A 661 -48.31 -27.93 16.66
CA LYS A 661 -49.72 -28.31 16.72
C LYS A 661 -50.13 -29.23 15.57
N GLN A 662 -49.36 -29.25 14.49
CA GLN A 662 -49.72 -30.08 13.35
C GLN A 662 -49.43 -31.56 13.61
N TYR A 663 -48.19 -31.88 13.97
CA TYR A 663 -47.78 -33.27 14.15
C TYR A 663 -47.49 -33.55 15.63
N PRO A 664 -48.39 -34.21 16.35
CA PRO A 664 -48.12 -34.55 17.75
C PRO A 664 -47.07 -35.65 17.85
N GLY A 665 -46.42 -35.68 19.01
CA GLY A 665 -45.40 -36.69 19.25
C GLY A 665 -44.56 -36.33 20.47
N GLU A 666 -43.38 -36.92 20.54
CA GLU A 666 -42.42 -36.68 21.60
C GLU A 666 -41.21 -35.97 21.05
N VAL A 667 -40.80 -34.88 21.70
CA VAL A 667 -39.65 -34.08 21.29
C VAL A 667 -38.62 -34.11 22.41
N ALA A 668 -37.38 -34.40 22.06
CA ALA A 668 -36.29 -34.51 23.04
C ALA A 668 -35.38 -33.31 22.94
N LEU A 669 -35.01 -32.75 24.10
CA LEU A 669 -34.15 -31.59 24.18
C LEU A 669 -33.08 -31.83 25.23
N ILE A 670 -31.95 -31.13 25.09
CA ILE A 670 -30.87 -31.27 26.06
C ILE A 670 -31.30 -30.69 27.41
N GLU A 671 -30.56 -31.06 28.45
CA GLU A 671 -30.93 -30.68 29.81
C GLU A 671 -30.93 -29.16 29.98
N GLU A 672 -29.88 -28.50 29.49
CA GLU A 672 -29.75 -27.05 29.68
C GLU A 672 -30.88 -26.31 28.97
N LEU A 673 -31.22 -26.74 27.75
CA LEU A 673 -32.31 -26.10 27.03
C LEU A 673 -33.63 -26.28 27.74
N GLY A 674 -33.88 -27.48 28.29
CA GLY A 674 -35.10 -27.70 29.05
C GLY A 674 -35.19 -26.84 30.30
N CYS A 675 -34.08 -26.72 31.03
CA CYS A 675 -34.06 -25.85 32.20
C CYS A 675 -34.31 -24.40 31.81
N PHE A 676 -33.68 -23.94 30.72
CA PHE A 676 -33.89 -22.58 30.24
C PHE A 676 -35.35 -22.35 29.87
N LEU A 677 -35.96 -23.31 29.17
CA LEU A 677 -37.37 -23.18 28.79
C LEU A 677 -38.26 -23.11 30.01
N ASP A 678 -38.01 -23.97 31.01
CA ASP A 678 -38.83 -23.94 32.22
C ASP A 678 -38.69 -22.61 32.95
N GLU A 679 -37.47 -22.10 33.07
CA GLU A 679 -37.27 -20.82 33.75
C GLU A 679 -37.95 -19.68 33.00
N LEU A 680 -37.84 -19.67 31.67
CA LEU A 680 -38.50 -18.63 30.89
C LEU A 680 -40.02 -18.71 31.02
N ASN A 681 -40.55 -19.93 31.02
CA ASN A 681 -41.99 -20.09 31.20
C ASN A 681 -42.43 -19.57 32.56
N LEU A 682 -41.66 -19.86 33.62
CA LEU A 682 -41.99 -19.34 34.94
C LEU A 682 -41.94 -17.82 34.96
N ILE A 683 -40.92 -17.22 34.34
CA ILE A 683 -40.80 -15.77 34.33
C ILE A 683 -41.99 -15.14 33.60
N THR A 684 -42.35 -15.70 32.44
CA THR A 684 -43.48 -15.17 31.69
C THR A 684 -44.77 -15.30 32.48
N ARG A 685 -45.00 -16.46 33.09
CA ARG A 685 -46.21 -16.65 33.88
C ARG A 685 -46.26 -15.69 35.05
N LEU A 686 -45.11 -15.35 35.62
CA LEU A 686 -45.08 -14.44 36.76
C LEU A 686 -45.36 -13.01 36.32
N GLU A 687 -44.74 -12.54 35.24
CA GLU A 687 -44.74 -11.12 34.91
C GLU A 687 -45.61 -10.77 33.72
N HIS A 688 -46.47 -11.68 33.24
CA HIS A 688 -47.38 -11.32 32.15
C HIS A 688 -48.30 -10.18 32.55
N ASP A 689 -48.83 -10.21 33.76
CA ASP A 689 -49.72 -9.14 34.20
C ASP A 689 -49.01 -7.80 34.24
N ASN A 690 -47.77 -7.78 34.75
CA ASN A 690 -47.02 -6.53 34.82
C ASN A 690 -46.62 -6.02 33.45
N ILE A 691 -46.41 -6.92 32.49
CA ILE A 691 -46.00 -6.50 31.15
C ILE A 691 -47.12 -5.69 30.48
N MET A 692 -48.36 -6.10 30.68
CA MET A 692 -49.48 -5.50 29.94
C MET A 692 -49.62 -4.01 30.25
N ARG A 693 -49.54 -3.64 31.53
CA ARG A 693 -49.74 -2.25 31.96
C ARG A 693 -48.45 -1.74 32.59
N ASP A 694 -47.53 -1.26 31.75
CA ASP A 694 -46.28 -0.67 32.19
C ASP A 694 -45.57 -0.07 30.98
N GLU A 695 -44.84 1.01 31.22
CA GLU A 695 -44.08 1.66 30.15
C GLU A 695 -42.65 1.14 30.09
N GLU A 696 -41.91 1.29 31.19
CA GLU A 696 -40.52 0.85 31.27
C GLU A 696 -40.46 -0.37 32.18
N LEU A 697 -39.92 -1.48 31.65
CA LEU A 697 -39.81 -2.74 32.37
C LEU A 697 -38.34 -2.99 32.71
N LEU A 698 -38.07 -3.29 33.97
CA LEU A 698 -36.71 -3.57 34.40
C LEU A 698 -36.56 -4.92 35.08
N SER A 699 -37.52 -5.32 35.91
CA SER A 699 -37.43 -6.61 36.58
C SER A 699 -37.48 -7.76 35.57
N PHE A 700 -38.37 -7.67 34.58
CA PHE A 700 -38.45 -8.70 33.55
C PHE A 700 -37.14 -8.79 32.78
N TRP A 701 -36.57 -7.65 32.41
CA TRP A 701 -35.30 -7.63 31.70
C TRP A 701 -34.19 -8.26 32.53
N ASN A 702 -34.14 -7.92 33.84
CA ASN A 702 -33.11 -8.49 34.70
C ASN A 702 -33.27 -10.01 34.81
N ARG A 703 -34.49 -10.49 35.00
CA ARG A 703 -34.70 -11.93 35.14
C ARG A 703 -34.31 -12.68 33.88
N ILE A 704 -34.76 -12.18 32.72
CA ILE A 704 -34.46 -12.90 31.47
C ILE A 704 -32.97 -12.85 31.17
N ASN A 705 -32.31 -11.71 31.45
CA ASN A 705 -30.87 -11.64 31.20
C ASN A 705 -30.11 -12.56 32.15
N ASP A 706 -30.54 -12.67 33.41
CA ASP A 706 -29.88 -13.58 34.33
C ASP A 706 -30.02 -15.02 33.85
N ALA A 707 -31.22 -15.42 33.43
CA ALA A 707 -31.41 -16.78 32.94
C ALA A 707 -30.57 -17.04 31.70
N LYS A 708 -30.55 -16.09 30.76
CA LYS A 708 -29.77 -16.26 29.54
C LYS A 708 -28.28 -16.36 29.84
N GLU A 709 -27.79 -15.51 30.75
CA GLU A 709 -26.38 -15.57 31.12
C GLU A 709 -26.02 -16.90 31.77
N ILE A 710 -26.88 -17.40 32.66
CA ILE A 710 -26.62 -18.68 33.30
C ILE A 710 -26.54 -19.79 32.26
N TYR A 711 -27.51 -19.82 31.35
CA TYR A 711 -27.51 -20.85 30.31
C TYR A 711 -26.28 -20.75 29.42
N ARG A 712 -25.95 -19.53 29.00
CA ARG A 712 -24.83 -19.34 28.08
C ARG A 712 -23.51 -19.74 28.72
N ASP A 713 -23.29 -19.36 29.99
CA ASP A 713 -22.04 -19.71 30.65
C ASP A 713 -21.98 -21.20 30.95
N LYS A 714 -23.12 -21.82 31.27
CA LYS A 714 -23.12 -23.25 31.54
C LYS A 714 -22.81 -24.04 30.27
N THR A 715 -23.39 -23.65 29.14
CA THR A 715 -23.26 -24.44 27.93
C THR A 715 -21.98 -24.16 27.14
N TYR A 716 -21.26 -23.08 27.47
CA TYR A 716 -20.10 -22.73 26.66
C TYR A 716 -18.94 -23.70 26.87
N GLN A 717 -18.63 -24.02 28.14
CA GLN A 717 -17.48 -24.85 28.43
C GLN A 717 -17.67 -26.32 28.07
N GLY A 718 -18.89 -26.74 27.80
CA GLY A 718 -19.17 -28.12 27.44
C GLY A 718 -20.58 -28.49 27.88
N VAL A 719 -21.15 -29.46 27.16
CA VAL A 719 -22.50 -29.92 27.41
C VAL A 719 -22.50 -31.44 27.45
N SER A 720 -23.14 -32.01 28.47
CA SER A 720 -23.27 -33.46 28.58
C SER A 720 -24.30 -33.98 27.59
N GLY A 721 -24.19 -35.26 27.29
CA GLY A 721 -25.08 -35.90 26.33
C GLY A 721 -26.44 -36.30 26.87
N LYS A 722 -26.69 -36.08 28.16
CA LYS A 722 -27.99 -36.42 28.73
C LYS A 722 -29.09 -35.60 28.08
N LYS A 723 -30.21 -36.25 27.78
CA LYS A 723 -31.31 -35.62 27.06
C LYS A 723 -32.61 -35.82 27.84
N MET A 724 -33.41 -34.76 27.91
CA MET A 724 -34.67 -34.76 28.64
C MET A 724 -35.83 -34.84 27.66
N VAL A 725 -36.75 -35.76 27.93
CA VAL A 725 -37.91 -35.96 27.06
C VAL A 725 -38.97 -34.92 27.39
N TYR A 726 -39.76 -34.56 26.38
CA TYR A 726 -40.82 -33.57 26.52
C TYR A 726 -42.05 -34.05 25.76
N HIS A 727 -43.05 -33.19 25.69
CA HIS A 727 -44.23 -33.42 24.85
C HIS A 727 -44.44 -32.22 23.94
N THR A 728 -45.56 -32.18 23.23
CA THR A 728 -45.85 -31.07 22.34
C THR A 728 -46.72 -30.00 22.97
N GLU A 729 -47.56 -30.35 23.95
CA GLU A 729 -48.50 -29.39 24.51
C GLU A 729 -47.80 -28.35 25.37
N GLN A 730 -46.84 -28.77 26.20
CA GLN A 730 -46.11 -27.81 27.04
C GLN A 730 -45.31 -26.85 26.18
N LEU A 731 -44.62 -27.37 25.15
CA LEU A 731 -43.88 -26.50 24.24
C LEU A 731 -44.82 -25.55 23.51
N ALA A 732 -45.98 -26.05 23.08
CA ALA A 732 -46.94 -25.19 22.41
C ALA A 732 -47.41 -24.06 23.32
N ALA A 733 -47.69 -24.38 24.58
CA ALA A 733 -48.13 -23.35 25.52
C ALA A 733 -47.05 -22.31 25.77
N ILE A 734 -45.80 -22.77 25.96
CA ILE A 734 -44.70 -21.84 26.21
C ILE A 734 -44.49 -20.93 25.00
N LEU A 735 -44.51 -21.50 23.79
CA LEU A 735 -44.35 -20.69 22.59
C LEU A 735 -45.52 -19.74 22.38
N GLU A 736 -46.74 -20.15 22.73
CA GLU A 736 -47.88 -19.25 22.65
C GLU A 736 -47.71 -18.07 23.59
N GLY A 737 -47.23 -18.32 24.82
CA GLY A 737 -46.95 -17.23 25.73
C GLY A 737 -45.89 -16.27 25.19
N PHE A 738 -44.82 -16.83 24.62
CA PHE A 738 -43.78 -15.98 24.02
C PHE A 738 -44.34 -15.16 22.87
N LEU A 739 -45.17 -15.78 22.02
CA LEU A 739 -45.77 -15.06 20.91
C LEU A 739 -46.68 -13.94 21.40
N GLU A 740 -47.45 -14.19 22.46
CA GLU A 740 -48.30 -13.15 23.02
C GLU A 740 -47.47 -11.98 23.54
N ILE A 741 -46.37 -12.28 24.23
CA ILE A 741 -45.51 -11.21 24.73
C ILE A 741 -44.93 -10.40 23.57
N VAL A 742 -44.47 -11.09 22.53
CA VAL A 742 -43.90 -10.39 21.38
C VAL A 742 -44.94 -9.53 20.69
N THR A 743 -46.16 -10.04 20.55
CA THR A 743 -47.23 -9.27 19.93
C THR A 743 -47.56 -8.02 20.74
N CYS A 744 -47.60 -8.16 22.07
CA CYS A 744 -47.85 -6.98 22.91
C CYS A 744 -46.74 -5.96 22.76
N GLY A 745 -45.49 -6.42 22.70
CA GLY A 745 -44.38 -5.49 22.49
C GLY A 745 -44.46 -4.77 21.15
N ILE A 746 -44.83 -5.52 20.10
CA ILE A 746 -44.98 -4.91 18.78
C ILE A 746 -46.10 -3.87 18.79
N LYS A 747 -47.21 -4.18 19.46
CA LYS A 747 -48.29 -3.22 19.55
C LYS A 747 -47.86 -1.96 20.29
N LYS A 748 -47.11 -2.12 21.38
CA LYS A 748 -46.59 -0.96 22.11
C LYS A 748 -45.68 -0.12 21.22
N ALA A 749 -44.80 -0.78 20.47
CA ALA A 749 -43.89 -0.05 19.58
C ALA A 749 -44.66 0.71 18.50
N ARG A 750 -45.69 0.08 17.94
CA ARG A 750 -46.51 0.76 16.94
C ARG A 750 -47.23 1.97 17.54
N ARG A 751 -47.74 1.82 18.77
CA ARG A 751 -48.39 2.95 19.43
C ARG A 751 -47.41 4.09 19.66
N ILE A 752 -46.20 3.78 20.10
CA ILE A 752 -45.23 4.83 20.44
C ILE A 752 -44.74 5.53 19.18
N SER A 753 -44.40 4.76 18.15
CA SER A 753 -43.73 5.30 16.96
C SER A 753 -44.59 6.31 16.21
N GLY A 754 -45.70 5.86 15.65
CA GLY A 754 -46.54 6.73 14.85
C GLY A 754 -47.24 5.96 13.76
N GLU A 755 -47.47 6.64 12.64
CA GLU A 755 -48.23 6.06 11.53
C GLU A 755 -47.47 4.96 10.80
N ILE A 756 -46.14 4.93 10.91
CA ILE A 756 -45.32 3.94 10.23
C ILE A 756 -44.57 3.15 11.28
N CYS A 757 -44.52 1.83 11.10
CA CYS A 757 -43.85 0.97 12.06
C CYS A 757 -42.36 1.33 12.13
N PRO A 758 -41.78 1.36 13.32
CA PRO A 758 -40.38 1.77 13.46
C PRO A 758 -39.44 0.64 13.05
N THR A 759 -38.16 0.99 12.98
CA THR A 759 -37.13 0.03 12.60
C THR A 759 -36.01 -0.08 13.62
N TYR A 760 -35.61 1.02 14.23
CA TYR A 760 -34.51 1.01 15.19
C TYR A 760 -34.87 1.87 16.40
N PHE A 761 -34.22 1.56 17.52
CA PHE A 761 -34.34 2.34 18.74
C PHE A 761 -32.95 2.56 19.33
N THR A 762 -32.81 3.64 20.08
CA THR A 762 -31.53 4.00 20.70
C THR A 762 -31.83 4.55 22.09
N TYR A 763 -31.37 3.83 23.12
CA TYR A 763 -31.61 4.21 24.50
C TYR A 763 -30.42 4.96 25.08
N GLU A 764 -30.69 5.70 26.16
CA GLU A 764 -29.67 6.43 26.90
C GLU A 764 -29.98 6.33 28.38
N VAL A 765 -29.05 5.75 29.14
CA VAL A 765 -29.23 5.57 30.58
C VAL A 765 -28.68 6.81 31.28
N PRO A 766 -29.52 7.58 31.97
CA PRO A 766 -29.02 8.79 32.63
C PRO A 766 -28.32 8.52 33.95
N GLU A 767 -28.81 7.54 34.71
CA GLU A 767 -28.30 7.25 36.04
C GLU A 767 -27.92 5.78 36.15
N TYR A 768 -26.73 5.52 36.69
CA TYR A 768 -26.22 4.16 36.82
C TYR A 768 -25.55 4.01 38.18
N GLU A 769 -25.41 2.75 38.61
CA GLU A 769 -24.83 2.41 39.90
C GLU A 769 -23.60 1.55 39.67
N LYS A 770 -22.48 1.93 40.29
CA LYS A 770 -21.26 1.15 40.20
C LYS A 770 -21.28 0.03 41.23
N LEU A 771 -20.89 -1.17 40.80
CA LEU A 771 -20.90 -2.34 41.65
C LEU A 771 -19.53 -2.56 42.31
N LYS A 772 -19.53 -3.41 43.34
CA LYS A 772 -18.29 -3.68 44.06
C LYS A 772 -17.31 -4.48 43.22
N ASP A 773 -17.80 -5.42 42.41
CA ASP A 773 -16.94 -6.25 41.60
C ASP A 773 -16.34 -5.52 40.41
N GLY A 774 -16.84 -4.34 40.08
CA GLY A 774 -16.36 -3.56 38.94
C GLY A 774 -17.35 -3.39 37.82
N GLY A 775 -18.49 -4.09 37.87
CA GLY A 775 -19.50 -3.94 36.85
C GLY A 775 -20.34 -2.69 37.03
N ILE A 776 -21.16 -2.40 36.02
CA ILE A 776 -22.04 -1.25 36.01
C ILE A 776 -23.47 -1.75 35.88
N ARG A 777 -24.34 -1.28 36.78
CA ARG A 777 -25.75 -1.71 36.78
C ARG A 777 -26.63 -0.53 36.40
N PRO A 778 -27.29 -0.56 35.24
CA PRO A 778 -28.19 0.54 34.87
C PRO A 778 -29.40 0.60 35.77
N LEU A 779 -29.98 1.81 35.87
CA LEU A 779 -31.17 2.05 36.67
C LEU A 779 -32.40 2.38 35.85
N LYS A 780 -32.25 3.09 34.74
CA LYS A 780 -33.40 3.40 33.87
C LYS A 780 -32.90 3.68 32.47
N PHE A 781 -33.81 3.58 31.51
CA PHE A 781 -33.51 3.79 30.11
C PHE A 781 -34.45 4.84 29.54
N VAL A 782 -33.90 5.70 28.69
CA VAL A 782 -34.66 6.77 28.04
C VAL A 782 -34.63 6.51 26.53
N PRO A 783 -35.71 5.98 25.98
CA PRO A 783 -35.74 5.70 24.53
C PRO A 783 -35.71 6.98 23.71
N GLN A 784 -35.11 6.88 22.53
CA GLN A 784 -35.06 7.98 21.58
C GLN A 784 -35.48 7.48 20.20
N ASN A 785 -36.25 8.29 19.50
CA ASN A 785 -36.75 7.91 18.19
C ASN A 785 -35.62 7.91 17.16
N MET A 786 -35.88 7.23 16.04
CA MET A 786 -34.95 7.14 14.93
C MET A 786 -35.67 7.43 13.63
N PRO A 787 -34.95 7.91 12.61
CA PRO A 787 -35.59 8.17 11.31
C PRO A 787 -36.13 6.88 10.70
N TYR A 788 -37.17 7.04 9.89
CA TYR A 788 -37.84 5.89 9.29
C TYR A 788 -36.90 5.15 8.34
N PHE A 789 -37.06 3.82 8.30
CA PHE A 789 -36.32 2.97 7.38
C PHE A 789 -37.30 2.10 6.60
N LEU A 790 -36.91 1.75 5.37
CA LEU A 790 -37.77 0.94 4.53
C LEU A 790 -37.82 -0.50 5.00
N GLU A 791 -36.77 -0.97 5.69
CA GLU A 791 -36.71 -2.37 6.11
C GLU A 791 -37.84 -2.71 7.08
N GLY A 792 -38.26 -1.75 7.91
CA GLY A 792 -39.31 -1.96 8.87
C GLY A 792 -40.59 -2.49 8.25
N PRO A 793 -41.21 -1.72 7.37
CA PRO A 793 -42.42 -2.22 6.69
C PRO A 793 -42.20 -3.49 5.89
N VAL A 794 -41.03 -3.66 5.29
CA VAL A 794 -40.75 -4.87 4.51
C VAL A 794 -40.83 -6.10 5.42
N ARG A 795 -40.21 -6.02 6.59
CA ARG A 795 -40.30 -7.12 7.54
C ARG A 795 -41.72 -7.27 8.08
N TYR A 796 -42.41 -6.15 8.29
CA TYR A 796 -43.74 -6.21 8.89
C TYR A 796 -44.76 -6.85 7.96
N LEU A 797 -44.58 -6.69 6.64
CA LEU A 797 -45.55 -7.25 5.70
C LEU A 797 -45.59 -8.78 5.73
N LYS A 798 -44.55 -9.42 6.28
CA LYS A 798 -44.54 -10.87 6.36
C LYS A 798 -45.51 -11.41 7.41
N LEU A 799 -45.87 -10.59 8.39
CA LEU A 799 -46.74 -11.05 9.47
C LEU A 799 -48.15 -11.33 8.94
N PRO A 800 -48.85 -12.30 9.53
CA PRO A 800 -50.23 -12.63 9.08
C PRO A 800 -51.29 -11.69 9.64
N VAL A 801 -51.46 -10.56 8.97
CA VAL A 801 -52.50 -9.59 9.32
C VAL A 801 -53.45 -9.46 8.14
N GLU A 802 -54.59 -8.81 8.39
CA GLU A 802 -55.63 -8.72 7.37
C GLU A 802 -55.20 -7.74 6.26
N GLN A 803 -55.97 -7.77 5.18
CA GLN A 803 -55.61 -7.01 3.98
C GLN A 803 -55.72 -5.51 4.22
N GLY A 804 -56.68 -5.07 5.03
CA GLY A 804 -56.89 -3.64 5.22
C GLY A 804 -55.72 -2.94 5.85
N GLU A 805 -55.11 -3.56 6.88
CA GLU A 805 -53.97 -2.95 7.53
C GLU A 805 -52.78 -2.84 6.58
N LYS A 806 -52.53 -3.88 5.78
CA LYS A 806 -51.44 -3.83 4.82
C LYS A 806 -51.69 -2.76 3.76
N ARG A 807 -52.93 -2.64 3.30
CA ARG A 807 -53.24 -1.60 2.32
C ARG A 807 -53.04 -0.22 2.91
N ALA A 808 -53.48 -0.01 4.16
CA ALA A 808 -53.27 1.27 4.82
C ALA A 808 -51.78 1.57 4.99
N LEU A 809 -51.00 0.56 5.35
CA LEU A 809 -49.56 0.75 5.48
C LEU A 809 -48.93 1.12 4.15
N TYR A 810 -49.37 0.46 3.07
CA TYR A 810 -48.85 0.81 1.74
C TYR A 810 -49.19 2.25 1.38
N GLU A 811 -50.43 2.68 1.67
CA GLU A 811 -50.81 4.06 1.38
C GLU A 811 -49.98 5.04 2.20
N ALA A 812 -49.76 4.72 3.48
CA ALA A 812 -48.97 5.61 4.33
C ALA A 812 -47.53 5.71 3.84
N VAL A 813 -46.94 4.58 3.42
CA VAL A 813 -45.58 4.61 2.91
C VAL A 813 -45.51 5.40 1.61
N LYS A 814 -46.51 5.24 0.73
CA LYS A 814 -46.54 6.01 -0.50
C LYS A 814 -46.64 7.52 -0.21
N GLU A 815 -47.46 7.90 0.77
CA GLU A 815 -47.63 9.31 1.09
C GLU A 815 -46.44 9.89 1.84
N SER A 816 -45.65 9.06 2.50
CA SER A 816 -44.58 9.54 3.38
C SER A 816 -43.39 10.00 2.54
N ASP A 817 -42.29 10.32 3.23
CA ASP A 817 -41.09 10.84 2.57
C ASP A 817 -40.22 9.76 1.95
N LEU A 818 -40.48 8.49 2.25
CA LEU A 818 -39.67 7.42 1.68
C LEU A 818 -39.91 7.23 0.19
N TYR A 819 -41.01 7.77 -0.34
CA TYR A 819 -41.35 7.62 -1.75
C TYR A 819 -40.80 8.82 -2.52
N ASP A 820 -39.78 8.59 -3.32
CA ASP A 820 -39.22 9.65 -4.15
C ASP A 820 -40.24 10.08 -5.20
N GLY A 821 -40.39 11.39 -5.37
CA GLY A 821 -41.39 11.92 -6.28
C GLY A 821 -41.06 11.75 -7.74
N GLU A 822 -39.96 12.37 -8.19
CA GLU A 822 -39.63 12.36 -9.62
C GLU A 822 -39.28 10.97 -10.10
N LEU A 823 -38.46 10.24 -9.35
CA LEU A 823 -38.02 8.92 -9.77
C LEU A 823 -39.08 7.85 -9.55
N SER A 824 -40.07 8.11 -8.69
CA SER A 824 -41.13 7.14 -8.38
C SER A 824 -40.55 5.82 -7.88
N MET A 825 -39.50 5.91 -7.07
CA MET A 825 -38.87 4.76 -6.46
C MET A 825 -38.87 4.94 -4.94
N TYR A 826 -38.54 3.86 -4.23
CA TYR A 826 -38.55 3.84 -2.78
C TYR A 826 -37.13 3.99 -2.25
N LYS A 827 -36.91 4.98 -1.40
CA LYS A 827 -35.60 5.22 -0.82
C LYS A 827 -35.36 4.24 0.33
N VAL A 828 -34.22 4.40 0.99
CA VAL A 828 -33.84 3.53 2.11
C VAL A 828 -34.24 4.12 3.45
N ASN A 829 -34.07 5.43 3.61
CA ASN A 829 -34.37 6.07 4.89
C ASN A 829 -34.65 7.56 4.66
N ALA A 830 -35.22 8.18 5.67
CA ALA A 830 -35.48 9.62 5.65
C ALA A 830 -34.20 10.36 6.00
N SER A 831 -34.32 11.66 6.27
CA SER A 831 -33.15 12.47 6.58
C SER A 831 -32.50 12.03 7.88
N LEU A 832 -31.18 11.85 7.85
CA LEU A 832 -30.41 11.49 9.02
C LEU A 832 -29.66 12.68 9.61
N ALA A 833 -29.91 13.88 9.10
CA ALA A 833 -29.16 15.06 9.52
C ALA A 833 -29.54 15.56 10.91
N ASP A 834 -30.62 15.06 11.49
CA ASP A 834 -31.09 15.53 12.79
C ASP A 834 -30.83 14.52 13.91
N SER A 835 -30.09 13.45 13.63
CA SER A 835 -29.82 12.41 14.61
C SER A 835 -28.44 12.62 15.23
N SER A 836 -28.03 11.68 16.08
CA SER A 836 -26.72 11.78 16.72
C SER A 836 -25.60 11.61 15.70
N PHE A 837 -24.47 12.24 15.98
CA PHE A 837 -23.34 12.22 15.06
C PHE A 837 -22.48 10.97 15.21
N GLU A 838 -22.70 10.16 16.25
CA GLU A 838 -21.92 8.95 16.48
C GLU A 838 -22.54 7.71 15.87
N LEU A 839 -23.47 7.87 14.92
CA LEU A 839 -24.13 6.72 14.34
C LEU A 839 -23.17 5.84 13.53
N GLY A 840 -22.21 6.45 12.85
CA GLY A 840 -21.23 5.69 12.10
C GLY A 840 -20.86 6.39 10.82
N ARG A 841 -20.38 5.60 9.86
CA ARG A 841 -19.91 6.16 8.60
C ARG A 841 -21.06 6.74 7.77
N ALA A 842 -22.30 6.32 8.04
CA ALA A 842 -23.43 6.81 7.27
C ALA A 842 -23.62 8.31 7.44
N ARG A 843 -23.28 8.86 8.60
CA ARG A 843 -23.44 10.29 8.83
C ARG A 843 -22.39 11.11 8.08
N ALA A 844 -21.33 10.49 7.60
CA ALA A 844 -20.26 11.20 6.89
C ALA A 844 -20.46 11.23 5.39
N PHE A 845 -21.55 10.66 4.87
CA PHE A 845 -21.80 10.59 3.45
C PHE A 845 -22.78 11.68 3.02
N THR A 846 -22.61 12.16 1.80
CA THR A 846 -23.53 13.13 1.24
C THR A 846 -24.89 12.46 1.00
N PRO A 847 -25.99 13.14 1.30
CA PRO A 847 -27.31 12.57 0.98
C PRO A 847 -27.46 12.28 -0.50
N GLY A 848 -28.12 11.17 -0.80
CA GLY A 848 -28.26 10.73 -2.18
C GLY A 848 -27.04 10.04 -2.73
N TRP A 849 -26.22 9.41 -1.88
CA TRP A 849 -25.01 8.75 -2.32
C TRP A 849 -24.68 7.62 -1.35
N LEU A 850 -24.40 6.44 -1.91
CA LEU A 850 -24.09 5.23 -1.13
C LEU A 850 -25.29 4.95 -0.22
N GLU A 851 -25.07 4.47 1.00
CA GLU A 851 -26.17 4.12 1.91
C GLU A 851 -26.59 5.36 2.71
N ASN A 852 -27.17 6.33 1.99
CA ASN A 852 -27.71 7.52 2.63
C ASN A 852 -28.78 8.10 1.71
N GLU A 853 -30.05 7.83 2.01
CA GLU A 853 -31.18 8.39 1.29
C GLU A 853 -31.09 8.14 -0.21
N SER A 854 -30.58 6.97 -0.59
CA SER A 854 -30.45 6.60 -1.98
C SER A 854 -31.55 5.61 -2.36
N ILE A 855 -31.47 5.08 -3.57
CA ILE A 855 -32.40 4.04 -4.01
C ILE A 855 -31.67 2.70 -4.03
N TRP A 856 -31.74 1.96 -2.93
CA TRP A 856 -31.09 0.66 -2.84
C TRP A 856 -31.99 -0.38 -3.50
N LEU A 857 -31.48 -1.02 -4.55
CA LEU A 857 -32.31 -1.95 -5.31
C LEU A 857 -32.70 -3.17 -4.50
N HIS A 858 -31.86 -3.59 -3.54
CA HIS A 858 -32.18 -4.78 -2.76
C HIS A 858 -33.45 -4.56 -1.93
N MET A 859 -33.50 -3.46 -1.18
CA MET A 859 -34.68 -3.19 -0.36
C MET A 859 -35.90 -2.91 -1.22
N GLU A 860 -35.72 -2.22 -2.35
CA GLU A 860 -36.85 -1.94 -3.23
C GLU A 860 -37.45 -3.23 -3.78
N TYR A 861 -36.60 -4.16 -4.21
CA TYR A 861 -37.10 -5.44 -4.71
C TYR A 861 -37.70 -6.27 -3.60
N LYS A 862 -37.15 -6.21 -2.39
CA LYS A 862 -37.77 -6.90 -1.26
C LYS A 862 -39.18 -6.36 -1.00
N TYR A 863 -39.33 -5.03 -1.04
CA TYR A 863 -40.65 -4.43 -0.83
C TYR A 863 -41.62 -4.84 -1.93
N LEU A 864 -41.16 -4.85 -3.18
CA LEU A 864 -42.02 -5.28 -4.28
C LEU A 864 -42.43 -6.74 -4.13
N LEU A 865 -41.48 -7.60 -3.72
CA LEU A 865 -41.80 -9.00 -3.50
C LEU A 865 -42.81 -9.17 -2.38
N GLU A 866 -42.66 -8.41 -1.30
CA GLU A 866 -43.63 -8.49 -0.21
C GLU A 866 -45.00 -8.01 -0.66
N LEU A 867 -45.05 -6.96 -1.50
CA LEU A 867 -46.33 -6.54 -2.07
C LEU A 867 -46.96 -7.64 -2.91
N LEU A 868 -46.15 -8.32 -3.72
CA LEU A 868 -46.67 -9.39 -4.56
C LEU A 868 -47.19 -10.54 -3.73
N ARG A 869 -46.46 -10.93 -2.68
CA ARG A 869 -46.88 -12.06 -1.86
C ARG A 869 -48.13 -11.74 -1.04
N SER A 870 -48.32 -10.46 -0.69
CA SER A 870 -49.47 -10.10 0.14
C SER A 870 -50.79 -10.23 -0.61
N GLY A 871 -50.78 -10.00 -1.91
CA GLY A 871 -51.99 -10.02 -2.71
C GLY A 871 -52.40 -8.69 -3.30
N LEU A 872 -51.57 -7.65 -3.18
CA LEU A 872 -51.85 -6.36 -3.80
C LEU A 872 -51.33 -6.37 -5.24
N TYR A 873 -52.04 -7.14 -6.08
CA TYR A 873 -51.56 -7.40 -7.44
C TYR A 873 -51.53 -6.15 -8.29
N GLU A 874 -52.59 -5.34 -8.23
CA GLU A 874 -52.65 -4.15 -9.08
C GLU A 874 -51.56 -3.14 -8.71
N GLU A 875 -51.37 -2.90 -7.40
CA GLU A 875 -50.33 -1.99 -6.96
C GLU A 875 -48.95 -2.53 -7.32
N PHE A 876 -48.75 -3.84 -7.16
CA PHE A 876 -47.48 -4.44 -7.52
C PHE A 876 -47.18 -4.27 -9.01
N PHE A 877 -48.19 -4.48 -9.86
CA PHE A 877 -48.00 -4.29 -11.30
C PHE A 877 -47.67 -2.85 -11.62
N ALA A 878 -48.41 -1.91 -11.01
CA ALA A 878 -48.18 -0.50 -11.29
C ALA A 878 -46.78 -0.06 -10.88
N ASP A 879 -46.31 -0.52 -9.72
CA ASP A 879 -44.99 -0.14 -9.25
C ASP A 879 -43.87 -0.87 -9.99
N PHE A 880 -44.11 -2.12 -10.40
CA PHE A 880 -43.08 -2.88 -11.10
C PHE A 880 -42.91 -2.41 -12.54
N LYS A 881 -43.98 -1.89 -13.14
CA LYS A 881 -43.85 -1.31 -14.48
C LYS A 881 -42.88 -0.13 -14.50
N LYS A 882 -42.77 0.58 -13.39
CA LYS A 882 -41.99 1.81 -13.33
C LYS A 882 -40.64 1.65 -12.63
N ALA A 883 -40.51 0.72 -11.68
CA ALA A 883 -39.31 0.58 -10.89
C ALA A 883 -38.40 -0.54 -11.35
N ALA A 884 -38.75 -1.26 -12.42
CA ALA A 884 -37.94 -2.37 -12.87
C ALA A 884 -36.74 -1.87 -13.67
N ILE A 885 -35.62 -2.60 -13.54
CA ILE A 885 -34.41 -2.24 -14.29
C ILE A 885 -34.62 -2.33 -15.80
N PRO A 886 -35.17 -3.42 -16.36
CA PRO A 886 -35.29 -3.49 -17.83
C PRO A 886 -36.18 -2.42 -18.43
N PHE A 887 -37.07 -1.82 -17.66
CA PHE A 887 -37.98 -0.79 -18.16
C PHE A 887 -37.40 0.61 -18.04
N GLN A 888 -36.19 0.76 -17.52
CA GLN A 888 -35.57 2.07 -17.40
C GLN A 888 -35.08 2.58 -18.74
N ASN A 889 -34.93 3.89 -18.83
CA ASN A 889 -34.37 4.50 -20.03
C ASN A 889 -32.85 4.31 -20.04
N PRO A 890 -32.28 3.67 -21.06
CA PRO A 890 -30.83 3.44 -21.06
C PRO A 890 -30.01 4.72 -21.05
N GLU A 891 -30.53 5.80 -21.62
CA GLU A 891 -29.78 7.06 -21.65
C GLU A 891 -29.62 7.64 -20.25
N ILE A 892 -30.71 7.70 -19.49
CA ILE A 892 -30.64 8.23 -18.13
C ILE A 892 -29.90 7.26 -17.22
N TYR A 893 -30.16 5.96 -17.37
CA TYR A 893 -29.53 4.97 -16.49
C TYR A 893 -28.02 4.93 -16.68
N GLY A 894 -27.53 5.30 -17.86
CA GLY A 894 -26.11 5.33 -18.11
C GLY A 894 -25.43 3.98 -18.03
N ARG A 895 -26.13 2.92 -18.42
CA ARG A 895 -25.61 1.56 -18.34
C ARG A 895 -26.55 0.67 -19.12
N SER A 896 -26.07 -0.54 -19.44
CA SER A 896 -26.91 -1.52 -20.10
C SER A 896 -28.08 -1.89 -19.20
N ILE A 897 -29.29 -1.95 -19.77
CA ILE A 897 -30.49 -2.24 -18.99
C ILE A 897 -30.58 -3.70 -18.60
N TYR A 898 -29.63 -4.54 -19.00
CA TYR A 898 -29.62 -5.94 -18.62
C TYR A 898 -28.83 -6.21 -17.35
N GLU A 899 -28.21 -5.20 -16.76
CA GLU A 899 -27.33 -5.39 -15.62
C GLU A 899 -27.87 -4.64 -14.41
N ASN A 900 -27.73 -5.24 -13.24
CA ASN A 900 -28.18 -4.63 -12.00
C ASN A 900 -27.17 -3.62 -11.49
N SER A 901 -27.50 -2.97 -10.37
CA SER A 901 -26.60 -2.05 -9.71
C SER A 901 -26.92 -2.05 -8.23
N SER A 902 -25.93 -1.64 -7.43
CA SER A 902 -26.13 -1.60 -5.98
C SER A 902 -27.15 -0.53 -5.59
N PHE A 903 -27.06 0.65 -6.20
CA PHE A 903 -27.98 1.73 -5.86
C PHE A 903 -28.07 2.70 -7.03
N ILE A 904 -29.10 3.54 -6.96
CA ILE A 904 -29.32 4.59 -7.95
C ILE A 904 -29.43 5.91 -7.21
N ALA A 905 -28.69 6.92 -7.67
CA ALA A 905 -28.72 8.22 -7.02
C ALA A 905 -30.11 8.82 -7.12
N SER A 906 -30.60 9.37 -6.01
CA SER A 906 -31.94 9.91 -5.91
C SER A 906 -31.94 11.41 -6.18
N SER A 907 -33.09 12.04 -5.98
CA SER A 907 -33.21 13.48 -6.18
C SER A 907 -32.48 14.27 -5.10
N ARG A 908 -32.19 13.66 -3.95
CA ARG A 908 -31.47 14.34 -2.88
C ARG A 908 -30.00 14.57 -3.21
N ASN A 909 -29.50 13.97 -4.29
CA ASN A 909 -28.11 14.17 -4.67
C ASN A 909 -27.88 15.62 -5.05
N PRO A 910 -26.85 16.28 -4.49
CA PRO A 910 -26.64 17.70 -4.80
C PRO A 910 -26.37 17.97 -6.27
N ASN A 911 -25.73 17.05 -6.98
CA ASN A 911 -25.42 17.25 -8.38
C ASN A 911 -26.59 16.77 -9.23
N PRO A 912 -27.27 17.67 -9.96
CA PRO A 912 -28.44 17.24 -10.74
C PRO A 912 -28.12 16.23 -11.83
N SER A 913 -26.95 16.31 -12.45
CA SER A 913 -26.68 15.49 -13.63
C SER A 913 -26.45 14.02 -13.27
N CYS A 914 -26.18 13.71 -12.01
CA CYS A 914 -25.98 12.33 -11.57
C CYS A 914 -27.25 11.69 -11.04
N ARG A 915 -28.38 12.39 -11.10
CA ARG A 915 -29.65 11.87 -10.57
C ARG A 915 -30.21 10.84 -11.53
N GLY A 916 -30.29 9.60 -11.08
CA GLY A 916 -30.88 8.54 -11.90
C GLY A 916 -29.86 7.67 -12.61
N ARG A 917 -28.73 7.41 -11.97
CA ARG A 917 -27.67 6.58 -12.54
C ARG A 917 -27.25 5.52 -11.54
N GLY A 918 -27.07 4.29 -12.02
CA GLY A 918 -26.60 3.22 -11.16
C GLY A 918 -25.11 3.29 -10.91
N PHE A 919 -24.68 2.56 -9.88
CA PHE A 919 -23.28 2.56 -9.49
C PHE A 919 -22.91 1.18 -8.94
N VAL A 920 -21.63 1.05 -8.56
CA VAL A 920 -21.07 -0.16 -7.97
C VAL A 920 -21.35 -1.37 -8.86
N ALA A 921 -21.17 -1.18 -10.17
CA ALA A 921 -21.24 -2.27 -11.15
C ALA A 921 -22.51 -3.09 -11.02
N ARG A 922 -22.35 -4.39 -10.78
CA ARG A 922 -23.47 -5.32 -10.69
C ARG A 922 -23.17 -6.28 -9.55
N LEU A 923 -23.86 -7.43 -9.56
CA LEU A 923 -23.75 -8.44 -8.51
C LEU A 923 -24.20 -7.90 -7.16
N SER A 924 -25.42 -7.41 -7.10
CA SER A 924 -26.02 -6.96 -5.86
C SER A 924 -26.86 -8.09 -5.25
N GLY A 925 -27.52 -7.81 -4.14
CA GLY A 925 -28.38 -8.78 -3.51
C GLY A 925 -29.78 -8.87 -4.07
N SER A 926 -30.08 -8.11 -5.12
CA SER A 926 -31.41 -8.09 -5.71
C SER A 926 -31.65 -9.23 -6.70
N THR A 927 -30.61 -9.98 -7.06
CA THR A 927 -30.77 -11.04 -8.05
C THR A 927 -31.71 -12.13 -7.55
N ILE A 928 -31.50 -12.58 -6.31
CA ILE A 928 -32.35 -13.63 -5.75
C ILE A 928 -33.77 -13.11 -5.55
N GLU A 929 -33.91 -11.83 -5.19
CA GLU A 929 -35.24 -11.24 -5.07
C GLU A 929 -35.97 -11.27 -6.39
N PHE A 930 -35.29 -10.89 -7.48
CA PHE A 930 -35.93 -10.93 -8.79
C PHE A 930 -36.24 -12.35 -9.23
N ILE A 931 -35.37 -13.30 -8.89
CA ILE A 931 -35.63 -14.70 -9.23
C ILE A 931 -36.90 -15.18 -8.54
N SER A 932 -37.03 -14.87 -7.24
CA SER A 932 -38.22 -15.27 -6.50
C SER A 932 -39.47 -14.60 -7.06
N MET A 933 -39.36 -13.31 -7.39
CA MET A 933 -40.50 -12.61 -7.98
C MET A 933 -40.91 -13.24 -9.30
N TRP A 934 -39.95 -13.58 -10.14
CA TRP A 934 -40.25 -14.22 -11.42
C TRP A 934 -40.92 -15.57 -11.22
N LYS A 935 -40.41 -16.36 -10.28
CA LYS A 935 -41.00 -17.68 -10.04
C LYS A 935 -42.44 -17.55 -9.55
N GLU A 936 -42.68 -16.68 -8.56
CA GLU A 936 -44.02 -16.54 -8.01
C GLU A 936 -44.97 -15.83 -8.97
N MET A 937 -44.43 -15.09 -9.95
CA MET A 937 -45.27 -14.43 -10.94
C MET A 937 -45.61 -15.35 -12.11
N MET A 938 -44.72 -16.28 -12.45
CA MET A 938 -44.97 -17.19 -13.56
C MET A 938 -45.74 -18.44 -13.14
N PHE A 939 -45.49 -18.96 -11.94
CA PHE A 939 -46.06 -20.24 -11.55
C PHE A 939 -46.98 -20.18 -10.33
N GLY A 940 -46.90 -19.15 -9.52
CA GLY A 940 -47.72 -19.04 -8.33
C GLY A 940 -46.96 -19.40 -7.07
N ALA A 941 -47.63 -19.18 -5.93
CA ALA A 941 -46.99 -19.37 -4.64
C ALA A 941 -46.74 -20.85 -4.36
N HIS A 942 -47.75 -21.69 -4.55
CA HIS A 942 -47.68 -23.11 -4.19
C HIS A 942 -48.14 -23.97 -5.37
N PRO A 943 -47.24 -24.28 -6.30
CA PRO A 943 -47.61 -25.18 -7.40
C PRO A 943 -48.04 -26.56 -6.94
N PHE A 944 -47.46 -27.07 -5.86
CA PHE A 944 -47.76 -28.40 -5.35
C PHE A 944 -48.46 -28.28 -4.00
N ARG A 945 -49.54 -29.05 -3.83
CA ARG A 945 -50.26 -29.12 -2.57
C ARG A 945 -50.45 -30.57 -2.18
N THR A 946 -50.75 -30.79 -0.91
CA THR A 946 -50.95 -32.13 -0.37
C THR A 946 -52.34 -32.23 0.25
N GLU A 947 -53.05 -33.31 -0.07
CA GLU A 947 -54.35 -33.60 0.53
C GLU A 947 -54.53 -35.10 0.59
N GLN A 948 -54.99 -35.59 1.75
CA GLN A 948 -55.13 -37.01 2.06
C GLN A 948 -53.98 -37.83 1.49
N GLU A 949 -52.75 -37.35 1.75
CA GLU A 949 -51.52 -38.01 1.32
C GLU A 949 -51.51 -38.25 -0.20
N GLU A 950 -51.88 -37.22 -0.95
CA GLU A 950 -51.91 -37.29 -2.39
C GLU A 950 -51.43 -35.96 -2.97
N LEU A 951 -50.60 -36.03 -4.00
CA LEU A 951 -50.04 -34.84 -4.62
C LEU A 951 -51.06 -34.18 -5.55
N VAL A 952 -51.10 -32.85 -5.52
CA VAL A 952 -51.96 -32.07 -6.40
C VAL A 952 -51.11 -31.01 -7.07
N PHE A 953 -51.23 -30.89 -8.39
CA PHE A 953 -50.48 -29.93 -9.18
C PHE A 953 -51.45 -28.95 -9.84
N SER A 954 -51.17 -27.66 -9.69
CA SER A 954 -52.01 -26.63 -10.28
C SER A 954 -51.16 -25.38 -10.51
N LEU A 955 -51.62 -24.53 -11.41
CA LEU A 955 -50.94 -23.29 -11.76
C LEU A 955 -51.87 -22.11 -11.49
N ALA A 956 -51.34 -21.08 -10.84
CA ALA A 956 -52.07 -19.84 -10.59
C ALA A 956 -51.18 -18.66 -10.97
N PRO A 957 -50.91 -18.47 -12.26
CA PRO A 957 -50.04 -17.36 -12.68
C PRO A 957 -50.75 -16.02 -12.56
N ALA A 958 -49.94 -14.96 -12.48
CA ALA A 958 -50.43 -13.59 -12.40
C ALA A 958 -49.51 -12.72 -13.24
N ILE A 959 -49.88 -12.50 -14.49
CA ILE A 959 -49.06 -11.75 -15.45
C ILE A 959 -49.76 -10.43 -15.74
N PRO A 960 -49.05 -9.30 -15.69
CA PRO A 960 -49.67 -8.03 -16.07
C PRO A 960 -49.93 -7.96 -17.57
N ALA A 961 -50.75 -6.99 -17.94
CA ALA A 961 -51.18 -6.88 -19.34
C ALA A 961 -50.03 -6.52 -20.27
N TYR A 962 -49.02 -5.81 -19.78
CA TYR A 962 -47.93 -5.34 -20.63
C TYR A 962 -46.86 -6.40 -20.86
N LEU A 963 -47.15 -7.67 -20.63
CA LEU A 963 -46.22 -8.76 -20.92
C LEU A 963 -46.77 -9.78 -21.91
N ILE A 964 -48.07 -9.78 -22.16
CA ILE A 964 -48.66 -10.74 -23.10
C ILE A 964 -48.47 -10.23 -24.52
N PRO A 965 -47.86 -11.02 -25.41
CA PRO A 965 -47.69 -10.56 -26.80
C PRO A 965 -49.01 -10.45 -27.55
N GLU A 966 -48.95 -9.97 -28.80
CA GLU A 966 -50.17 -9.83 -29.59
C GLU A 966 -50.81 -11.18 -29.87
N ASP A 967 -50.00 -12.20 -30.17
CA ASP A 967 -50.53 -13.54 -30.42
C ASP A 967 -50.98 -14.23 -29.15
N GLY A 968 -50.71 -13.66 -27.98
CA GLY A 968 -51.17 -14.23 -26.72
C GLY A 968 -50.52 -15.56 -26.36
N ARG A 969 -49.22 -15.69 -26.55
CA ARG A 969 -48.49 -16.89 -26.16
C ARG A 969 -47.33 -16.49 -25.25
N LEU A 970 -47.22 -17.17 -24.12
CA LEU A 970 -46.16 -16.91 -23.15
C LEU A 970 -45.59 -18.24 -22.68
N SER A 971 -44.27 -18.31 -22.56
CA SER A 971 -43.60 -19.54 -22.19
C SER A 971 -42.60 -19.27 -21.07
N ALA A 972 -42.37 -20.28 -20.24
CA ALA A 972 -41.42 -20.18 -19.15
C ALA A 972 -40.89 -21.57 -18.84
N ALA A 973 -39.75 -21.61 -18.15
CA ALA A 973 -39.09 -22.86 -17.79
C ALA A 973 -39.51 -23.27 -16.39
N PHE A 974 -40.15 -24.43 -16.28
CA PHE A 974 -40.61 -24.96 -15.01
C PHE A 974 -39.66 -26.09 -14.58
N MET A 975 -39.10 -25.95 -13.38
CA MET A 975 -38.11 -26.88 -12.84
C MET A 975 -36.88 -26.99 -13.72
N SER A 976 -36.65 -25.98 -14.56
CA SER A 976 -35.51 -25.88 -15.49
C SER A 976 -35.43 -27.03 -16.48
N LYS A 977 -36.45 -27.88 -16.55
CA LYS A 977 -36.45 -29.00 -17.48
C LYS A 977 -37.72 -29.07 -18.32
N THR A 978 -38.87 -28.70 -17.75
CA THR A 978 -40.15 -28.79 -18.44
C THR A 978 -40.56 -27.40 -18.92
N THR A 979 -40.95 -27.30 -20.19
CA THR A 979 -41.38 -26.04 -20.78
C THR A 979 -42.90 -25.94 -20.71
N VAL A 980 -43.39 -24.82 -20.19
CA VAL A 980 -44.83 -24.57 -20.04
C VAL A 980 -45.21 -23.43 -20.96
N CYS A 981 -46.20 -23.67 -21.82
CA CYS A 981 -46.69 -22.68 -22.76
C CYS A 981 -48.14 -22.34 -22.44
N TYR A 982 -48.42 -21.06 -22.29
CA TYR A 982 -49.77 -20.57 -21.98
C TYR A 982 -50.48 -20.14 -23.25
N GLU A 983 -51.78 -19.87 -23.10
CA GLU A 983 -52.61 -19.40 -24.21
C GLU A 983 -53.67 -18.48 -23.61
N PHE A 984 -53.41 -17.18 -23.62
CA PHE A 984 -54.33 -16.21 -23.06
C PHE A 984 -55.28 -15.70 -24.14
N GLY A 985 -56.54 -15.52 -23.75
CA GLY A 985 -57.57 -15.14 -24.71
C GLY A 985 -57.91 -13.66 -24.71
N GLY A 986 -57.02 -12.82 -24.16
CA GLY A 986 -57.29 -11.39 -24.15
C GLY A 986 -56.11 -10.63 -23.62
N HIS A 987 -56.25 -9.31 -23.61
CA HIS A 987 -55.24 -8.38 -23.12
C HIS A 987 -55.77 -7.74 -21.85
N ARG A 988 -55.52 -8.38 -20.71
CA ARG A 988 -55.95 -7.85 -19.42
C ARG A 988 -55.10 -8.51 -18.34
N ASP A 989 -55.16 -7.92 -17.14
CA ASP A 989 -54.42 -8.45 -16.01
C ASP A 989 -55.05 -9.77 -15.55
N TYR A 990 -54.30 -10.85 -15.63
CA TYR A 990 -54.80 -12.17 -15.22
C TYR A 990 -54.39 -12.47 -13.78
N VAL A 991 -54.91 -11.65 -12.86
CA VAL A 991 -54.72 -11.86 -11.44
C VAL A 991 -55.55 -13.08 -11.03
N PRO A 992 -55.16 -13.81 -9.99
CA PRO A 992 -55.97 -14.96 -9.57
C PRO A 992 -57.36 -14.54 -9.15
N GLY A 993 -58.34 -15.37 -9.49
CA GLY A 993 -59.74 -15.11 -9.20
C GLY A 993 -60.52 -14.53 -10.34
N THR A 994 -59.85 -14.00 -11.37
CA THR A 994 -60.52 -13.41 -12.52
C THR A 994 -60.37 -14.26 -13.78
N TYR A 995 -59.95 -15.51 -13.63
CA TYR A 995 -59.80 -16.41 -14.76
C TYR A 995 -59.95 -17.85 -14.27
N ARG A 996 -60.20 -18.74 -15.22
CA ARG A 996 -60.33 -20.17 -14.91
C ARG A 996 -59.67 -20.97 -16.02
N ILE A 997 -58.86 -21.96 -15.63
CA ILE A 997 -58.14 -22.79 -16.59
C ILE A 997 -59.11 -23.80 -17.18
N ARG A 998 -59.09 -23.93 -18.51
CA ARG A 998 -60.01 -24.83 -19.20
C ARG A 998 -59.47 -26.25 -19.28
N HIS A 999 -58.30 -26.43 -19.90
CA HIS A 999 -57.72 -27.76 -20.04
C HIS A 999 -56.22 -27.63 -20.26
N MET A 1000 -55.51 -28.72 -20.01
CA MET A 1000 -54.07 -28.78 -20.18
C MET A 1000 -53.69 -30.04 -20.94
N VAL A 1001 -52.58 -29.96 -21.67
CA VAL A 1001 -52.07 -31.07 -22.47
C VAL A 1001 -50.63 -31.33 -22.07
N PHE A 1002 -50.28 -32.60 -21.87
CA PHE A 1002 -48.95 -32.99 -21.47
C PHE A 1002 -48.27 -33.77 -22.59
N PHE A 1003 -46.96 -33.55 -22.75
CA PHE A 1003 -46.17 -34.21 -23.78
C PHE A 1003 -45.04 -34.97 -23.10
N TYR A 1004 -45.16 -36.29 -23.04
CA TYR A 1004 -44.12 -37.12 -22.46
C TYR A 1004 -42.89 -37.16 -23.36
N GLU A 1005 -41.75 -37.53 -22.78
CA GLU A 1005 -40.50 -37.56 -23.53
C GLU A 1005 -40.43 -38.74 -24.48
N ASN A 1006 -41.29 -39.74 -24.31
CA ASN A 1006 -41.30 -40.91 -25.18
C ASN A 1006 -42.31 -40.79 -26.32
N GLY A 1007 -43.00 -39.66 -26.43
CA GLY A 1007 -43.93 -39.41 -27.50
C GLY A 1007 -45.40 -39.56 -27.13
N SER A 1008 -45.70 -40.20 -26.02
CA SER A 1008 -47.09 -40.35 -25.60
C SER A 1008 -47.65 -39.02 -25.13
N GLN A 1009 -48.94 -38.82 -25.39
CA GLN A 1009 -49.65 -37.61 -24.98
C GLN A 1009 -50.68 -37.92 -23.90
N ALA A 1010 -51.22 -36.86 -23.32
CA ALA A 1010 -52.26 -36.96 -22.31
C ALA A 1010 -53.00 -35.63 -22.23
N THR A 1011 -54.31 -35.69 -22.05
CA THR A 1011 -55.14 -34.50 -21.96
C THR A 1011 -55.99 -34.61 -20.71
N VAL A 1012 -55.79 -33.68 -19.77
CA VAL A 1012 -56.54 -33.64 -18.52
C VAL A 1012 -57.47 -32.44 -18.56
N GLU A 1013 -58.77 -32.69 -18.60
CA GLU A 1013 -59.75 -31.62 -18.60
C GLU A 1013 -59.82 -30.96 -17.23
N GLY A 1014 -60.01 -29.64 -17.23
CA GLY A 1014 -60.07 -28.90 -15.99
C GLY A 1014 -58.78 -28.19 -15.66
N GLU A 1015 -58.44 -28.11 -14.38
CA GLU A 1015 -57.22 -27.44 -13.94
C GLU A 1015 -56.43 -28.21 -12.90
N LYS A 1016 -56.98 -29.26 -12.30
CA LYS A 1016 -56.33 -30.01 -11.24
C LYS A 1016 -55.83 -31.34 -11.78
N VAL A 1017 -54.56 -31.64 -11.52
CA VAL A 1017 -53.94 -32.90 -11.92
C VAL A 1017 -53.36 -33.54 -10.67
N SER A 1018 -53.72 -34.80 -10.42
CA SER A 1018 -53.31 -35.50 -9.21
C SER A 1018 -52.87 -36.92 -9.55
N GLY A 1019 -51.83 -37.38 -8.84
CA GLY A 1019 -51.42 -38.76 -8.95
C GLY A 1019 -50.11 -39.00 -9.65
N LYS A 1020 -50.06 -40.07 -10.46
CA LYS A 1020 -48.83 -40.42 -11.15
C LYS A 1020 -48.41 -39.35 -12.13
N LEU A 1021 -49.37 -38.61 -12.71
CA LEU A 1021 -49.01 -37.50 -13.58
C LEU A 1021 -48.27 -36.43 -12.81
N ALA A 1022 -48.75 -36.08 -11.62
CA ALA A 1022 -48.05 -35.09 -10.79
C ALA A 1022 -46.68 -35.60 -10.37
N GLU A 1023 -46.59 -36.89 -10.04
CA GLU A 1023 -45.29 -37.47 -9.68
C GLU A 1023 -44.31 -37.38 -10.85
N ASP A 1024 -44.78 -37.67 -12.06
CA ASP A 1024 -43.91 -37.56 -13.24
C ASP A 1024 -43.51 -36.11 -13.48
N ILE A 1025 -44.43 -35.17 -13.28
CA ILE A 1025 -44.11 -33.76 -13.47
C ILE A 1025 -43.03 -33.33 -12.50
N ARG A 1026 -43.15 -33.73 -11.23
CA ARG A 1026 -42.14 -33.36 -10.24
C ARG A 1026 -40.83 -34.08 -10.48
N ALA A 1027 -40.86 -35.22 -11.18
CA ALA A 1027 -39.66 -35.99 -11.47
C ALA A 1027 -39.01 -35.60 -12.79
N GLY A 1028 -39.53 -34.59 -13.47
CA GLY A 1028 -38.97 -34.18 -14.75
C GLY A 1028 -39.15 -35.17 -15.86
N ARG A 1029 -40.32 -35.82 -15.93
CA ARG A 1029 -40.63 -36.78 -16.98
C ARG A 1029 -41.54 -36.20 -18.06
N VAL A 1030 -41.78 -34.89 -18.03
CA VAL A 1030 -42.63 -34.22 -19.00
C VAL A 1030 -41.79 -33.19 -19.73
N ARG A 1031 -41.90 -33.18 -21.06
CA ARG A 1031 -41.07 -32.29 -21.88
C ARG A 1031 -41.73 -30.95 -22.16
N LYS A 1032 -43.02 -30.95 -22.50
CA LYS A 1032 -43.72 -29.72 -22.85
C LYS A 1032 -45.15 -29.80 -22.35
N MET A 1033 -45.71 -28.64 -22.05
CA MET A 1033 -47.09 -28.52 -21.58
C MET A 1033 -47.80 -27.41 -22.35
N GLU A 1034 -49.10 -27.60 -22.55
CA GLU A 1034 -49.94 -26.60 -23.21
C GLU A 1034 -51.11 -26.28 -22.29
N VAL A 1035 -51.13 -25.06 -21.75
CA VAL A 1035 -52.16 -24.60 -20.83
C VAL A 1035 -52.96 -23.51 -21.52
N ALA A 1036 -54.28 -23.67 -21.51
CA ALA A 1036 -55.19 -22.72 -22.15
C ALA A 1036 -56.04 -22.04 -21.09
N VAL A 1037 -56.09 -20.71 -21.16
CA VAL A 1037 -56.88 -19.89 -20.23
C VAL A 1037 -57.97 -19.20 -21.03
N ASP A 1038 -59.22 -19.37 -20.58
CA ASP A 1038 -60.38 -18.80 -21.26
C ASP A 1038 -60.45 -19.28 -22.71
N LEU A 1039 -60.20 -20.56 -22.93
CA LEU A 1039 -60.26 -21.20 -24.25
C LEU A 1039 -59.23 -20.54 -25.16
N GLU A 1040 -59.55 -20.43 -26.45
CA GLU A 1040 -58.60 -19.92 -27.44
C GLU A 1040 -58.42 -18.40 -27.28
N HIS A 1041 -57.61 -17.83 -28.16
CA HIS A 1041 -57.29 -16.41 -28.12
C HIS A 1041 -58.06 -15.67 -29.20
N HIS A 1042 -58.68 -14.56 -28.83
CA HIS A 1042 -59.43 -13.73 -29.76
C HIS A 1042 -58.50 -12.66 -30.33
N HIS A 1043 -59.08 -11.68 -31.03
CA HIS A 1043 -58.30 -10.59 -31.61
C HIS A 1043 -57.77 -9.66 -30.52
N GLU B 6 27.12 30.13 -12.09
CA GLU B 6 26.49 29.75 -10.83
C GLU B 6 25.18 28.99 -11.08
N THR B 7 24.69 29.07 -12.30
CA THR B 7 23.45 28.40 -12.69
C THR B 7 23.72 27.45 -13.85
N PHE B 8 22.99 26.35 -13.88
CA PHE B 8 23.12 25.33 -14.91
C PHE B 8 21.95 25.46 -15.89
N VAL B 9 22.27 25.52 -17.18
CA VAL B 9 21.28 25.72 -18.22
C VAL B 9 21.26 24.49 -19.12
N MET B 10 20.07 23.92 -19.33
CA MET B 10 19.88 22.78 -20.20
C MET B 10 18.89 23.15 -21.30
N ASP B 11 19.24 22.81 -22.54
CA ASP B 11 18.44 23.15 -23.70
C ASP B 11 17.72 21.90 -24.21
N ASP B 12 16.42 22.04 -24.45
CA ASP B 12 15.57 20.95 -24.91
C ASP B 12 15.65 19.75 -23.97
N TYR B 13 15.30 20.01 -22.70
CA TYR B 13 15.34 18.97 -21.69
C TYR B 13 14.33 17.86 -21.94
N GLY B 14 13.33 18.11 -22.77
CA GLY B 14 12.33 17.08 -23.04
C GLY B 14 12.90 15.89 -23.78
N LYS B 15 13.83 16.12 -24.70
CA LYS B 15 14.42 15.05 -25.49
C LYS B 15 15.67 14.45 -24.86
N LYS B 16 16.15 15.00 -23.75
CA LYS B 16 17.35 14.49 -23.12
C LYS B 16 17.03 13.32 -22.20
N SER B 17 18.06 12.72 -21.62
CA SER B 17 17.88 11.62 -20.70
C SER B 17 17.19 12.08 -19.42
N THR B 18 16.33 11.22 -18.87
CA THR B 18 15.56 11.57 -17.70
C THR B 18 16.41 11.56 -16.45
N PHE B 19 16.09 12.45 -15.52
CA PHE B 19 16.72 12.48 -14.21
C PHE B 19 15.75 13.09 -13.21
N ALA B 20 15.99 12.81 -11.93
CA ALA B 20 15.12 13.28 -10.86
C ALA B 20 15.94 14.11 -9.87
N SER B 21 15.36 15.23 -9.43
CA SER B 21 16.02 16.12 -8.49
C SER B 21 14.95 16.67 -7.55
N PHE B 22 15.35 17.58 -6.67
CA PHE B 22 14.43 18.16 -5.70
C PHE B 22 14.95 19.50 -5.24
N LEU B 23 14.04 20.34 -4.77
CA LEU B 23 14.42 21.60 -4.15
C LEU B 23 14.99 21.36 -2.76
N PRO B 24 15.92 22.19 -2.31
CA PRO B 24 16.46 22.03 -0.95
C PRO B 24 15.40 22.13 0.14
N GLY B 25 14.36 22.92 -0.07
CA GLY B 25 13.28 23.00 0.89
C GLY B 25 13.67 23.61 2.22
N ILE B 26 14.43 24.71 2.19
CA ILE B 26 14.83 25.43 3.39
C ILE B 26 14.06 26.74 3.43
N ALA B 27 13.38 26.99 4.55
CA ALA B 27 12.58 28.19 4.72
C ALA B 27 13.19 29.15 5.74
N GLY B 28 14.44 28.94 6.13
CA GLY B 28 15.08 29.80 7.10
C GLY B 28 14.72 29.45 8.52
N ILE B 29 15.20 30.29 9.44
CA ILE B 29 14.96 30.07 10.86
C ILE B 29 13.48 30.22 11.18
N ARG B 30 12.84 31.26 10.64
CA ARG B 30 11.45 31.58 10.94
C ARG B 30 10.50 31.20 9.81
N GLY B 31 10.74 30.06 9.17
CA GLY B 31 9.89 29.61 8.08
C GLY B 31 9.47 28.16 8.26
N ILE B 32 8.49 27.77 7.47
CA ILE B 32 7.94 26.41 7.50
C ILE B 32 8.43 25.69 6.24
N PRO B 33 9.34 24.73 6.36
CA PRO B 33 9.85 24.05 5.17
C PRO B 33 8.85 23.08 4.57
N ILE B 34 8.98 22.88 3.25
CA ILE B 34 8.20 21.90 2.51
C ILE B 34 9.13 21.09 1.63
N TRP B 35 8.61 19.99 1.11
CA TRP B 35 9.36 19.11 0.22
C TRP B 35 8.74 19.12 -1.17
N CYS B 36 9.58 19.19 -2.19
CA CYS B 36 9.13 19.22 -3.58
C CYS B 36 10.14 18.50 -4.46
N TYR B 37 9.65 17.58 -5.30
CA TYR B 37 10.48 16.85 -6.24
C TYR B 37 10.06 17.19 -7.66
N TYR B 38 11.02 17.10 -8.58
CA TYR B 38 10.75 17.46 -9.96
C TYR B 38 11.60 16.61 -10.90
N VAL B 39 11.12 16.46 -12.13
CA VAL B 39 11.82 15.74 -13.18
C VAL B 39 11.91 16.66 -14.40
N ASN B 40 12.70 16.23 -15.38
CA ASN B 40 12.93 17.03 -16.59
C ASN B 40 11.93 16.66 -17.69
N ARG B 41 10.65 16.72 -17.33
CA ARG B 41 9.57 16.44 -18.26
C ARG B 41 8.39 17.36 -17.95
N GLY B 42 7.69 17.78 -18.99
CA GLY B 42 6.53 18.64 -18.80
C GLY B 42 6.91 19.96 -18.18
N GLN B 43 6.18 20.35 -17.14
CA GLN B 43 6.44 21.58 -16.42
C GLN B 43 7.38 21.39 -15.24
N CYS B 44 7.94 20.19 -15.08
CA CYS B 44 9.00 19.92 -14.10
C CYS B 44 8.50 20.10 -12.66
N VAL B 45 7.35 19.51 -12.36
CA VAL B 45 6.87 19.35 -10.99
C VAL B 45 6.01 18.10 -10.94
N VAL B 46 6.32 17.19 -10.02
CA VAL B 46 5.60 15.93 -9.89
C VAL B 46 4.75 15.90 -8.62
N SER B 47 5.39 16.05 -7.45
CA SER B 47 4.67 15.97 -6.19
C SER B 47 5.35 16.87 -5.17
N PHE B 48 4.53 17.43 -4.28
CA PHE B 48 5.03 18.25 -3.20
C PHE B 48 4.01 18.25 -2.07
N GLY B 49 4.47 18.65 -0.89
CA GLY B 49 3.60 18.66 0.27
C GLY B 49 4.34 19.11 1.50
N VAL B 50 3.68 18.98 2.64
CA VAL B 50 4.24 19.39 3.92
C VAL B 50 4.36 18.16 4.81
N ASP B 51 5.32 18.21 5.72
CA ASP B 51 5.56 17.15 6.73
C ASP B 51 5.98 15.88 5.97
N ASN B 52 5.49 14.72 6.38
CA ASN B 52 5.83 13.46 5.74
C ASN B 52 4.79 13.14 4.67
N LYS B 53 4.77 11.90 4.18
CA LYS B 53 3.71 11.46 3.28
C LYS B 53 2.37 11.48 4.03
N ASP B 54 1.31 11.14 3.30
CA ASP B 54 -0.08 11.19 3.74
C ASP B 54 -0.56 12.62 3.98
N HIS B 55 0.29 13.63 3.77
CA HIS B 55 -0.06 15.02 3.87
C HIS B 55 0.44 15.77 2.65
N ALA B 56 0.36 15.15 1.49
CA ALA B 56 0.91 15.68 0.25
C ALA B 56 -0.19 16.37 -0.55
N ILE B 57 0.07 17.61 -0.97
CA ILE B 57 -0.86 18.32 -1.84
C ILE B 57 -0.97 17.62 -3.18
N MET B 58 0.17 17.22 -3.74
CA MET B 58 0.23 16.45 -4.98
C MET B 58 0.62 15.01 -4.65
N GLU B 59 -0.06 14.07 -5.32
CA GLU B 59 0.16 12.65 -5.01
C GLU B 59 1.60 12.26 -5.30
N PHE B 60 2.21 11.54 -4.35
CA PHE B 60 3.59 11.11 -4.48
C PHE B 60 3.67 9.90 -5.41
N TYR B 61 4.70 9.88 -6.25
CA TYR B 61 4.93 8.79 -7.18
C TYR B 61 6.39 8.39 -7.17
N PRO B 62 6.70 7.11 -7.44
CA PRO B 62 8.09 6.72 -7.66
C PRO B 62 8.64 7.34 -8.94
N ALA B 63 9.91 7.08 -9.25
CA ALA B 63 10.54 7.73 -10.41
C ALA B 63 9.85 7.33 -11.71
N HIS B 64 9.53 6.04 -11.87
CA HIS B 64 8.94 5.57 -13.11
C HIS B 64 7.56 6.18 -13.32
N GLN B 65 6.70 6.11 -12.30
CA GLN B 65 5.37 6.71 -12.41
C GLN B 65 5.46 8.23 -12.54
N ALA B 66 6.46 8.85 -11.90
CA ALA B 66 6.64 10.29 -12.06
C ALA B 66 6.96 10.64 -13.50
N TYR B 67 7.84 9.87 -14.14
CA TYR B 67 8.12 10.10 -15.55
C TYR B 67 6.88 9.87 -16.40
N GLN B 68 6.11 8.83 -16.08
CA GLN B 68 4.98 8.45 -16.93
C GLN B 68 3.80 9.40 -16.81
N ASN B 69 3.58 9.99 -15.63
CA ASN B 69 2.36 10.75 -15.37
C ASN B 69 2.62 12.22 -15.05
N VAL B 70 3.80 12.74 -15.42
CA VAL B 70 4.10 14.14 -15.13
C VAL B 70 3.25 15.06 -16.00
N LYS B 71 3.05 14.69 -17.27
CA LYS B 71 2.36 15.57 -18.21
C LYS B 71 0.85 15.60 -18.02
N THR B 72 0.29 14.72 -17.19
CA THR B 72 -1.14 14.68 -16.97
C THR B 72 -1.55 15.19 -15.60
N THR B 73 -0.92 14.72 -14.54
CA THR B 73 -1.24 15.15 -13.19
C THR B 73 -0.41 16.33 -12.71
N GLY B 74 0.57 16.77 -13.50
CA GLY B 74 1.37 17.91 -13.14
C GLY B 74 0.67 19.22 -13.47
N PHE B 75 1.39 20.31 -13.24
CA PHE B 75 0.84 21.63 -13.53
C PHE B 75 0.54 21.76 -15.02
N ARG B 76 -0.63 22.34 -15.32
CA ARG B 76 -1.11 22.46 -16.69
C ARG B 76 -1.38 23.92 -17.01
N THR B 77 -1.00 24.33 -18.22
CA THR B 77 -1.24 25.68 -18.70
C THR B 77 -1.88 25.62 -20.08
N PHE B 78 -2.99 26.33 -20.25
CA PHE B 78 -3.71 26.34 -21.52
C PHE B 78 -3.84 27.79 -22.00
N LEU B 79 -3.66 27.97 -23.31
CA LEU B 79 -3.78 29.27 -23.94
C LEU B 79 -4.74 29.17 -25.12
N LYS B 80 -5.44 30.27 -25.41
CA LYS B 80 -6.35 30.35 -26.54
C LYS B 80 -6.11 31.67 -27.26
N LYS B 81 -5.66 31.58 -28.51
CA LYS B 81 -5.41 32.75 -29.34
C LYS B 81 -6.35 32.70 -30.54
N ASN B 82 -7.47 33.41 -30.44
CA ASN B 82 -8.44 33.54 -31.53
C ASN B 82 -8.99 32.17 -31.94
N GLY B 83 -9.60 31.49 -30.97
CA GLY B 83 -10.32 30.26 -31.23
C GLY B 83 -9.50 29.00 -31.32
N THR B 84 -8.18 29.10 -31.19
CA THR B 84 -7.30 27.93 -31.25
C THR B 84 -6.60 27.77 -29.92
N VAL B 85 -6.57 26.55 -29.40
CA VAL B 85 -6.03 26.26 -28.08
C VAL B 85 -4.65 25.64 -28.23
N PHE B 86 -3.67 26.26 -27.58
CA PHE B 86 -2.31 25.76 -27.51
C PHE B 86 -1.98 25.36 -26.08
N GLU B 87 -0.99 24.48 -25.94
CA GLU B 87 -0.56 24.05 -24.62
C GLU B 87 0.96 24.12 -24.51
N PRO B 88 1.50 25.07 -23.75
CA PRO B 88 2.94 25.16 -23.59
C PRO B 88 3.51 23.95 -22.85
N PHE B 89 4.77 23.64 -23.16
CA PHE B 89 5.50 22.54 -22.53
C PHE B 89 4.78 21.21 -22.74
N SER B 90 4.28 21.01 -23.96
CA SER B 90 3.59 19.76 -24.28
C SER B 90 4.22 19.09 -25.50
N ASP B 91 4.84 19.89 -26.37
CA ASP B 91 5.48 19.40 -27.58
C ASP B 91 6.98 19.63 -27.49
N GLU B 92 7.76 18.56 -27.67
CA GLU B 92 9.21 18.66 -27.56
C GLU B 92 9.85 19.35 -28.75
N ASN B 93 9.16 19.39 -29.90
CA ASN B 93 9.74 20.04 -31.07
C ASN B 93 9.93 21.54 -30.85
N ILE B 94 8.99 22.17 -30.14
CA ILE B 94 9.12 23.59 -29.83
C ILE B 94 10.29 23.80 -28.89
N THR B 95 11.11 24.82 -29.17
CA THR B 95 12.30 25.08 -28.37
C THR B 95 11.92 25.46 -26.95
N HIS B 96 12.62 24.90 -25.98
CA HIS B 96 12.40 25.21 -24.58
C HIS B 96 13.73 25.11 -23.84
N ARG B 97 13.78 25.75 -22.67
CA ARG B 97 15.01 25.87 -21.91
C ARG B 97 14.71 25.65 -20.43
N MET B 98 15.75 25.33 -19.67
CA MET B 98 15.61 25.04 -18.25
C MET B 98 16.81 25.60 -17.50
N GLN B 99 16.54 26.23 -16.36
CA GLN B 99 17.58 26.77 -15.49
C GLN B 99 17.41 26.20 -14.11
N ILE B 100 18.51 25.81 -13.48
CA ILE B 100 18.51 25.22 -12.15
C ILE B 100 19.31 26.14 -11.24
N HIS B 101 18.62 26.90 -10.39
CA HIS B 101 19.29 27.74 -9.42
C HIS B 101 19.66 26.94 -8.17
N MET B 102 20.37 27.60 -7.26
CA MET B 102 20.73 26.96 -6.01
C MET B 102 19.50 26.61 -5.19
N ASN B 103 18.54 27.52 -5.12
CA ASN B 103 17.29 27.34 -4.37
C ASN B 103 16.10 27.79 -5.21
N GLY B 104 16.07 27.38 -6.47
CA GLY B 104 14.98 27.77 -7.34
C GLY B 104 15.00 26.95 -8.62
N LEU B 105 13.98 27.19 -9.44
CA LEU B 105 13.84 26.47 -10.71
C LEU B 105 13.00 27.31 -11.65
N ALA B 106 13.52 27.61 -12.83
CA ALA B 106 12.82 28.43 -13.81
C ALA B 106 12.94 27.78 -15.18
N ILE B 107 11.80 27.70 -15.89
CA ILE B 107 11.76 27.14 -17.23
C ILE B 107 11.03 28.12 -18.14
N GLU B 108 11.28 27.98 -19.44
CA GLU B 108 10.65 28.86 -20.42
C GLU B 108 10.56 28.13 -21.75
N GLU B 109 9.66 28.63 -22.60
CA GLU B 109 9.46 28.09 -23.93
C GLU B 109 9.28 29.24 -24.91
N GLN B 110 9.88 29.12 -26.09
CA GLN B 110 9.81 30.13 -27.14
C GLN B 110 9.12 29.50 -28.35
N ASN B 111 7.80 29.70 -28.43
CA ASN B 111 7.00 29.17 -29.53
C ASN B 111 6.95 30.22 -30.64
N ARG B 112 7.71 30.00 -31.71
CA ARG B 112 7.72 30.93 -32.82
C ARG B 112 6.49 30.81 -33.72
N SER B 113 5.79 29.68 -33.65
CA SER B 113 4.59 29.51 -34.47
C SER B 113 3.45 30.39 -33.98
N SER B 114 3.04 30.20 -32.73
CA SER B 114 1.99 31.03 -32.13
C SER B 114 2.49 32.42 -31.75
N GLY B 115 3.79 32.64 -31.74
CA GLY B 115 4.34 33.94 -31.39
C GLY B 115 4.10 34.34 -29.96
N MET B 116 4.18 33.41 -29.02
CA MET B 116 3.99 33.68 -27.60
C MET B 116 5.08 32.99 -26.80
N ASP B 117 5.54 33.64 -25.74
CA ASP B 117 6.57 33.10 -24.86
C ASP B 117 5.98 32.88 -23.47
N THR B 118 6.37 31.77 -22.85
CA THR B 118 5.89 31.41 -21.53
C THR B 118 7.07 31.19 -20.60
N LYS B 119 6.97 31.70 -19.37
CA LYS B 119 8.01 31.52 -18.37
C LYS B 119 7.36 31.17 -17.04
N VAL B 120 7.89 30.16 -16.37
CA VAL B 120 7.36 29.68 -15.10
C VAL B 120 8.50 29.64 -14.09
N VAL B 121 8.25 30.15 -12.88
CA VAL B 121 9.25 30.20 -11.83
C VAL B 121 8.69 29.50 -10.59
N TYR B 122 9.47 28.60 -10.01
CA TYR B 122 9.10 27.88 -8.81
C TYR B 122 10.08 28.22 -7.68
N TYR B 123 9.54 28.51 -6.51
CA TYR B 123 10.37 28.64 -5.32
C TYR B 123 9.49 28.48 -4.08
N THR B 124 10.13 28.13 -2.97
CA THR B 124 9.45 27.94 -1.70
C THR B 124 9.38 29.26 -0.94
N LEU B 125 8.23 29.52 -0.33
CA LEU B 125 8.04 30.77 0.39
C LEU B 125 8.86 30.77 1.67
N PRO B 126 9.81 31.70 1.83
CA PRO B 126 10.67 31.69 3.01
C PRO B 126 10.16 32.62 4.12
N GLY B 127 10.46 32.21 5.35
CA GLY B 127 10.23 33.06 6.51
C GLY B 127 8.80 33.48 6.75
N GLU B 128 7.86 32.55 6.68
CA GLU B 128 6.47 32.85 6.94
C GLU B 128 5.86 31.77 7.80
N ASN B 129 4.78 32.13 8.51
CA ASN B 129 4.10 31.19 9.39
C ASN B 129 3.42 30.07 8.63
N VAL B 130 3.19 30.23 7.33
CA VAL B 130 2.51 29.25 6.51
C VAL B 130 3.45 28.78 5.41
N GLY B 131 3.63 27.47 5.31
CA GLY B 131 4.46 26.89 4.28
C GLY B 131 3.68 26.69 3.00
N ALA B 132 4.23 27.17 1.89
CA ALA B 132 3.54 27.10 0.60
C ALA B 132 4.58 27.12 -0.51
N LEU B 133 4.11 26.90 -1.74
CA LEU B 133 4.94 26.88 -2.93
C LEU B 133 4.48 28.00 -3.86
N VAL B 134 5.31 29.03 -4.00
CA VAL B 134 4.99 30.16 -4.86
C VAL B 134 5.25 29.76 -6.31
N ARG B 135 4.36 30.20 -7.21
CA ARG B 135 4.48 29.89 -8.63
C ARG B 135 4.11 31.13 -9.42
N VAL B 136 5.01 31.55 -10.31
CA VAL B 136 4.83 32.75 -11.11
C VAL B 136 4.79 32.35 -12.57
N VAL B 137 3.75 32.78 -13.28
CA VAL B 137 3.56 32.46 -14.69
C VAL B 137 3.45 33.76 -15.46
N SER B 138 4.24 33.89 -16.53
CA SER B 138 4.23 35.07 -17.37
C SER B 138 4.12 34.67 -18.83
N VAL B 139 3.28 35.39 -19.57
CA VAL B 139 3.08 35.16 -20.99
C VAL B 139 3.32 36.47 -21.72
N THR B 140 4.16 36.43 -22.75
CA THR B 140 4.54 37.62 -23.51
C THR B 140 4.14 37.46 -24.96
N ASN B 141 3.60 38.53 -25.54
CA ASN B 141 3.18 38.53 -26.94
C ASN B 141 4.33 38.98 -27.83
N GLN B 142 4.74 38.11 -28.75
CA GLN B 142 5.86 38.39 -29.65
C GLN B 142 5.40 38.57 -31.10
N SER B 143 4.10 38.61 -31.35
CA SER B 143 3.59 38.76 -32.70
C SER B 143 3.65 40.23 -33.10
N GLY B 144 3.10 40.54 -34.28
CA GLY B 144 3.12 41.91 -34.77
C GLY B 144 1.78 42.61 -34.69
N GLU B 145 0.75 41.87 -34.26
CA GLU B 145 -0.60 42.42 -34.16
C GLU B 145 -1.18 42.15 -32.78
N PRO B 146 -2.08 42.99 -32.32
CA PRO B 146 -2.77 42.71 -31.05
C PRO B 146 -3.56 41.41 -31.13
N ILE B 147 -3.59 40.69 -30.02
CA ILE B 147 -4.25 39.40 -29.95
C ILE B 147 -5.20 39.37 -28.76
N GLU B 148 -6.20 38.51 -28.84
CA GLU B 148 -7.17 38.29 -27.77
C GLU B 148 -6.84 36.96 -27.11
N LEU B 149 -6.34 37.03 -25.87
CA LEU B 149 -5.80 35.88 -25.17
C LEU B 149 -6.69 35.53 -23.98
N GLU B 150 -6.99 34.25 -23.84
CA GLU B 150 -7.68 33.72 -22.67
C GLU B 150 -6.80 32.63 -22.06
N LEU B 151 -6.45 32.79 -20.79
CA LEU B 151 -5.47 31.95 -20.12
C LEU B 151 -6.13 31.16 -19.01
N ILE B 152 -5.73 29.89 -18.88
CA ILE B 152 -6.13 29.03 -17.78
C ILE B 152 -4.89 28.31 -17.26
N ASP B 153 -4.67 28.37 -15.95
CA ASP B 153 -3.49 27.76 -15.36
C ASP B 153 -3.83 27.25 -13.97
N GLY B 154 -3.35 26.05 -13.65
CA GLY B 154 -3.58 25.50 -12.34
C GLY B 154 -3.18 24.03 -12.27
N MET B 155 -3.57 23.39 -11.17
CA MET B 155 -3.26 22.01 -10.89
C MET B 155 -4.51 21.15 -11.02
N PRO B 156 -4.47 20.06 -11.79
CA PRO B 156 -5.70 19.30 -12.06
C PRO B 156 -6.11 18.34 -10.97
N ALA B 157 -5.26 18.08 -9.98
CA ALA B 157 -5.60 17.11 -8.93
C ALA B 157 -5.01 17.60 -7.61
N VAL B 158 -5.88 17.92 -6.66
CA VAL B 158 -5.48 18.35 -5.32
C VAL B 158 -6.02 17.33 -4.33
N ILE B 159 -5.12 16.71 -3.57
CA ILE B 159 -5.52 15.72 -2.58
C ILE B 159 -6.07 16.44 -1.36
N PRO B 160 -7.31 16.19 -0.97
CA PRO B 160 -7.86 16.85 0.23
C PRO B 160 -7.12 16.42 1.48
N TYR B 161 -7.05 17.34 2.43
CA TYR B 161 -6.37 17.07 3.69
C TYR B 161 -7.07 15.95 4.46
N GLY B 162 -6.29 15.03 5.01
CA GLY B 162 -6.81 13.92 5.76
C GLY B 162 -6.90 12.60 5.01
N VAL B 163 -6.40 12.54 3.79
CA VAL B 163 -6.42 11.32 2.98
C VAL B 163 -5.02 10.74 2.96
N SER B 164 -4.89 9.50 3.42
CA SER B 164 -3.60 8.85 3.47
C SER B 164 -3.18 8.37 2.08
N MET B 165 -1.86 8.17 1.93
CA MET B 165 -1.31 7.76 0.64
C MET B 165 -1.81 6.38 0.23
N ASP B 166 -1.80 5.43 1.17
CA ASP B 166 -2.26 4.07 0.84
C ASP B 166 -3.73 4.07 0.47
N SER B 167 -4.54 4.88 1.16
CA SER B 167 -5.94 5.00 0.80
C SER B 167 -6.09 5.52 -0.62
N MET B 168 -5.34 6.57 -0.96
CA MET B 168 -5.45 7.15 -2.30
C MET B 168 -5.03 6.14 -3.37
N LYS B 169 -4.01 5.34 -3.10
CA LYS B 169 -3.50 4.41 -4.09
C LYS B 169 -4.22 3.06 -4.12
N ASN B 170 -5.07 2.77 -3.13
CA ASN B 170 -5.78 1.50 -3.12
C ASN B 170 -7.28 1.64 -3.21
N MET B 171 -7.89 2.46 -2.37
CA MET B 171 -9.34 2.58 -2.27
C MET B 171 -9.80 3.96 -2.74
N GLY B 172 -9.19 4.45 -3.83
CA GLY B 172 -9.46 5.79 -4.28
C GLY B 172 -10.91 6.02 -4.70
N GLN B 173 -11.51 5.04 -5.36
CA GLN B 173 -12.89 5.20 -5.82
C GLN B 173 -13.85 5.38 -4.65
N THR B 174 -13.68 4.60 -3.59
CA THR B 174 -14.52 4.74 -2.41
C THR B 174 -14.14 5.95 -1.57
N ALA B 175 -12.88 6.40 -1.63
CA ALA B 175 -12.45 7.53 -0.82
C ALA B 175 -13.05 8.85 -1.28
N LYS B 176 -13.67 8.90 -2.46
CA LYS B 176 -14.24 10.14 -2.95
C LYS B 176 -15.51 10.55 -2.20
N ALA B 177 -16.05 9.69 -1.34
CA ALA B 177 -17.24 10.05 -0.59
C ALA B 177 -16.94 11.09 0.48
N TRP B 178 -15.72 11.11 1.01
CA TRP B 178 -15.35 12.04 2.06
C TRP B 178 -14.78 13.36 1.55
N MET B 179 -14.58 13.51 0.24
CA MET B 179 -13.94 14.69 -0.30
C MET B 179 -14.94 15.82 -0.49
N GLN B 180 -14.50 17.05 -0.22
CA GLN B 180 -15.33 18.23 -0.41
C GLN B 180 -14.43 19.45 -0.53
N VAL B 181 -15.01 20.53 -1.05
CA VAL B 181 -14.34 21.81 -1.17
C VAL B 181 -15.32 22.90 -0.74
N GLU B 182 -14.83 23.86 0.05
CA GLU B 182 -15.68 24.89 0.62
C GLU B 182 -15.01 26.25 0.48
N ASP B 183 -15.77 27.30 0.79
CA ASP B 183 -15.30 28.68 0.73
C ASP B 183 -14.83 29.05 -0.68
N LEU B 184 -15.77 28.99 -1.62
CA LEU B 184 -15.48 29.37 -3.00
C LEU B 184 -15.81 30.82 -3.30
N SER B 185 -16.83 31.38 -2.63
CA SER B 185 -17.20 32.77 -2.86
C SER B 185 -16.09 33.72 -2.44
N GLU B 186 -15.42 33.41 -1.31
CA GLU B 186 -14.37 34.27 -0.80
C GLU B 186 -13.10 34.21 -1.62
N GLY B 187 -12.99 33.26 -2.56
CA GLY B 187 -11.79 33.14 -3.36
C GLY B 187 -10.67 32.35 -2.73
N LEU B 188 -10.93 31.68 -1.61
CA LEU B 188 -9.93 30.87 -0.91
C LEU B 188 -10.51 29.48 -0.69
N PRO B 189 -10.46 28.62 -1.71
CA PRO B 189 -10.99 27.26 -1.56
C PRO B 189 -10.24 26.51 -0.46
N TYR B 190 -10.98 25.67 0.26
CA TYR B 190 -10.44 24.90 1.38
C TYR B 190 -10.73 23.44 1.13
N TYR B 191 -9.69 22.64 0.94
CA TYR B 191 -9.83 21.22 0.63
C TYR B 191 -9.56 20.40 1.89
N ARG B 192 -10.58 19.68 2.36
CA ARG B 192 -10.43 18.80 3.50
C ARG B 192 -11.56 17.78 3.48
N VAL B 193 -11.39 16.72 4.27
CA VAL B 193 -12.39 15.67 4.35
C VAL B 193 -13.52 16.09 5.27
N ARG B 194 -14.71 15.54 5.04
CA ARG B 194 -15.87 15.87 5.87
C ARG B 194 -15.68 15.34 7.28
N ALA B 195 -15.13 14.14 7.43
CA ALA B 195 -14.92 13.53 8.73
C ALA B 195 -13.71 12.61 8.64
N SER B 196 -13.22 12.20 9.81
CA SER B 196 -12.03 11.36 9.86
C SER B 196 -12.28 10.02 9.16
N MET B 197 -11.32 9.62 8.32
CA MET B 197 -11.45 8.36 7.59
C MET B 197 -11.44 7.17 8.53
N ASP B 198 -10.52 7.15 9.49
CA ASP B 198 -10.40 6.02 10.40
C ASP B 198 -11.57 5.98 11.37
N ASP B 199 -11.84 4.78 11.88
CA ASP B 199 -12.95 4.56 12.81
C ASP B 199 -12.46 4.63 14.25
N THR B 200 -11.99 5.82 14.63
CA THR B 200 -11.50 6.07 15.98
C THR B 200 -12.09 7.40 16.47
N ALA B 201 -11.56 7.89 17.58
CA ALA B 201 -12.07 9.11 18.18
C ALA B 201 -11.61 10.33 17.39
N ALA B 202 -11.85 11.52 17.97
CA ALA B 202 -11.58 12.80 17.32
C ALA B 202 -12.32 12.90 15.99
N VAL B 203 -13.61 12.56 16.01
CA VAL B 203 -14.43 12.69 14.81
C VAL B 203 -14.75 14.16 14.57
N ARG B 204 -14.98 14.52 13.31
CA ARG B 204 -15.14 15.90 12.87
C ARG B 204 -14.11 16.83 13.50
N ARG B 205 -12.86 16.37 13.60
CA ARG B 205 -11.77 17.16 14.13
C ARG B 205 -10.76 17.58 13.06
N ILE B 206 -10.99 17.19 11.80
CA ILE B 206 -10.09 17.59 10.72
C ILE B 206 -10.30 19.07 10.45
N ASP B 207 -9.36 19.89 10.90
CA ASP B 207 -9.44 21.33 10.76
C ASP B 207 -8.47 21.89 9.72
N GLY B 208 -7.31 21.30 9.57
CA GLY B 208 -6.38 21.73 8.55
C GLY B 208 -6.87 21.41 7.16
N GLY B 209 -6.30 22.11 6.19
CA GLY B 209 -6.70 21.90 4.80
C GLY B 209 -5.71 22.56 3.87
N ASN B 210 -5.91 22.31 2.58
CA ASN B 210 -5.08 22.90 1.54
C ASN B 210 -5.80 24.09 0.92
N PHE B 211 -5.05 25.13 0.61
CA PHE B 211 -5.61 26.36 0.07
C PHE B 211 -4.82 26.78 -1.16
N SER B 212 -5.50 27.50 -2.06
CA SER B 212 -4.88 28.04 -3.25
C SER B 212 -5.43 29.43 -3.51
N ALA B 213 -4.55 30.37 -3.82
CA ALA B 213 -4.93 31.74 -4.08
C ALA B 213 -4.13 32.28 -5.26
N CYS B 214 -4.81 32.94 -6.18
CA CYS B 214 -4.18 33.51 -7.36
C CYS B 214 -4.55 34.98 -7.47
N CYS B 215 -3.55 35.81 -7.78
CA CYS B 215 -3.77 37.24 -7.91
C CYS B 215 -2.82 37.80 -8.95
N GLU B 216 -3.22 38.93 -9.54
CA GLU B 216 -2.40 39.61 -10.52
C GLU B 216 -1.53 40.66 -9.82
N ALA B 217 -0.93 41.56 -10.61
CA ALA B 217 -0.06 42.59 -10.04
C ALA B 217 -0.84 43.53 -9.12
N ASP B 218 -2.08 43.86 -9.49
CA ASP B 218 -2.87 44.79 -8.69
C ASP B 218 -3.23 44.24 -7.32
N GLY B 219 -3.17 42.91 -7.13
CA GLY B 219 -3.40 42.31 -5.84
C GLY B 219 -4.78 41.75 -5.61
N ARG B 220 -5.68 41.87 -6.57
CA ARG B 220 -7.02 41.32 -6.41
C ARG B 220 -7.02 39.83 -6.69
N ARG B 221 -7.77 39.08 -5.87
CA ARG B 221 -7.83 37.63 -6.04
C ARG B 221 -8.85 37.26 -7.11
N LEU B 222 -8.72 36.03 -7.60
CA LEU B 222 -9.52 35.54 -8.72
C LEU B 222 -10.40 34.39 -8.27
N GLN B 223 -11.54 34.23 -8.95
CA GLN B 223 -12.47 33.15 -8.64
C GLN B 223 -11.92 31.84 -9.16
N PRO B 224 -11.78 30.82 -8.31
CA PRO B 224 -11.19 29.55 -8.75
C PRO B 224 -12.21 28.66 -9.45
N ILE B 225 -11.68 27.61 -10.07
CA ILE B 225 -12.48 26.55 -10.68
C ILE B 225 -12.06 25.24 -10.03
N VAL B 226 -13.02 24.54 -9.42
CA VAL B 226 -12.75 23.32 -8.68
C VAL B 226 -13.37 22.09 -9.31
N ASP B 227 -14.09 22.25 -10.42
CA ASP B 227 -14.71 21.11 -11.08
C ASP B 227 -13.97 20.80 -12.37
N PRO B 228 -13.22 19.69 -12.44
CA PRO B 228 -12.49 19.37 -13.67
C PRO B 228 -13.38 19.11 -14.86
N SER B 229 -14.66 18.76 -14.65
CA SER B 229 -15.55 18.47 -15.76
C SER B 229 -15.89 19.72 -16.57
N LEU B 230 -15.64 20.91 -16.02
CA LEU B 230 -15.90 22.14 -16.75
C LEU B 230 -14.82 22.48 -17.76
N ILE B 231 -13.69 21.79 -17.73
CA ILE B 231 -12.58 22.05 -18.63
C ILE B 231 -12.36 20.89 -19.61
N PHE B 232 -12.51 19.66 -19.15
CA PHE B 232 -12.28 18.49 -19.98
C PHE B 232 -13.55 17.80 -20.44
N SER B 233 -14.68 18.06 -19.79
CA SER B 233 -16.00 17.53 -20.18
C SER B 233 -15.93 16.01 -20.12
N TYR B 234 -16.21 15.30 -21.21
CA TYR B 234 -16.24 13.84 -21.18
C TYR B 234 -14.85 13.21 -21.19
N ASP B 235 -13.81 13.98 -21.50
CA ASP B 235 -12.45 13.46 -21.60
C ASP B 235 -11.90 13.28 -20.19
N LEU B 236 -11.87 12.04 -19.72
CA LEU B 236 -11.38 11.73 -18.39
C LEU B 236 -9.88 11.47 -18.34
N SER B 237 -9.20 11.48 -19.49
CA SER B 237 -7.76 11.26 -19.53
C SER B 237 -6.97 12.53 -19.28
N LEU B 238 -7.64 13.67 -19.14
CA LEU B 238 -6.98 14.96 -18.90
C LEU B 238 -5.97 15.27 -20.00
N LYS B 239 -6.31 14.92 -21.24
CA LYS B 239 -5.44 15.14 -22.38
C LYS B 239 -5.91 16.26 -23.31
N ARG B 240 -7.20 16.52 -23.36
CA ARG B 240 -7.76 17.54 -24.24
C ARG B 240 -8.73 18.43 -23.45
N PRO B 241 -8.56 19.74 -23.48
CA PRO B 241 -9.53 20.64 -22.83
C PRO B 241 -10.75 20.88 -23.72
N VAL B 242 -11.60 19.85 -23.84
CA VAL B 242 -12.75 19.93 -24.72
C VAL B 242 -13.72 21.00 -24.26
N GLY B 243 -13.98 21.08 -22.96
CA GLY B 243 -14.87 22.10 -22.44
C GLY B 243 -14.36 23.50 -22.71
N PHE B 244 -13.05 23.71 -22.57
CA PHE B 244 -12.48 25.02 -22.86
C PHE B 244 -12.63 25.36 -24.34
N GLU B 245 -12.43 24.39 -25.22
CA GLU B 245 -12.55 24.65 -26.65
C GLU B 245 -13.99 24.96 -27.04
N GLU B 246 -14.95 24.25 -26.43
CA GLU B 246 -16.35 24.40 -26.85
C GLU B 246 -16.93 25.74 -26.40
N ARG B 247 -16.55 26.22 -25.22
CA ARG B 247 -17.22 27.36 -24.62
C ARG B 247 -16.21 28.43 -24.21
N PRO B 248 -16.63 29.69 -24.21
CA PRO B 248 -15.73 30.77 -23.79
C PRO B 248 -15.44 30.70 -22.29
N LEU B 249 -14.36 31.37 -21.89
CA LEU B 249 -13.97 31.39 -20.49
C LEU B 249 -15.01 32.09 -19.64
N LYS B 250 -15.61 33.16 -20.15
CA LYS B 250 -16.58 33.93 -19.37
C LYS B 250 -17.79 33.08 -19.00
N GLU B 251 -18.25 32.24 -19.92
CA GLU B 251 -19.41 31.40 -19.65
C GLU B 251 -19.09 30.36 -18.58
N LEU B 252 -17.86 29.84 -18.56
CA LEU B 252 -17.51 28.79 -17.61
C LEU B 252 -17.60 29.27 -16.17
N LEU B 253 -17.15 30.51 -15.90
CA LEU B 253 -17.15 31.02 -14.54
C LEU B 253 -18.56 31.23 -14.00
N LEU B 254 -19.56 31.33 -14.86
CA LEU B 254 -20.94 31.56 -14.43
C LEU B 254 -21.73 30.28 -14.24
N GLU B 255 -21.11 29.12 -14.45
CA GLU B 255 -21.81 27.84 -14.34
C GLU B 255 -21.61 27.23 -12.97
N GLU B 256 -22.63 26.52 -12.49
CA GLU B 256 -22.56 25.86 -11.21
C GLU B 256 -21.53 24.73 -11.25
N GLN B 257 -20.80 24.55 -10.16
CA GLN B 257 -19.71 23.59 -10.09
C GLN B 257 -20.00 22.55 -9.01
N MET B 258 -19.50 21.33 -9.23
CA MET B 258 -19.55 20.31 -8.19
C MET B 258 -18.64 20.69 -7.04
N THR B 259 -19.07 20.38 -5.83
CA THR B 259 -18.28 20.65 -4.64
C THR B 259 -18.12 19.44 -3.72
N GLN B 260 -18.84 18.35 -3.96
CA GLN B 260 -18.75 17.16 -3.12
C GLN B 260 -18.73 15.92 -3.99
N ASN B 261 -18.15 14.85 -3.45
CA ASN B 261 -18.05 13.56 -4.12
C ASN B 261 -17.30 13.68 -5.45
N LEU B 262 -16.11 14.26 -5.40
CA LEU B 262 -15.27 14.40 -6.58
C LEU B 262 -13.84 14.65 -6.13
N LEU B 263 -12.92 14.54 -7.09
CA LEU B 263 -11.53 14.87 -6.84
C LEU B 263 -11.31 16.32 -7.28
N PRO B 264 -11.22 17.26 -6.34
CA PRO B 264 -11.20 18.67 -6.71
C PRO B 264 -9.91 19.08 -7.41
N CYS B 265 -10.02 20.15 -8.20
CA CYS B 265 -8.88 20.75 -8.86
C CYS B 265 -8.82 22.24 -8.54
N SER B 266 -7.92 22.97 -9.19
CA SER B 266 -7.79 24.41 -8.94
C SER B 266 -7.24 25.06 -10.21
N PHE B 267 -8.12 25.71 -10.96
CA PHE B 267 -7.75 26.42 -12.18
C PHE B 267 -8.22 27.86 -12.09
N TYR B 268 -7.35 28.78 -12.52
CA TYR B 268 -7.66 30.20 -12.53
C TYR B 268 -7.57 30.74 -13.94
N GLY B 269 -8.51 31.59 -14.31
CA GLY B 269 -8.59 32.08 -15.67
C GLY B 269 -8.83 33.59 -15.70
N ILE B 270 -8.22 34.23 -16.69
CA ILE B 270 -8.40 35.66 -16.93
C ILE B 270 -8.56 35.88 -18.43
N THR B 271 -9.12 37.04 -18.78
CA THR B 271 -9.31 37.44 -20.17
C THR B 271 -8.64 38.79 -20.39
N ARG B 272 -7.86 38.90 -21.45
CA ARG B 272 -7.11 40.11 -21.71
C ARG B 272 -6.83 40.21 -23.21
N THR B 273 -6.64 41.45 -23.66
CA THR B 273 -6.19 41.72 -25.03
C THR B 273 -4.77 42.29 -24.95
N LEU B 274 -3.84 41.61 -25.59
CA LEU B 274 -2.42 41.95 -25.48
C LEU B 274 -1.98 42.75 -26.70
N ALA B 275 -1.46 43.95 -26.46
CA ALA B 275 -0.80 44.71 -27.51
C ALA B 275 0.55 44.08 -27.83
N PRO B 276 1.09 44.36 -29.01
CA PRO B 276 2.43 43.83 -29.35
C PRO B 276 3.46 44.27 -28.31
N GLY B 277 4.16 43.29 -27.74
CA GLY B 277 5.13 43.55 -26.69
C GLY B 277 4.58 43.52 -25.28
N GLY B 278 3.27 43.34 -25.12
CA GLY B 278 2.69 43.29 -23.80
C GLY B 278 2.92 41.97 -23.09
N SER B 279 2.53 41.93 -21.82
CA SER B 279 2.73 40.73 -21.01
C SER B 279 1.65 40.63 -19.95
N VAL B 280 1.43 39.41 -19.48
CA VAL B 280 0.47 39.12 -18.43
C VAL B 280 1.15 38.20 -17.41
N THR B 281 1.02 38.54 -16.13
CA THR B 281 1.68 37.80 -15.06
C THR B 281 0.66 37.37 -14.01
N LEU B 282 0.80 36.15 -13.52
CA LEU B 282 -0.03 35.61 -12.45
C LEU B 282 0.86 35.11 -11.32
N TYR B 283 0.32 35.16 -10.10
CA TYR B 283 1.01 34.68 -8.92
C TYR B 283 0.09 33.74 -8.16
N GLU B 284 0.65 32.63 -7.66
CA GLU B 284 -0.13 31.60 -7.00
C GLU B 284 0.54 31.17 -5.72
N LEU B 285 -0.27 30.64 -4.81
CA LEU B 285 0.21 30.16 -3.50
C LEU B 285 -0.58 28.90 -3.16
N ILE B 286 0.11 27.77 -3.09
CA ILE B 286 -0.50 26.50 -2.72
C ILE B 286 0.21 26.00 -1.45
N GLY B 287 -0.56 25.83 -0.38
CA GLY B 287 0.03 25.42 0.89
C GLY B 287 -0.90 24.65 1.77
N GLN B 288 -0.53 24.49 3.04
CA GLN B 288 -1.32 23.71 3.99
C GLN B 288 -1.25 24.36 5.36
N VAL B 289 -2.40 24.53 6.00
CA VAL B 289 -2.47 25.11 7.33
C VAL B 289 -3.14 24.12 8.27
N GLU B 290 -3.28 24.50 9.54
CA GLU B 290 -3.93 23.64 10.53
C GLU B 290 -5.32 24.10 10.94
N ASN B 291 -5.66 25.36 10.70
CA ASN B 291 -6.99 25.87 11.01
C ASN B 291 -7.28 27.07 10.14
N LYS B 292 -8.57 27.37 9.98
CA LYS B 292 -8.97 28.49 9.14
C LYS B 292 -8.55 29.83 9.72
N GLN B 293 -8.44 29.93 11.05
CA GLN B 293 -8.09 31.20 11.67
C GLN B 293 -6.71 31.65 11.25
N LEU B 294 -5.74 30.73 11.22
CA LEU B 294 -4.39 31.09 10.80
C LEU B 294 -4.36 31.53 9.34
N LEU B 295 -5.10 30.83 8.48
CA LEU B 295 -5.16 31.21 7.07
C LEU B 295 -5.77 32.58 6.89
N LYS B 296 -6.85 32.88 7.62
CA LYS B 296 -7.47 34.19 7.54
C LYS B 296 -6.53 35.28 8.05
N GLU B 297 -5.81 35.00 9.14
CA GLU B 297 -4.89 35.99 9.70
C GLU B 297 -3.72 36.25 8.75
N TYR B 298 -3.27 35.22 8.03
CA TYR B 298 -2.17 35.40 7.09
C TYR B 298 -2.57 36.33 5.95
N PHE B 299 -3.79 36.18 5.44
CA PHE B 299 -4.28 37.01 4.35
C PHE B 299 -4.97 38.29 4.85
N ALA B 300 -4.71 38.69 6.08
CA ALA B 300 -5.28 39.94 6.59
C ALA B 300 -4.71 41.16 5.86
N GLU B 301 -3.55 41.02 5.23
CA GLU B 301 -2.93 42.10 4.47
C GLU B 301 -2.76 41.69 3.03
N LYS B 302 -2.95 42.64 2.12
CA LYS B 302 -2.91 42.35 0.69
C LYS B 302 -1.51 41.96 0.25
N LYS B 303 -1.44 41.04 -0.71
CA LYS B 303 -0.19 40.56 -1.28
C LYS B 303 -0.09 41.06 -2.73
N ASP B 304 1.06 41.61 -3.08
CA ASP B 304 1.25 42.15 -4.43
C ASP B 304 2.58 41.72 -5.03
N ALA B 305 2.91 42.26 -6.21
CA ALA B 305 4.10 41.81 -6.94
C ALA B 305 5.37 42.10 -6.16
N ALA B 306 5.44 43.26 -5.50
CA ALA B 306 6.64 43.59 -4.72
C ALA B 306 6.88 42.57 -3.62
N TYR B 307 5.81 42.12 -2.97
CA TYR B 307 5.94 41.11 -1.93
C TYR B 307 6.56 39.83 -2.49
N PHE B 308 6.06 39.38 -3.64
CA PHE B 308 6.57 38.13 -4.22
C PHE B 308 8.02 38.26 -4.68
N GLU B 309 8.37 39.40 -5.29
CA GLU B 309 9.76 39.54 -5.74
C GLU B 309 10.70 39.67 -4.55
N ALA B 310 10.28 40.35 -3.49
CA ALA B 310 11.09 40.41 -2.28
C ALA B 310 11.26 39.03 -1.67
N LYS B 311 10.20 38.22 -1.66
CA LYS B 311 10.31 36.86 -1.15
C LYS B 311 11.26 36.03 -1.99
N LYS B 312 11.21 36.19 -3.31
CA LYS B 312 12.13 35.45 -4.18
C LYS B 312 13.58 35.85 -3.91
N ARG B 313 13.84 37.15 -3.78
CA ARG B 313 15.20 37.60 -3.47
C ARG B 313 15.66 37.07 -2.12
N GLU B 314 14.78 37.07 -1.12
CA GLU B 314 15.12 36.52 0.18
C GLU B 314 15.43 35.04 0.09
N ALA B 315 14.65 34.29 -0.69
CA ALA B 315 14.88 32.86 -0.83
C ALA B 315 16.24 32.59 -1.47
N ASP B 316 16.59 33.35 -2.51
CA ASP B 316 17.91 33.18 -3.12
C ASP B 316 19.03 33.54 -2.15
N GLU B 317 18.87 34.67 -1.44
CA GLU B 317 19.92 35.13 -0.53
C GLU B 317 20.10 34.17 0.63
N LEU B 318 19.04 33.47 1.04
CA LEU B 318 19.16 32.51 2.13
C LEU B 318 20.19 31.44 1.79
N ALA B 319 20.05 30.80 0.62
CA ALA B 319 21.01 29.79 0.21
C ALA B 319 22.38 30.40 -0.07
N GLU B 320 22.40 31.59 -0.70
CA GLU B 320 23.68 32.21 -1.04
C GLU B 320 24.48 32.55 0.22
N ALA B 321 23.81 32.85 1.33
CA ALA B 321 24.48 33.12 2.59
C ALA B 321 24.77 31.86 3.38
N LEU B 322 23.92 30.84 3.26
CA LEU B 322 24.20 29.56 3.91
C LEU B 322 25.47 28.93 3.34
N THR B 323 25.66 29.03 2.03
CA THR B 323 26.81 28.41 1.37
C THR B 323 27.92 29.43 1.10
N ASP B 324 28.11 30.39 2.01
CA ASP B 324 29.12 31.42 1.85
C ASP B 324 30.43 31.08 2.56
N GLY B 325 30.51 29.93 3.22
CA GLY B 325 31.70 29.54 3.95
C GLY B 325 32.68 28.66 3.21
N ILE B 326 32.46 28.42 1.91
CA ILE B 326 33.34 27.55 1.14
C ILE B 326 33.69 28.25 -0.18
N ARG B 327 33.39 29.56 -0.24
CA ARG B 327 33.63 30.33 -1.45
C ARG B 327 35.11 30.29 -1.84
N THR B 328 35.37 29.99 -3.12
CA THR B 328 36.72 29.88 -3.63
C THR B 328 36.78 30.53 -5.01
N ARG B 329 37.98 30.58 -5.57
CA ARG B 329 38.19 31.09 -6.92
C ARG B 329 39.31 30.30 -7.57
N THR B 330 38.99 29.63 -8.69
CA THR B 330 39.97 28.83 -9.40
C THR B 330 39.90 29.07 -10.89
N ALA B 331 40.59 28.24 -11.68
CA ALA B 331 40.60 28.42 -13.12
C ALA B 331 39.21 28.22 -13.73
N SER B 332 38.49 27.21 -13.25
CA SER B 332 37.17 26.88 -13.77
C SER B 332 36.11 27.18 -12.73
N ALA B 333 35.08 27.94 -13.13
CA ALA B 333 33.98 28.24 -12.23
C ALA B 333 33.18 27.00 -11.85
N ALA B 334 33.20 25.97 -12.70
CA ALA B 334 32.48 24.74 -12.38
C ALA B 334 33.00 24.13 -11.08
N PHE B 335 34.31 24.26 -10.82
CA PHE B 335 34.87 23.68 -9.60
C PHE B 335 34.28 24.32 -8.36
N ASP B 336 34.25 25.65 -8.31
CA ASP B 336 33.70 26.32 -7.13
C ASP B 336 32.19 26.15 -7.03
N ALA B 337 31.49 26.11 -8.18
CA ALA B 337 30.06 25.82 -8.14
C ALA B 337 29.80 24.44 -7.55
N TYR B 338 30.59 23.45 -7.96
CA TYR B 338 30.45 22.11 -7.41
C TYR B 338 30.79 22.09 -5.92
N CYS B 339 31.79 22.87 -5.51
CA CYS B 339 32.13 22.97 -4.10
C CYS B 339 30.96 23.50 -3.29
N ARG B 340 30.33 24.57 -3.77
CA ARG B 340 29.19 25.14 -3.07
C ARG B 340 28.03 24.17 -3.01
N TYR B 341 27.74 23.50 -4.13
CA TYR B 341 26.64 22.52 -4.14
C TYR B 341 26.92 21.37 -3.18
N THR B 342 28.17 20.89 -3.14
CA THR B 342 28.54 19.81 -2.25
C THR B 342 28.39 20.23 -0.79
N TYR B 343 28.83 21.45 -0.46
CA TYR B 343 28.68 21.94 0.91
C TYR B 343 27.20 22.06 1.27
N MET B 344 26.38 22.53 0.35
CA MET B 344 24.94 22.63 0.61
C MET B 344 24.34 21.26 0.86
N ASP B 345 24.71 20.26 0.05
CA ASP B 345 24.17 18.92 0.25
C ASP B 345 24.62 18.32 1.57
N ASN B 346 25.89 18.54 1.94
CA ASN B 346 26.38 18.04 3.22
C ASN B 346 25.64 18.69 4.38
N VAL B 347 25.39 20.00 4.29
CA VAL B 347 24.63 20.69 5.33
C VAL B 347 23.21 20.14 5.39
N LEU B 348 22.60 19.91 4.22
CA LEU B 348 21.23 19.43 4.18
C LEU B 348 21.10 18.06 4.83
N ARG B 349 22.05 17.16 4.57
CA ARG B 349 21.96 15.82 5.14
C ARG B 349 22.40 15.76 6.60
N GLY B 350 23.41 16.51 6.99
CA GLY B 350 23.93 16.43 8.34
C GLY B 350 23.29 17.40 9.31
N GLY B 351 23.27 18.68 8.95
CA GLY B 351 22.71 19.70 9.81
C GLY B 351 23.65 20.88 10.01
N TYR B 352 23.16 22.09 9.76
CA TYR B 352 23.99 23.27 9.87
C TYR B 352 24.15 23.67 11.33
N PRO B 353 25.37 23.75 11.85
CA PRO B 353 25.54 24.18 13.25
C PRO B 353 25.20 25.65 13.42
N MET B 354 24.64 25.97 14.58
CA MET B 354 24.33 27.35 14.93
C MET B 354 24.39 27.49 16.44
N GLN B 355 24.58 28.73 16.90
CA GLN B 355 24.70 29.03 18.31
C GLN B 355 23.36 29.53 18.82
N LEU B 356 22.70 28.73 19.65
CA LEU B 356 21.39 29.05 20.19
C LEU B 356 21.54 29.51 21.63
N GLY B 357 20.88 30.61 21.97
CA GLY B 357 21.02 31.16 23.30
C GLY B 357 22.44 31.63 23.55
N ASN B 358 23.02 31.21 24.67
CA ASN B 358 24.39 31.58 25.02
C ASN B 358 25.29 30.40 25.32
N ASN B 359 24.76 29.21 25.57
CA ASN B 359 25.60 28.06 25.85
C ASN B 359 25.11 26.78 25.18
N LYS B 360 24.14 26.87 24.27
CA LYS B 360 23.59 25.71 23.59
C LYS B 360 24.05 25.67 22.15
N ILE B 361 24.22 24.46 21.63
CA ILE B 361 24.58 24.23 20.23
C ILE B 361 23.44 23.48 19.58
N PHE B 362 22.94 24.01 18.46
CA PHE B 362 21.76 23.48 17.80
C PHE B 362 22.05 23.28 16.32
N TYR B 363 21.44 22.25 15.75
CA TYR B 363 21.58 21.93 14.34
C TYR B 363 20.22 22.05 13.66
N VAL B 364 20.19 22.73 12.51
CA VAL B 364 18.96 22.98 11.79
C VAL B 364 19.05 22.35 10.41
N TYR B 365 17.91 22.26 9.74
CA TYR B 365 17.72 21.81 8.36
C TYR B 365 17.95 20.32 8.20
N SER B 366 18.32 19.58 9.26
CA SER B 366 18.49 18.15 9.15
C SER B 366 17.16 17.46 8.90
N ARG B 367 17.19 16.37 8.15
CA ARG B 367 15.97 15.67 7.79
C ARG B 367 16.29 14.21 7.48
N LYS B 368 15.26 13.38 7.54
CA LYS B 368 15.34 12.01 7.01
C LYS B 368 15.12 12.08 5.51
N HIS B 369 16.18 11.87 4.74
CA HIS B 369 16.10 12.09 3.31
C HIS B 369 15.30 10.99 2.62
N GLY B 370 14.71 11.36 1.48
CA GLY B 370 13.97 10.46 0.63
C GLY B 370 13.58 11.15 -0.66
N ASP B 371 13.57 10.44 -1.77
CA ASP B 371 13.30 11.06 -3.05
C ASP B 371 12.63 10.04 -3.98
N LEU B 372 12.43 10.46 -5.23
CA LEU B 372 11.73 9.62 -6.20
C LEU B 372 12.47 8.33 -6.50
N GLU B 373 13.78 8.28 -6.25
CA GLU B 373 14.56 7.07 -6.45
C GLU B 373 14.82 6.30 -5.16
N ARG B 374 14.88 6.98 -4.03
CA ARG B 374 14.95 6.33 -2.72
C ARG B 374 13.54 6.13 -2.17
N ASP B 375 12.70 5.49 -2.97
CA ASP B 375 11.30 5.33 -2.62
C ASP B 375 11.07 4.36 -1.46
N TYR B 376 12.07 3.56 -1.11
CA TYR B 376 11.92 2.63 0.01
C TYR B 376 11.98 3.35 1.35
N ASN B 377 12.54 4.56 1.41
CA ASN B 377 12.59 5.31 2.65
C ASN B 377 11.25 6.02 2.90
N TYR B 378 11.03 6.37 4.15
CA TYR B 378 9.83 7.09 4.59
C TYR B 378 10.30 8.41 5.18
N PHE B 379 10.43 9.43 4.33
CA PHE B 379 10.97 10.71 4.77
C PHE B 379 9.98 11.44 5.67
N SER B 380 10.53 12.30 6.52
CA SER B 380 9.72 13.07 7.46
C SER B 380 10.43 14.39 7.76
N MET B 381 9.65 15.45 7.91
CA MET B 381 10.16 16.77 8.24
C MET B 381 9.27 17.41 9.29
N LEU B 382 9.85 18.32 10.06
CA LEU B 382 9.10 19.02 11.10
C LEU B 382 8.61 20.35 10.57
N PRO B 383 7.29 20.56 10.45
CA PRO B 383 6.75 21.82 9.91
C PRO B 383 6.58 22.90 10.97
N GLU B 384 7.70 23.40 11.48
CA GLU B 384 7.68 24.49 12.44
C GLU B 384 9.01 25.22 12.41
N PHE B 385 9.11 26.30 13.19
CA PHE B 385 10.34 27.07 13.26
C PHE B 385 11.48 26.21 13.79
N TYR B 386 12.69 26.55 13.38
CA TYR B 386 13.89 25.80 13.75
C TYR B 386 13.76 24.33 13.35
N SER B 387 13.60 24.11 12.04
CA SER B 387 13.35 22.77 11.54
C SER B 387 14.53 21.85 11.81
N GLN B 388 14.22 20.60 12.17
CA GLN B 388 15.24 19.61 12.44
C GLN B 388 14.63 18.23 12.28
N GLY B 389 15.49 17.22 12.19
CA GLY B 389 15.04 15.85 12.05
C GLY B 389 16.09 14.89 12.53
N ASN B 390 15.67 13.65 12.72
CA ASN B 390 16.56 12.58 13.17
C ASN B 390 17.17 11.86 11.97
N GLY B 391 18.06 10.93 12.27
CA GLY B 391 18.72 10.18 11.22
C GLY B 391 19.43 8.97 11.78
N ASN B 392 20.17 8.30 10.88
CA ASN B 392 20.93 7.13 11.28
C ASN B 392 22.22 7.55 11.97
N PHE B 393 22.96 6.57 12.48
CA PHE B 393 24.20 6.86 13.18
C PHE B 393 25.35 7.11 12.22
N ARG B 394 25.51 6.23 11.23
CA ARG B 394 26.66 6.31 10.34
C ARG B 394 26.64 7.60 9.52
N ASP B 395 25.48 7.96 8.97
CA ASP B 395 25.40 9.13 8.10
C ASP B 395 25.69 10.40 8.86
N VAL B 396 25.03 10.59 10.01
CA VAL B 396 25.25 11.80 10.80
C VAL B 396 26.70 11.84 11.32
N ASN B 397 27.23 10.68 11.70
CA ASN B 397 28.61 10.65 12.20
C ASN B 397 29.59 11.04 11.12
N GLN B 398 29.38 10.58 9.88
CA GLN B 398 30.30 10.93 8.80
C GLN B 398 30.13 12.38 8.36
N ASN B 399 28.89 12.88 8.33
CA ASN B 399 28.67 14.23 7.80
C ASN B 399 29.27 15.29 8.70
N ARG B 400 29.37 15.04 10.00
CA ARG B 400 29.92 16.00 10.96
C ARG B 400 31.40 15.78 11.22
N ARG B 401 32.13 15.21 10.25
CA ARG B 401 33.54 14.93 10.47
C ARG B 401 34.36 16.22 10.54
N CYS B 402 34.16 17.12 9.59
CA CYS B 402 34.90 18.38 9.52
C CYS B 402 34.07 19.57 9.99
N ASP B 403 33.17 19.36 10.96
CA ASP B 403 32.31 20.43 11.41
C ASP B 403 33.06 21.43 12.28
N THR B 404 34.09 20.98 12.99
CA THR B 404 34.84 21.88 13.86
C THR B 404 35.60 22.94 13.08
N PHE B 405 36.13 22.57 11.90
CA PHE B 405 36.92 23.51 11.12
C PHE B 405 36.09 24.70 10.67
N PHE B 406 34.87 24.47 10.20
CA PHE B 406 34.03 25.56 9.73
C PHE B 406 33.42 26.35 10.88
N ALA B 407 33.11 25.70 12.00
CA ALA B 407 32.49 26.34 13.16
C ALA B 407 33.35 26.08 14.38
N PRO B 408 34.32 26.95 14.67
CA PRO B 408 35.20 26.72 15.83
C PRO B 408 34.47 26.66 17.15
N PHE B 409 33.35 27.37 17.28
CA PHE B 409 32.64 27.44 18.56
C PHE B 409 32.00 26.10 18.96
N VAL B 410 31.93 25.14 18.04
CA VAL B 410 31.33 23.84 18.37
C VAL B 410 32.14 23.15 19.46
N GLY B 411 33.46 23.15 19.34
CA GLY B 411 34.29 22.53 20.36
C GLY B 411 34.24 21.02 20.27
N ARG B 412 33.99 20.37 21.41
CA ARG B 412 34.00 18.92 21.51
C ARG B 412 32.60 18.34 21.70
N LYS B 413 31.57 19.05 21.22
CA LYS B 413 30.20 18.54 21.34
C LYS B 413 30.03 17.24 20.58
N ASN B 414 30.55 17.17 19.35
CA ASN B 414 30.37 15.98 18.53
C ASN B 414 31.06 14.77 19.14
N ILE B 415 32.27 14.95 19.66
CA ILE B 415 33.03 13.83 20.22
C ILE B 415 32.28 13.24 21.40
N GLN B 416 31.81 14.09 22.32
CA GLN B 416 31.06 13.61 23.47
C GLN B 416 29.75 12.97 23.05
N GLU B 417 29.06 13.58 22.08
CA GLU B 417 27.77 13.05 21.65
C GLU B 417 27.91 11.66 21.03
N PHE B 418 28.94 11.46 20.21
CA PHE B 418 29.11 10.19 19.52
C PHE B 418 29.96 9.19 20.28
N TYR B 419 30.54 9.58 21.41
CA TYR B 419 31.18 8.61 22.30
C TYR B 419 30.31 8.23 23.49
N SER B 420 29.27 9.00 23.79
CA SER B 420 28.32 8.63 24.82
C SER B 420 27.28 7.63 24.34
N LEU B 421 27.25 7.33 23.04
CA LEU B 421 26.33 6.36 22.48
C LEU B 421 26.95 4.96 22.36
N ILE B 422 28.16 4.77 22.85
CA ILE B 422 28.83 3.48 22.81
C ILE B 422 28.48 2.71 24.08
N GLN B 423 27.88 1.54 23.91
CA GLN B 423 27.47 0.73 25.05
C GLN B 423 28.68 0.01 25.65
N LEU B 424 28.45 -0.70 26.74
CA LEU B 424 29.53 -1.41 27.42
C LEU B 424 30.01 -2.64 26.65
N ASP B 425 29.20 -3.14 25.71
CA ASP B 425 29.56 -4.31 24.93
C ASP B 425 30.12 -3.97 23.56
N GLY B 426 30.37 -2.68 23.30
CA GLY B 426 31.01 -2.26 22.07
C GLY B 426 30.07 -1.88 20.94
N TYR B 427 28.79 -2.16 21.07
CA TYR B 427 27.81 -1.82 20.04
C TYR B 427 27.08 -0.53 20.41
N ASN B 428 26.40 0.03 19.41
CA ASN B 428 25.74 1.32 19.58
C ASN B 428 24.35 1.27 18.95
N PRO B 429 23.41 2.06 19.48
CA PRO B 429 22.09 2.12 18.86
C PRO B 429 22.13 2.77 17.49
N LEU B 430 21.19 2.35 16.62
CA LEU B 430 21.16 2.86 15.26
C LEU B 430 20.64 4.29 15.21
N GLY B 431 19.59 4.59 15.96
CA GLY B 431 18.91 5.87 15.84
C GLY B 431 19.51 6.98 16.67
N VAL B 432 19.48 8.18 16.13
CA VAL B 432 19.91 9.40 16.81
C VAL B 432 18.76 10.40 16.66
N GLU B 433 17.90 10.48 17.67
CA GLU B 433 16.71 11.31 17.58
C GLU B 433 17.07 12.79 17.74
N LYS B 434 16.10 13.64 17.42
CA LYS B 434 16.31 15.08 17.43
C LYS B 434 16.44 15.60 18.86
N LEU B 435 17.03 16.77 18.97
CA LEU B 435 17.27 17.38 20.28
C LEU B 435 15.96 17.85 20.91
N THR B 436 15.93 17.83 22.24
CA THR B 436 14.78 18.30 23.00
C THR B 436 15.27 18.81 24.35
N TYR B 437 14.47 19.67 24.97
CA TYR B 437 14.84 20.30 26.22
C TYR B 437 13.71 20.19 27.23
N ARG B 438 14.07 20.19 28.51
CA ARG B 438 13.12 20.08 29.60
C ARG B 438 13.51 21.06 30.70
N LEU B 439 12.51 21.67 31.31
CA LEU B 439 12.72 22.65 32.38
C LEU B 439 12.16 22.12 33.69
N SER B 440 12.83 22.43 34.79
CA SER B 440 12.44 21.95 36.10
C SER B 440 11.31 22.80 36.66
N LYS B 441 11.00 22.62 37.94
CA LYS B 441 9.87 23.32 38.56
C LYS B 441 10.29 24.65 39.18
N GLU B 442 11.27 24.62 40.08
CA GLU B 442 11.67 25.84 40.79
C GLU B 442 12.25 26.88 39.84
N ARG B 443 13.07 26.45 38.87
CA ARG B 443 13.63 27.40 37.91
C ARG B 443 12.53 27.99 37.04
N ALA B 444 11.55 27.18 36.64
CA ALA B 444 10.45 27.69 35.84
C ALA B 444 9.63 28.72 36.63
N LYS B 445 9.37 28.45 37.90
CA LYS B 445 8.59 29.39 38.69
C LYS B 445 9.39 30.65 39.00
N LYS B 446 10.71 30.55 39.08
CA LYS B 446 11.54 31.71 39.37
C LYS B 446 11.70 32.60 38.14
N LEU B 447 11.85 32.00 36.95
CA LEU B 447 12.05 32.80 35.75
C LEU B 447 10.81 33.60 35.38
N LEU B 448 9.63 33.00 35.52
CA LEU B 448 8.37 33.62 35.10
C LEU B 448 7.85 34.49 36.23
N THR B 449 8.28 35.75 36.24
CA THR B 449 7.82 36.72 37.25
C THR B 449 7.36 38.02 36.62
N ASP B 450 7.32 38.12 35.30
CA ASP B 450 6.92 39.32 34.58
C ASP B 450 5.84 39.01 33.56
N VAL B 451 4.82 38.25 33.99
CA VAL B 451 3.76 37.81 33.11
C VAL B 451 2.50 37.64 33.93
N LYS B 452 1.35 37.79 33.28
CA LYS B 452 0.07 37.61 33.96
C LYS B 452 -0.09 36.16 34.42
N GLU B 453 -0.92 35.97 35.45
CA GLU B 453 -1.07 34.64 36.04
C GLU B 453 -1.68 33.66 35.05
N GLU B 454 -2.68 34.11 34.27
CA GLU B 454 -3.33 33.21 33.32
C GLU B 454 -2.34 32.70 32.28
N GLN B 455 -1.48 33.58 31.76
CA GLN B 455 -0.46 33.16 30.82
C GLN B 455 0.63 32.36 31.53
N ARG B 456 0.94 32.72 32.78
CA ARG B 456 2.01 32.04 33.52
C ARG B 456 1.67 30.58 33.75
N SER B 457 0.42 30.28 34.09
CA SER B 457 0.04 28.89 34.35
C SER B 457 0.25 28.02 33.11
N ALA B 458 -0.23 28.49 31.95
CA ALA B 458 -0.05 27.73 30.72
C ALA B 458 1.42 27.61 30.35
N LEU B 459 2.18 28.70 30.50
CA LEU B 459 3.59 28.66 30.13
C LEU B 459 4.37 27.70 31.01
N ILE B 460 4.12 27.71 32.32
CA ILE B 460 4.83 26.82 33.22
C ILE B 460 4.35 25.38 33.07
N ASP B 461 3.11 25.16 32.62
CA ASP B 461 2.66 23.81 32.34
C ASP B 461 3.28 23.26 31.06
N PHE B 462 3.49 24.12 30.06
CA PHE B 462 4.07 23.65 28.82
C PHE B 462 5.59 23.48 28.92
N ALA B 463 6.26 24.39 29.64
CA ALA B 463 7.72 24.37 29.65
C ALA B 463 8.27 23.19 30.45
N THR B 464 7.53 22.70 31.44
CA THR B 464 8.01 21.59 32.25
C THR B 464 8.17 20.32 31.41
N LYS B 465 7.20 20.04 30.54
CA LYS B 465 7.28 18.87 29.69
C LYS B 465 8.37 19.04 28.63
N PRO B 466 8.93 17.95 28.12
CA PRO B 466 9.93 18.06 27.05
C PRO B 466 9.33 18.74 25.82
N PHE B 467 10.17 19.53 25.14
CA PHE B 467 9.70 20.33 24.02
C PHE B 467 10.87 20.62 23.07
N THR B 468 10.51 21.07 21.87
CA THR B 468 11.45 21.53 20.86
C THR B 468 11.39 23.05 20.75
N PRO B 469 12.48 23.70 20.32
CA PRO B 469 12.47 25.17 20.25
C PRO B 469 11.35 25.73 19.37
N GLY B 470 11.03 25.06 18.26
CA GLY B 470 9.94 25.53 17.42
C GLY B 470 8.60 25.48 18.12
N ALA B 471 8.34 24.39 18.84
CA ALA B 471 7.10 24.28 19.59
C ALA B 471 7.03 25.35 20.68
N LEU B 472 8.17 25.62 21.33
CA LEU B 472 8.20 26.67 22.35
C LEU B 472 7.89 28.03 21.75
N CYS B 473 8.47 28.33 20.58
CA CYS B 473 8.19 29.61 19.94
C CYS B 473 6.73 29.71 19.51
N ARG B 474 6.17 28.62 18.98
CA ARG B 474 4.76 28.63 18.59
C ARG B 474 3.86 28.84 19.79
N LYS B 475 4.15 28.18 20.91
CA LYS B 475 3.36 28.37 22.12
C LYS B 475 3.50 29.79 22.65
N PHE B 476 4.71 30.34 22.61
CA PHE B 476 4.92 31.74 23.01
C PHE B 476 4.06 32.68 22.19
N GLY B 477 4.05 32.48 20.87
CA GLY B 477 3.23 33.33 20.01
C GLY B 477 1.75 33.18 20.32
N GLU B 478 1.28 31.93 20.42
CA GLU B 478 -0.14 31.69 20.66
C GLU B 478 -0.59 32.20 22.02
N VAL B 479 0.31 32.30 22.99
CA VAL B 479 -0.06 32.81 24.30
C VAL B 479 0.00 34.34 24.34
N PHE B 480 1.06 34.93 23.78
CA PHE B 480 1.28 36.36 23.92
C PHE B 480 0.68 37.19 22.79
N GLY B 481 0.06 36.58 21.80
CA GLY B 481 -0.55 37.36 20.73
C GLY B 481 0.46 37.74 19.64
N ASP B 482 0.84 39.02 19.60
CA ASP B 482 1.81 39.48 18.62
C ASP B 482 2.80 40.51 19.18
N THR B 483 2.77 40.78 20.48
CA THR B 483 3.59 41.83 21.09
C THR B 483 4.41 41.28 22.25
N TRP B 484 5.09 40.16 22.03
CA TRP B 484 5.94 39.57 23.05
C TRP B 484 7.37 40.10 22.91
N ASP B 485 8.29 39.55 23.69
CA ASP B 485 9.69 39.92 23.65
C ASP B 485 10.55 38.66 23.62
N GLU B 486 11.67 38.75 22.89
CA GLU B 486 12.53 37.59 22.69
C GLU B 486 13.45 37.30 23.86
N THR B 487 13.62 38.25 24.78
CA THR B 487 14.50 38.02 25.93
C THR B 487 13.99 36.88 26.79
N LEU B 488 12.67 36.80 26.98
CA LEU B 488 12.10 35.71 27.76
C LEU B 488 12.39 34.37 27.11
N PHE B 489 12.22 34.28 25.79
CA PHE B 489 12.51 33.05 25.08
C PHE B 489 13.99 32.68 25.19
N ILE B 490 14.88 33.66 25.06
CA ILE B 490 16.30 33.40 25.18
C ILE B 490 16.65 32.89 26.56
N ARG B 491 16.08 33.51 27.61
CA ARG B 491 16.36 33.07 28.97
C ARG B 491 15.83 31.66 29.21
N VAL B 492 14.63 31.36 28.70
CA VAL B 492 14.05 30.04 28.89
C VAL B 492 14.92 28.99 28.21
N ILE B 493 15.38 29.27 26.99
CA ILE B 493 16.26 28.33 26.30
C ILE B 493 17.56 28.15 27.06
N ASP B 494 18.14 29.26 27.53
CA ASP B 494 19.42 29.20 28.23
C ASP B 494 19.33 28.38 29.51
N PHE B 495 18.27 28.59 30.29
CA PHE B 495 18.12 27.89 31.56
C PHE B 495 17.52 26.49 31.41
N ALA B 496 17.12 26.10 30.20
CA ALA B 496 16.60 24.75 29.99
C ALA B 496 17.73 23.73 30.10
N GLU B 497 17.35 22.49 30.38
CA GLU B 497 18.29 21.39 30.57
C GLU B 497 18.27 20.49 29.35
N GLU B 498 19.47 20.15 28.87
CA GLU B 498 19.58 19.22 27.74
C GLU B 498 19.04 17.85 28.12
N MET B 499 18.31 17.24 27.20
CA MET B 499 17.70 15.93 27.41
C MET B 499 18.44 14.90 26.57
N VAL B 500 18.72 13.73 27.17
CA VAL B 500 19.46 12.70 26.47
C VAL B 500 18.65 12.18 25.27
N ASN B 501 19.36 11.59 24.32
CA ASN B 501 18.74 11.12 23.08
C ASN B 501 19.35 9.78 22.70
N GLY B 502 18.62 9.03 21.87
CA GLY B 502 19.08 7.74 21.40
C GLY B 502 18.00 6.69 21.35
N SER B 503 17.85 6.05 20.20
CA SER B 503 16.88 4.98 20.00
C SER B 503 17.59 3.73 19.50
N PHE B 504 17.18 2.57 20.00
CA PHE B 504 17.88 1.33 19.68
C PHE B 504 17.84 1.03 18.19
N GLY B 505 16.68 1.21 17.56
CA GLY B 505 16.56 0.98 16.13
C GLY B 505 16.16 -0.45 15.83
N GLU B 506 16.94 -1.10 14.96
CA GLU B 506 16.61 -2.43 14.46
C GLU B 506 17.62 -3.48 14.93
N GLY B 507 18.90 -3.30 14.66
CA GLY B 507 19.89 -4.31 14.98
C GLY B 507 21.28 -3.77 15.22
N TYR B 508 22.26 -4.67 15.29
CA TYR B 508 23.65 -4.32 15.57
C TYR B 508 24.49 -4.55 14.33
N TRP B 509 25.18 -3.52 13.88
CA TRP B 509 26.16 -3.64 12.81
C TRP B 509 27.55 -3.86 13.40
N SER B 510 28.56 -3.90 12.52
CA SER B 510 29.93 -4.11 12.97
C SER B 510 30.88 -3.07 12.40
N ASP B 511 30.37 -1.92 11.94
CA ASP B 511 31.22 -0.89 11.38
C ASP B 511 30.87 0.52 11.85
N HIS B 512 29.87 0.68 12.72
CA HIS B 512 29.48 2.01 13.16
C HIS B 512 30.47 2.63 14.15
N TRP B 513 31.33 1.82 14.77
CA TRP B 513 32.24 2.29 15.80
C TRP B 513 33.54 2.86 15.26
N THR B 514 33.80 2.73 13.96
CA THR B 514 35.10 3.10 13.40
C THR B 514 35.18 4.55 12.95
N TYR B 515 34.08 5.31 13.01
CA TYR B 515 34.05 6.67 12.51
C TYR B 515 34.18 7.70 13.62
N ASN B 516 34.98 7.41 14.66
CA ASN B 516 35.22 8.33 15.75
C ASN B 516 36.65 8.82 15.83
N LEU B 517 37.62 7.98 15.44
CA LEU B 517 39.01 8.44 15.37
C LEU B 517 39.15 9.58 14.36
N ASP B 518 38.34 9.56 13.30
CA ASP B 518 38.33 10.67 12.37
C ASP B 518 37.88 11.96 13.05
N LEU B 519 36.84 11.89 13.87
CA LEU B 519 36.41 13.06 14.62
C LEU B 519 37.50 13.56 15.55
N ILE B 520 38.16 12.62 16.25
CA ILE B 520 39.21 13.00 17.20
C ILE B 520 40.36 13.69 16.48
N LEU B 521 40.79 13.13 15.36
CA LEU B 521 41.90 13.72 14.61
C LEU B 521 41.51 15.07 14.02
N ASP B 522 40.27 15.19 13.52
CA ASP B 522 39.83 16.47 12.98
C ASP B 522 39.79 17.54 14.05
N TYR B 523 39.34 17.19 15.25
CA TYR B 523 39.37 18.15 16.34
C TYR B 523 40.80 18.53 16.71
N LEU B 524 41.70 17.54 16.80
CA LEU B 524 43.06 17.83 17.21
C LEU B 524 43.85 18.59 16.15
N SER B 525 43.43 18.53 14.88
CA SER B 525 44.11 19.31 13.86
C SER B 525 43.88 20.81 13.99
N VAL B 526 42.94 21.23 14.84
CA VAL B 526 42.65 22.64 15.03
C VAL B 526 43.12 23.12 16.40
N PHE B 527 43.02 22.28 17.43
CA PHE B 527 43.41 22.63 18.79
C PHE B 527 44.46 21.61 19.26
N PRO B 528 45.71 21.75 18.82
CA PRO B 528 46.74 20.77 19.19
C PRO B 528 47.12 20.80 20.66
N GLU B 529 46.84 21.89 21.37
CA GLU B 529 47.24 22.01 22.77
C GLU B 529 46.17 21.57 23.75
N GLN B 530 45.02 21.12 23.26
CA GLN B 530 43.93 20.65 24.10
C GLN B 530 43.87 19.14 24.21
N GLU B 531 44.91 18.44 23.74
CA GLU B 531 44.86 16.98 23.67
C GLU B 531 44.74 16.36 25.05
N LYS B 532 45.59 16.80 25.99
CA LYS B 532 45.56 16.22 27.32
C LYS B 532 44.25 16.51 28.03
N GLU B 533 43.74 17.73 27.89
CA GLU B 533 42.46 18.08 28.50
C GLU B 533 41.33 17.24 27.92
N MET B 534 41.34 17.02 26.60
CA MET B 534 40.32 16.16 25.99
C MET B 534 40.43 14.73 26.48
N LEU B 535 41.66 14.21 26.59
CA LEU B 535 41.84 12.82 26.99
C LEU B 535 41.45 12.59 28.44
N TYR B 536 41.73 13.55 29.32
CA TYR B 536 41.52 13.40 30.75
C TYR B 536 40.36 14.24 31.27
N GLU B 537 39.28 14.31 30.51
CA GLU B 537 38.06 14.99 30.92
C GLU B 537 37.00 13.95 31.23
N GLU B 538 36.41 14.03 32.43
CA GLU B 538 35.44 13.05 32.90
C GLU B 538 34.03 13.62 32.73
N VAL B 539 33.54 13.55 31.50
CA VAL B 539 32.17 13.98 31.20
C VAL B 539 31.37 12.92 30.45
N TYR B 540 32.01 12.00 29.72
CA TYR B 540 31.29 11.07 28.87
C TYR B 540 30.45 10.11 29.69
N THR B 541 29.25 9.82 29.19
CA THR B 541 28.35 8.85 29.80
C THR B 541 28.31 7.58 28.94
N THR B 542 27.46 6.64 29.33
CA THR B 542 27.33 5.36 28.63
C THR B 542 25.87 5.09 28.33
N PHE B 543 25.56 4.79 27.07
CA PHE B 543 24.21 4.44 26.68
C PHE B 543 23.83 3.08 27.25
N LEU B 544 22.56 2.93 27.60
CA LEU B 544 22.06 1.70 28.21
C LEU B 544 21.72 0.69 27.12
N SER B 545 22.30 -0.51 27.24
CA SER B 545 22.05 -1.54 26.24
C SER B 545 20.61 -2.02 26.30
N ARG B 546 20.07 -2.34 25.12
CA ARG B 546 18.70 -2.83 24.99
C ARG B 546 18.64 -4.34 24.78
N ILE B 547 19.44 -4.87 23.88
CA ILE B 547 19.47 -6.30 23.58
C ILE B 547 20.91 -6.78 23.69
N ASN B 548 21.11 -7.87 24.43
CA ASN B 548 22.43 -8.48 24.56
C ASN B 548 22.56 -9.63 23.56
N VAL B 549 23.75 -9.78 23.00
CA VAL B 549 23.97 -10.80 21.98
C VAL B 549 24.05 -12.17 22.64
N ASN B 550 23.62 -13.19 21.91
CA ASN B 550 23.62 -14.55 22.43
C ASN B 550 25.04 -15.08 22.54
N ARG B 551 25.19 -16.16 23.30
CA ARG B 551 26.47 -16.85 23.38
C ARG B 551 26.78 -17.55 22.06
N ARG B 552 28.07 -17.78 21.83
CA ARG B 552 28.51 -18.37 20.56
C ARG B 552 27.93 -19.77 20.37
N PHE B 553 27.83 -20.55 21.45
CA PHE B 553 27.30 -21.90 21.35
C PHE B 553 25.84 -21.89 20.91
N ARG B 554 25.05 -20.96 21.46
CA ARG B 554 23.64 -20.87 21.12
C ARG B 554 23.37 -20.08 19.85
N ARG B 555 24.41 -19.51 19.23
CA ARG B 555 24.25 -18.74 18.00
C ARG B 555 24.23 -19.62 16.75
N TYR B 556 24.48 -20.92 16.89
CA TYR B 556 24.62 -21.81 15.74
C TYR B 556 23.39 -22.67 15.60
N VAL B 557 22.82 -22.71 14.40
CA VAL B 557 21.65 -23.51 14.09
C VAL B 557 21.99 -24.41 12.90
N GLU B 558 21.70 -25.70 13.03
CA GLU B 558 22.00 -26.66 11.98
C GLU B 558 20.83 -26.75 11.01
N THR B 559 21.12 -26.62 9.73
CA THR B 559 20.12 -26.71 8.67
C THR B 559 20.51 -27.84 7.70
N GLU B 560 19.74 -27.96 6.63
CA GLU B 560 20.00 -29.01 5.65
C GLU B 560 21.25 -28.74 4.84
N ASN B 561 21.57 -27.46 4.58
CA ASN B 561 22.76 -27.13 3.82
C ASN B 561 24.04 -27.19 4.65
N GLY B 562 23.93 -27.38 5.96
CA GLY B 562 25.06 -27.43 6.86
C GLY B 562 24.81 -26.58 8.07
N LEU B 563 25.88 -26.29 8.81
CA LEU B 563 25.77 -25.47 10.01
C LEU B 563 25.79 -23.99 9.62
N ARG B 564 24.86 -23.22 10.17
CA ARG B 564 24.73 -21.80 9.88
C ARG B 564 24.73 -21.02 11.18
N GLN B 565 24.77 -19.70 11.05
CA GLN B 565 24.71 -18.77 12.18
C GLN B 565 23.55 -17.82 11.94
N TYR B 566 22.35 -18.24 12.34
CA TYR B 566 21.14 -17.43 12.17
C TYR B 566 20.73 -16.73 13.46
N ARG B 567 20.63 -17.48 14.56
CA ARG B 567 20.30 -16.87 15.83
C ARG B 567 21.48 -16.05 16.34
N ALA B 568 21.21 -14.80 16.71
CA ALA B 568 22.25 -13.90 17.19
C ALA B 568 21.88 -13.14 18.45
N LEU B 569 20.60 -12.97 18.77
CA LEU B 569 20.18 -12.23 19.95
C LEU B 569 19.16 -13.07 20.70
N ASN B 570 19.20 -13.00 22.03
CA ASN B 570 18.26 -13.72 22.87
C ASN B 570 17.10 -12.78 23.22
N GLU B 571 15.88 -13.24 22.93
CA GLU B 571 14.69 -12.43 23.18
C GLU B 571 14.25 -12.49 24.64
N ALA B 572 14.80 -13.40 25.44
CA ALA B 572 14.41 -13.50 26.85
C ALA B 572 14.93 -12.34 27.68
N SER B 573 15.98 -11.64 27.22
CA SER B 573 16.56 -10.52 27.94
C SER B 573 16.25 -9.19 27.27
N ARG B 574 15.10 -9.10 26.60
CA ARG B 574 14.70 -7.86 25.95
C ARG B 574 14.42 -6.77 26.98
N ARG B 575 14.99 -5.59 26.76
CA ARG B 575 14.80 -4.46 27.66
C ARG B 575 13.64 -3.60 27.15
N ALA B 576 13.24 -2.62 27.95
CA ALA B 576 12.21 -1.66 27.57
C ALA B 576 12.87 -0.40 27.02
N ASP B 577 12.40 0.07 25.87
CA ASP B 577 13.01 1.19 25.18
C ASP B 577 12.49 2.55 25.67
N LEU B 578 11.90 2.59 26.87
CA LEU B 578 11.39 3.83 27.43
C LEU B 578 11.82 4.10 28.86
N GLY B 579 12.33 3.11 29.58
CA GLY B 579 12.68 3.29 30.98
C GLY B 579 13.82 4.26 31.23
N GLU B 580 15.03 3.88 30.83
CA GLU B 580 16.22 4.70 31.03
C GLU B 580 17.10 4.65 29.81
N LYS B 581 17.72 5.78 29.47
CA LYS B 581 18.63 5.88 28.35
C LYS B 581 20.09 6.04 28.77
N LEU B 582 20.38 5.88 30.06
CA LEU B 582 21.73 6.02 30.57
C LEU B 582 22.05 4.82 31.46
N VAL B 583 23.28 4.78 31.95
CA VAL B 583 23.75 3.71 32.84
C VAL B 583 24.10 4.35 34.18
N ARG B 584 23.51 3.83 35.25
CA ARG B 584 23.72 4.36 36.59
C ARG B 584 24.46 3.34 37.44
N THR B 585 25.17 3.84 38.45
CA THR B 585 25.89 2.98 39.37
C THR B 585 24.90 2.29 40.32
N GLU B 586 25.45 1.54 41.27
CA GLU B 586 24.64 0.78 42.24
C GLU B 586 23.67 -0.16 41.53
N TYR B 587 24.10 -0.71 40.40
CA TYR B 587 23.29 -1.63 39.60
C TYR B 587 21.95 -1.01 39.20
N GLY B 588 21.98 0.27 38.83
CA GLY B 588 20.80 0.95 38.34
C GLY B 588 20.00 1.72 39.36
N SER B 589 20.54 1.94 40.56
CA SER B 589 19.83 2.68 41.60
C SER B 589 20.64 3.83 42.16
N GLY B 590 21.73 4.22 41.49
CA GLY B 590 22.56 5.31 41.96
C GLY B 590 22.61 6.48 41.00
N ASP B 591 23.68 7.27 41.07
CA ASP B 591 23.84 8.42 40.20
C ASP B 591 24.34 7.97 38.83
N VAL B 592 24.41 8.94 37.90
CA VAL B 592 24.82 8.64 36.53
C VAL B 592 26.31 8.36 36.49
N LEU B 593 26.67 7.27 35.82
CA LEU B 593 28.08 6.89 35.70
C LEU B 593 28.78 7.75 34.65
N THR B 594 29.98 8.21 35.00
CA THR B 594 30.79 9.03 34.11
C THR B 594 32.14 8.37 33.89
N MET B 595 32.60 8.39 32.65
CA MET B 595 33.87 7.80 32.26
C MET B 595 34.65 8.79 31.40
N THR B 596 35.98 8.73 31.51
CA THR B 596 36.83 9.59 30.71
C THR B 596 36.98 9.03 29.30
N LEU B 597 37.50 9.85 28.39
CA LEU B 597 37.68 9.44 27.01
C LEU B 597 38.67 8.29 26.90
N MET B 598 39.74 8.33 27.71
CA MET B 598 40.73 7.26 27.67
C MET B 598 40.12 5.93 28.06
N GLU B 599 39.23 5.92 29.06
CA GLU B 599 38.55 4.70 29.43
C GLU B 599 37.69 4.17 28.30
N LYS B 600 37.00 5.08 27.58
CA LYS B 600 36.20 4.65 26.44
C LYS B 600 37.07 4.04 25.35
N LEU B 601 38.22 4.66 25.05
CA LEU B 601 39.11 4.11 24.04
C LEU B 601 39.64 2.74 24.44
N ILE B 602 40.04 2.59 25.71
CA ILE B 602 40.54 1.31 26.19
C ILE B 602 39.47 0.24 26.09
N LEU B 603 38.25 0.58 26.51
CA LEU B 603 37.15 -0.39 26.45
C LEU B 603 36.85 -0.78 25.01
N LEU B 604 36.82 0.19 24.10
CA LEU B 604 36.56 -0.14 22.70
C LEU B 604 37.65 -1.03 22.13
N GLY B 605 38.92 -0.72 22.43
CA GLY B 605 40.00 -1.56 21.94
C GLY B 605 39.92 -2.98 22.48
N ALA B 606 39.66 -3.11 23.79
CA ALA B 606 39.59 -4.44 24.38
C ALA B 606 38.41 -5.24 23.83
N VAL B 607 37.25 -4.60 23.64
CA VAL B 607 36.09 -5.30 23.16
C VAL B 607 36.26 -5.70 21.69
N LYS B 608 36.83 -4.81 20.88
CA LYS B 608 37.03 -5.13 19.48
C LYS B 608 38.14 -6.17 19.30
N PHE B 609 39.07 -6.24 20.24
CA PHE B 609 39.95 -7.39 20.30
C PHE B 609 39.20 -8.58 20.90
N ALA B 610 39.79 -9.76 20.76
CA ALA B 610 39.21 -11.01 21.26
C ALA B 610 37.90 -11.36 20.57
N THR B 611 37.60 -10.71 19.45
CA THR B 611 36.47 -11.08 18.60
C THR B 611 36.93 -11.60 17.25
N LEU B 612 38.21 -11.91 17.11
CA LEU B 612 38.74 -12.39 15.84
C LEU B 612 38.21 -13.79 15.55
N ASP B 613 38.23 -14.16 14.27
CA ASP B 613 37.81 -15.49 13.86
C ASP B 613 38.84 -16.53 14.30
N ALA B 614 38.60 -17.78 13.91
CA ALA B 614 39.48 -18.87 14.34
C ALA B 614 40.90 -18.67 13.85
N TYR B 615 41.07 -18.27 12.59
CA TYR B 615 42.40 -18.06 12.04
C TYR B 615 43.05 -16.78 12.55
N GLY B 616 42.31 -15.93 13.25
CA GLY B 616 42.87 -14.71 13.79
C GLY B 616 43.26 -13.68 12.74
N MET B 617 42.45 -13.55 11.69
CA MET B 617 42.71 -12.59 10.62
C MET B 617 41.65 -11.50 10.57
N GLY B 618 40.38 -11.87 10.45
CA GLY B 618 39.30 -10.91 10.41
C GLY B 618 38.62 -10.75 11.78
N ILE B 619 37.50 -10.05 11.75
CA ILE B 619 36.67 -9.83 12.94
C ILE B 619 35.26 -10.32 12.64
N GLU B 620 34.75 -11.18 13.51
CA GLU B 620 33.44 -11.78 13.28
C GLU B 620 32.34 -10.74 13.30
N MET B 621 31.42 -10.84 12.35
CA MET B 621 30.23 -9.99 12.31
C MET B 621 29.08 -10.71 13.00
N GLU B 622 29.19 -10.78 14.32
CA GLU B 622 28.25 -11.53 15.15
C GLU B 622 26.99 -10.74 15.49
N GLY B 623 26.88 -9.49 15.04
CA GLY B 623 25.71 -8.69 15.31
C GLY B 623 24.53 -8.94 14.41
N GLY B 624 24.66 -9.86 13.45
CA GLY B 624 23.59 -10.15 12.52
C GLY B 624 23.48 -9.22 11.34
N LYS B 625 24.40 -8.26 11.20
CA LYS B 625 24.41 -7.32 10.10
C LYS B 625 25.80 -7.25 9.49
N PRO B 626 25.89 -6.97 8.19
CA PRO B 626 27.20 -6.84 7.55
C PRO B 626 27.86 -5.52 7.93
N GLY B 627 28.98 -5.24 7.29
CA GLY B 627 29.72 -4.01 7.55
C GLY B 627 29.22 -2.84 6.72
N TRP B 628 30.13 -2.14 6.06
CA TRP B 628 29.74 -1.01 5.22
C TRP B 628 28.88 -1.48 4.04
N TYR B 629 29.24 -2.60 3.44
CA TYR B 629 28.54 -3.12 2.27
C TYR B 629 27.22 -3.73 2.73
N ASP B 630 26.14 -2.96 2.58
CA ASP B 630 24.83 -3.41 3.06
C ASP B 630 24.16 -4.38 2.11
N ALA B 631 24.64 -4.49 0.87
CA ALA B 631 24.01 -5.40 -0.09
C ALA B 631 24.21 -6.87 0.30
N LEU B 632 25.38 -7.19 0.86
CA LEU B 632 25.68 -8.56 1.29
C LEU B 632 25.13 -8.77 2.70
N ASN B 633 23.81 -8.89 2.78
CA ASN B 633 23.10 -9.03 4.05
C ASN B 633 22.98 -10.47 4.50
N GLY B 634 23.63 -11.40 3.81
CA GLY B 634 23.59 -12.79 4.20
C GLY B 634 24.95 -13.31 4.65
N MET B 635 25.97 -12.46 4.54
CA MET B 635 27.30 -12.85 4.97
C MET B 635 27.39 -13.22 6.46
N PRO B 636 26.76 -12.49 7.40
CA PRO B 636 26.89 -12.90 8.80
C PRO B 636 26.37 -14.30 9.09
N GLY B 637 25.46 -14.81 8.26
CA GLY B 637 24.99 -16.16 8.45
C GLY B 637 25.96 -17.24 8.01
N LEU B 638 27.06 -16.86 7.38
CA LEU B 638 28.07 -17.79 6.89
C LEU B 638 29.40 -17.62 7.61
N PHE B 639 29.35 -17.28 8.90
CA PHE B 639 30.55 -17.08 9.72
C PHE B 639 31.47 -16.03 9.12
N GLY B 640 30.88 -14.95 8.61
CA GLY B 640 31.65 -13.95 7.90
C GLY B 640 32.58 -13.16 8.82
N SER B 641 33.60 -12.57 8.20
CA SER B 641 34.54 -11.71 8.90
C SER B 641 35.07 -10.68 7.92
N SER B 642 35.59 -9.59 8.46
CA SER B 642 36.06 -8.46 7.65
C SER B 642 37.45 -8.04 8.08
N MET B 643 38.30 -7.72 7.11
CA MET B 643 39.64 -7.23 7.38
C MET B 643 39.69 -5.72 7.57
N ALA B 644 38.69 -4.98 7.07
CA ALA B 644 38.65 -3.54 7.28
C ALA B 644 38.58 -3.22 8.76
N GLU B 645 37.76 -3.95 9.51
CA GLU B 645 37.70 -3.77 10.95
C GLU B 645 39.03 -4.07 11.61
N THR B 646 39.75 -5.07 11.09
CA THR B 646 41.08 -5.37 11.63
C THR B 646 42.05 -4.22 11.41
N TYR B 647 42.04 -3.63 10.21
CA TYR B 647 42.91 -2.49 9.94
C TYR B 647 42.56 -1.31 10.83
N GLU B 648 41.26 -1.03 10.99
CA GLU B 648 40.84 0.08 11.83
C GLU B 648 41.21 -0.17 13.29
N LEU B 649 41.07 -1.41 13.75
CA LEU B 649 41.48 -1.74 15.11
C LEU B 649 42.97 -1.54 15.30
N ALA B 650 43.77 -1.95 14.31
CA ALA B 650 45.22 -1.73 14.41
C ALA B 650 45.55 -0.25 14.49
N ARG B 651 44.90 0.57 13.66
CA ARG B 651 45.15 2.00 13.70
C ARG B 651 44.74 2.61 15.04
N MET B 652 43.58 2.21 15.56
CA MET B 652 43.12 2.74 16.84
C MET B 652 44.04 2.33 17.98
N LEU B 653 44.51 1.07 17.97
CA LEU B 653 45.43 0.63 19.02
C LEU B 653 46.75 1.37 18.94
N SER B 654 47.25 1.62 17.73
CA SER B 654 48.49 2.39 17.59
C SER B 654 48.31 3.80 18.13
N TYR B 655 47.18 4.44 17.82
CA TYR B 655 46.92 5.78 18.34
C TYR B 655 46.81 5.77 19.86
N THR B 656 46.16 4.75 20.42
CA THR B 656 46.04 4.65 21.88
C THR B 656 47.40 4.46 22.53
N ILE B 657 48.27 3.63 21.92
CA ILE B 657 49.61 3.43 22.45
C ILE B 657 50.39 4.74 22.43
N GLU B 658 50.30 5.48 21.32
CA GLU B 658 50.99 6.77 21.24
C GLU B 658 50.48 7.73 22.32
N ALA B 659 49.16 7.78 22.51
CA ALA B 659 48.59 8.68 23.51
C ALA B 659 49.04 8.29 24.92
N LEU B 660 49.05 7.00 25.22
CA LEU B 660 49.49 6.55 26.54
C LEU B 660 50.96 6.87 26.77
N LYS B 661 51.81 6.65 25.76
CA LYS B 661 53.23 6.92 25.91
C LYS B 661 53.54 8.41 25.92
N GLN B 662 52.63 9.25 25.42
CA GLN B 662 52.90 10.68 25.36
C GLN B 662 52.74 11.33 26.73
N TYR B 663 51.58 11.15 27.36
CA TYR B 663 51.28 11.81 28.63
C TYR B 663 51.21 10.78 29.76
N PRO B 664 52.24 10.66 30.59
CA PRO B 664 52.17 9.73 31.72
C PRO B 664 51.21 10.22 32.79
N GLY B 665 50.73 9.28 33.59
CA GLY B 665 49.81 9.62 34.67
C GLY B 665 49.13 8.38 35.20
N GLU B 666 48.00 8.59 35.87
CA GLU B 666 47.19 7.53 36.42
C GLU B 666 45.86 7.46 35.69
N VAL B 667 45.48 6.26 35.26
CA VAL B 667 44.24 6.04 34.53
C VAL B 667 43.37 5.08 35.34
N ALA B 668 42.11 5.45 35.53
CA ALA B 668 41.18 4.67 36.33
C ALA B 668 40.18 3.96 35.43
N LEU B 669 39.93 2.69 35.71
CA LEU B 669 39.02 1.86 34.95
C LEU B 669 38.11 1.09 35.89
N ILE B 670 36.94 0.72 35.40
CA ILE B 670 36.01 -0.06 36.22
C ILE B 670 36.57 -1.45 36.48
N GLU B 671 36.00 -2.12 37.49
CA GLU B 671 36.52 -3.41 37.94
C GLU B 671 36.45 -4.45 36.82
N GLU B 672 35.29 -4.53 36.15
CA GLU B 672 35.11 -5.54 35.12
C GLU B 672 36.08 -5.34 33.96
N LEU B 673 36.29 -4.09 33.55
CA LEU B 673 37.23 -3.82 32.46
C LEU B 673 38.65 -4.19 32.87
N GLY B 674 39.03 -3.90 34.11
CA GLY B 674 40.36 -4.29 34.57
C GLY B 674 40.56 -5.79 34.60
N CYS B 675 39.54 -6.53 35.07
CA CYS B 675 39.63 -7.98 35.07
C CYS B 675 39.73 -8.52 33.64
N PHE B 676 38.93 -7.96 32.74
CA PHE B 676 38.99 -8.38 31.34
C PHE B 676 40.37 -8.12 30.74
N LEU B 677 40.94 -6.95 31.02
CA LEU B 677 42.27 -6.62 30.50
C LEU B 677 43.33 -7.58 31.06
N ASP B 678 43.25 -7.89 32.36
CA ASP B 678 44.22 -8.82 32.93
C ASP B 678 44.10 -10.21 32.32
N GLU B 679 42.87 -10.68 32.14
CA GLU B 679 42.68 -12.00 31.55
C GLU B 679 43.18 -12.05 30.11
N LEU B 680 42.90 -10.99 29.33
CA LEU B 680 43.38 -10.95 27.96
C LEU B 680 44.90 -10.90 27.90
N ASN B 681 45.52 -10.13 28.81
CA ASN B 681 46.98 -10.08 28.87
C ASN B 681 47.56 -11.45 29.18
N LEU B 682 46.95 -12.17 30.12
CA LEU B 682 47.42 -13.52 30.45
C LEU B 682 47.28 -14.45 29.26
N ILE B 683 46.15 -14.38 28.55
CA ILE B 683 45.93 -15.25 27.39
C ILE B 683 46.96 -14.96 26.31
N THR B 684 47.22 -13.68 26.03
CA THR B 684 48.19 -13.31 25.02
C THR B 684 49.59 -13.78 25.41
N ARG B 685 49.97 -13.55 26.67
CA ARG B 685 51.28 -13.98 27.13
C ARG B 685 51.43 -15.50 27.04
N LEU B 686 50.34 -16.24 27.26
CA LEU B 686 50.41 -17.69 27.20
C LEU B 686 50.54 -18.19 25.76
N GLU B 687 49.75 -17.63 24.84
CA GLU B 687 49.61 -18.22 23.51
C GLU B 687 50.30 -17.42 22.41
N HIS B 688 51.14 -16.44 22.75
CA HIS B 688 51.87 -15.72 21.71
C HIS B 688 52.77 -16.64 20.90
N ASP B 689 53.45 -17.57 21.58
CA ASP B 689 54.32 -18.50 20.86
C ASP B 689 53.53 -19.38 19.91
N ASN B 690 52.38 -19.88 20.35
CA ASN B 690 51.57 -20.74 19.49
C ASN B 690 50.95 -19.97 18.33
N ILE B 691 50.67 -18.68 18.51
CA ILE B 691 50.07 -17.89 17.44
C ILE B 691 51.03 -17.77 16.26
N MET B 692 52.33 -17.59 16.54
CA MET B 692 53.28 -17.28 15.48
C MET B 692 53.38 -18.42 14.46
N ARG B 693 53.44 -19.66 14.92
CA ARG B 693 53.60 -20.82 14.03
C ARG B 693 52.38 -21.72 14.16
N ASP B 694 51.34 -21.40 13.40
CA ASP B 694 50.11 -22.19 13.36
C ASP B 694 49.22 -21.63 12.27
N GLU B 695 48.45 -22.51 11.63
CA GLU B 695 47.51 -22.11 10.59
C GLU B 695 46.12 -21.85 11.15
N GLU B 696 45.53 -22.86 11.78
CA GLU B 696 44.20 -22.76 12.36
C GLU B 696 44.33 -22.75 13.87
N LEU B 697 43.80 -21.71 14.51
CA LEU B 697 43.86 -21.54 15.95
C LEU B 697 42.48 -21.76 16.55
N LEU B 698 42.40 -22.60 17.57
CA LEU B 698 41.12 -22.88 18.22
C LEU B 698 41.14 -22.63 19.72
N SER B 699 42.24 -22.97 20.39
CA SER B 699 42.32 -22.75 21.84
C SER B 699 42.30 -21.25 22.15
N PHE B 700 43.05 -20.46 21.38
CA PHE B 700 43.06 -19.01 21.59
C PHE B 700 41.66 -18.43 21.38
N TRP B 701 40.98 -18.85 20.32
CA TRP B 701 39.63 -18.39 20.06
C TRP B 701 38.69 -18.76 21.20
N ASN B 702 38.78 -19.99 21.70
CA ASN B 702 37.92 -20.41 22.79
C ASN B 702 38.17 -19.59 24.04
N ARG B 703 39.45 -19.37 24.39
CA ARG B 703 39.77 -18.61 25.60
C ARG B 703 39.25 -17.17 25.50
N ILE B 704 39.51 -16.52 24.37
CA ILE B 704 39.11 -15.12 24.24
C ILE B 704 37.59 -15.01 24.22
N ASN B 705 36.90 -15.95 23.57
CA ASN B 705 35.44 -15.91 23.54
C ASN B 705 34.87 -16.16 24.93
N ASP B 706 35.46 -17.07 25.70
CA ASP B 706 34.99 -17.30 27.06
C ASP B 706 35.16 -16.05 27.92
N ALA B 707 36.31 -15.40 27.82
CA ALA B 707 36.53 -14.17 28.60
C ALA B 707 35.54 -13.08 28.20
N LYS B 708 35.34 -12.91 26.88
CA LYS B 708 34.43 -11.89 26.41
C LYS B 708 33.00 -12.17 26.86
N GLU B 709 32.57 -13.43 26.78
CA GLU B 709 31.23 -13.79 27.22
C GLU B 709 31.04 -13.53 28.71
N ILE B 710 32.05 -13.90 29.52
CA ILE B 710 31.95 -13.67 30.96
C ILE B 710 31.81 -12.17 31.24
N TYR B 711 32.66 -11.35 30.61
CA TYR B 711 32.59 -9.91 30.83
C TYR B 711 31.24 -9.34 30.38
N ARG B 712 30.77 -9.75 29.20
CA ARG B 712 29.53 -9.21 28.65
C ARG B 712 28.33 -9.58 29.52
N ASP B 713 28.26 -10.83 29.98
CA ASP B 713 27.15 -11.24 30.81
C ASP B 713 27.21 -10.59 32.20
N LYS B 714 28.42 -10.40 32.73
CA LYS B 714 28.55 -9.75 34.02
C LYS B 714 28.13 -8.29 33.97
N THR B 715 28.53 -7.59 32.91
CA THR B 715 28.29 -6.15 32.84
C THR B 715 26.90 -5.78 32.32
N TYR B 716 26.16 -6.72 31.75
CA TYR B 716 24.88 -6.38 31.13
C TYR B 716 23.83 -6.04 32.19
N GLN B 717 23.71 -6.88 33.23
CA GLN B 717 22.65 -6.70 34.22
C GLN B 717 22.90 -5.52 35.15
N GLY B 718 24.09 -4.97 35.17
CA GLY B 718 24.41 -3.85 36.02
C GLY B 718 25.89 -3.87 36.39
N VAL B 719 26.41 -2.68 36.68
CA VAL B 719 27.82 -2.51 37.02
C VAL B 719 27.92 -1.64 38.26
N SER B 720 28.73 -2.07 39.23
CA SER B 720 28.96 -1.28 40.43
C SER B 720 29.88 -0.11 40.13
N GLY B 721 29.82 0.90 41.00
CA GLY B 721 30.61 2.10 40.83
C GLY B 721 32.04 2.00 41.29
N LYS B 722 32.46 0.85 41.83
CA LYS B 722 33.83 0.70 42.27
C LYS B 722 34.79 0.80 41.09
N LYS B 723 35.90 1.50 41.30
CA LYS B 723 36.85 1.77 40.23
C LYS B 723 38.25 1.36 40.67
N MET B 724 38.98 0.73 39.77
CA MET B 724 40.33 0.22 40.02
C MET B 724 41.35 1.14 39.36
N VAL B 725 42.35 1.55 40.14
CA VAL B 725 43.40 2.43 39.63
C VAL B 725 44.42 1.62 38.86
N TYR B 726 45.06 2.27 37.87
CA TYR B 726 46.06 1.63 37.03
C TYR B 726 47.20 2.61 36.81
N HIS B 727 48.13 2.22 35.95
CA HIS B 727 49.20 3.11 35.50
C HIS B 727 49.20 3.13 33.97
N THR B 728 50.22 3.75 33.38
CA THR B 728 50.32 3.82 31.92
C THR B 728 51.19 2.73 31.32
N GLU B 729 52.18 2.22 32.08
CA GLU B 729 53.12 1.26 31.52
C GLU B 729 52.47 -0.10 31.28
N GLN B 730 51.66 -0.57 32.23
CA GLN B 730 50.99 -1.85 32.05
C GLN B 730 50.02 -1.80 30.87
N LEU B 731 49.24 -0.72 30.78
CA LEU B 731 48.33 -0.56 29.65
C LEU B 731 49.09 -0.48 28.34
N ALA B 732 50.22 0.23 28.33
CA ALA B 732 51.03 0.33 27.12
C ALA B 732 51.54 -1.05 26.71
N ALA B 733 52.01 -1.85 27.66
CA ALA B 733 52.50 -3.19 27.32
C ALA B 733 51.39 -4.07 26.79
N ILE B 734 50.22 -4.03 27.42
CA ILE B 734 49.11 -4.86 26.97
C ILE B 734 48.68 -4.46 25.56
N LEU B 735 48.58 -3.15 25.31
CA LEU B 735 48.21 -2.68 23.98
C LEU B 735 49.27 -3.00 22.94
N GLU B 736 50.55 -2.96 23.32
CA GLU B 736 51.61 -3.35 22.40
C GLU B 736 51.50 -4.83 22.04
N GLY B 737 51.19 -5.68 23.01
CA GLY B 737 50.97 -7.08 22.71
C GLY B 737 49.79 -7.29 21.77
N PHE B 738 48.69 -6.58 22.02
CA PHE B 738 47.54 -6.68 21.13
C PHE B 738 47.88 -6.22 19.72
N LEU B 739 48.63 -5.12 19.61
CA LEU B 739 49.03 -4.61 18.30
C LEU B 739 49.93 -5.61 17.58
N GLU B 740 50.84 -6.25 18.30
CA GLU B 740 51.70 -7.26 17.68
C GLU B 740 50.86 -8.44 17.17
N ILE B 741 49.89 -8.88 17.96
CA ILE B 741 49.03 -9.98 17.51
C ILE B 741 48.26 -9.58 16.26
N VAL B 742 47.71 -8.37 16.24
CA VAL B 742 46.94 -7.90 15.09
C VAL B 742 47.83 -7.80 13.85
N THR B 743 49.05 -7.30 14.03
CA THR B 743 49.98 -7.19 12.91
C THR B 743 50.33 -8.56 12.36
N CYS B 744 50.56 -9.55 13.23
CA CYS B 744 50.84 -10.89 12.76
C CYS B 744 49.65 -11.47 12.00
N GLY B 745 48.44 -11.23 12.49
CA GLY B 745 47.25 -11.69 11.77
C GLY B 745 47.12 -11.04 10.40
N ILE B 746 47.38 -9.74 10.33
CA ILE B 746 47.32 -9.04 9.04
C ILE B 746 48.36 -9.59 8.08
N LYS B 747 49.56 -9.86 8.57
CA LYS B 747 50.60 -10.43 7.72
C LYS B 747 50.19 -11.80 7.20
N LYS B 748 49.59 -12.63 8.07
CA LYS B 748 49.11 -13.94 7.63
C LYS B 748 48.03 -13.80 6.56
N ALA B 749 47.10 -12.86 6.76
CA ALA B 749 46.05 -12.66 5.77
C ALA B 749 46.61 -12.20 4.44
N ARG B 750 47.60 -11.29 4.48
CA ARG B 750 48.24 -10.85 3.23
C ARG B 750 48.95 -12.00 2.54
N ARG B 751 49.62 -12.86 3.30
CA ARG B 751 50.29 -14.02 2.71
C ARG B 751 49.28 -14.95 2.05
N ILE B 752 48.15 -15.20 2.72
CA ILE B 752 47.18 -16.16 2.20
C ILE B 752 46.48 -15.61 0.97
N SER B 753 46.05 -14.34 1.02
CA SER B 753 45.20 -13.77 -0.01
C SER B 753 45.89 -13.71 -1.38
N GLY B 754 46.94 -12.92 -1.49
CA GLY B 754 47.61 -12.75 -2.77
C GLY B 754 48.20 -11.36 -2.88
N GLU B 755 48.25 -10.85 -4.12
CA GLU B 755 48.89 -9.58 -4.40
C GLU B 755 48.11 -8.39 -3.85
N ILE B 756 46.81 -8.55 -3.59
CA ILE B 756 45.97 -7.48 -3.09
C ILE B 756 45.41 -7.89 -1.74
N CYS B 757 45.44 -6.96 -0.79
CA CYS B 757 44.94 -7.25 0.55
C CYS B 757 43.46 -7.62 0.50
N PRO B 758 43.03 -8.64 1.24
CA PRO B 758 41.64 -9.08 1.17
C PRO B 758 40.72 -8.15 1.95
N THR B 759 39.44 -8.39 1.82
CA THR B 759 38.43 -7.58 2.50
C THR B 759 37.46 -8.40 3.32
N TYR B 760 37.08 -9.59 2.86
CA TYR B 760 36.12 -10.42 3.56
C TYR B 760 36.58 -11.87 3.55
N PHE B 761 36.10 -12.63 4.53
CA PHE B 761 36.34 -14.07 4.61
C PHE B 761 35.03 -14.76 4.96
N THR B 762 34.91 -16.01 4.56
CA THR B 762 33.71 -16.81 4.80
C THR B 762 34.14 -18.23 5.14
N TYR B 763 33.87 -18.65 6.37
CA TYR B 763 34.27 -19.97 6.85
C TYR B 763 33.13 -20.97 6.74
N GLU B 764 33.49 -22.24 6.76
CA GLU B 764 32.53 -23.34 6.73
C GLU B 764 33.04 -24.44 7.64
N VAL B 765 32.26 -24.77 8.67
CA VAL B 765 32.64 -25.79 9.64
C VAL B 765 32.11 -27.14 9.14
N PRO B 766 32.98 -28.09 8.81
CA PRO B 766 32.49 -29.38 8.29
C PRO B 766 32.00 -30.32 9.38
N GLU B 767 32.64 -30.30 10.55
CA GLU B 767 32.32 -31.22 11.62
C GLU B 767 32.06 -30.46 12.91
N TYR B 768 30.98 -30.81 13.59
CA TYR B 768 30.57 -30.15 14.82
C TYR B 768 30.11 -31.18 15.83
N GLU B 769 30.10 -30.79 17.10
CA GLU B 769 29.72 -31.65 18.20
C GLU B 769 28.52 -31.04 18.92
N LYS B 770 27.47 -31.83 19.12
CA LYS B 770 26.30 -31.39 19.85
C LYS B 770 26.53 -31.54 21.36
N LEU B 771 26.17 -30.51 22.11
CA LEU B 771 26.36 -30.48 23.55
C LEU B 771 25.11 -30.97 24.27
N LYS B 772 25.30 -31.28 25.56
CA LYS B 772 24.18 -31.79 26.36
C LYS B 772 23.15 -30.71 26.63
N ASP B 773 23.60 -29.46 26.84
CA ASP B 773 22.68 -28.37 27.15
C ASP B 773 21.88 -27.91 25.95
N GLY B 774 22.26 -28.31 24.74
CA GLY B 774 21.59 -27.89 23.52
C GLY B 774 22.42 -27.04 22.60
N GLY B 775 23.59 -26.58 23.04
CA GLY B 775 24.45 -25.78 22.18
C GLY B 775 25.22 -26.62 21.18
N ILE B 776 25.88 -25.92 20.26
CA ILE B 776 26.69 -26.55 19.21
C ILE B 776 28.11 -26.05 19.34
N ARG B 777 29.06 -26.98 19.39
CA ARG B 777 30.47 -26.65 19.54
C ARG B 777 31.23 -26.98 18.27
N PRO B 778 31.73 -25.99 17.52
CA PRO B 778 32.49 -26.29 16.31
C PRO B 778 33.82 -26.97 16.63
N LEU B 779 34.31 -27.72 15.64
CA LEU B 779 35.58 -28.42 15.77
C LEU B 779 36.67 -27.88 14.87
N LYS B 780 36.33 -27.43 13.66
CA LYS B 780 37.33 -26.85 12.77
C LYS B 780 36.63 -25.93 11.78
N PHE B 781 37.42 -25.04 11.18
CA PHE B 781 36.93 -24.06 10.23
C PHE B 781 37.70 -24.17 8.92
N VAL B 782 37.00 -24.05 7.82
CA VAL B 782 37.59 -24.11 6.48
C VAL B 782 37.38 -22.76 5.81
N PRO B 783 38.41 -21.92 5.77
CA PRO B 783 38.27 -20.60 5.14
C PRO B 783 38.06 -20.71 3.64
N GLN B 784 37.31 -19.75 3.11
CA GLN B 784 37.05 -19.65 1.68
C GLN B 784 37.32 -18.23 1.21
N ASN B 785 37.94 -18.09 0.05
CA ASN B 785 38.29 -16.79 -0.48
C ASN B 785 37.04 -16.03 -0.94
N MET B 786 37.18 -14.72 -1.09
CA MET B 786 36.13 -13.84 -1.53
C MET B 786 36.65 -12.92 -2.63
N PRO B 787 35.77 -12.46 -3.52
CA PRO B 787 36.22 -11.52 -4.56
C PRO B 787 36.75 -10.24 -3.97
N TYR B 788 37.67 -9.60 -4.70
CA TYR B 788 38.31 -8.39 -4.22
C TYR B 788 37.31 -7.25 -4.07
N PHE B 789 37.55 -6.41 -3.06
CA PHE B 789 36.75 -5.22 -2.82
C PHE B 789 37.67 -4.01 -2.72
N LEU B 790 37.14 -2.86 -3.10
CA LEU B 790 37.94 -1.64 -3.06
C LEU B 790 38.14 -1.14 -1.63
N GLU B 791 37.22 -1.49 -0.72
CA GLU B 791 37.31 -0.99 0.65
C GLU B 791 38.58 -1.49 1.35
N GLY B 792 39.03 -2.69 1.01
CA GLY B 792 40.21 -3.26 1.60
C GLY B 792 41.43 -2.36 1.52
N PRO B 793 41.89 -2.08 0.29
CA PRO B 793 43.02 -1.16 0.13
C PRO B 793 42.78 0.22 0.71
N VAL B 794 41.55 0.73 0.64
CA VAL B 794 41.25 2.05 1.19
C VAL B 794 41.52 2.07 2.69
N ARG B 795 41.07 1.04 3.40
CA ARG B 795 41.36 0.95 4.83
C ARG B 795 42.84 0.70 5.07
N TYR B 796 43.47 -0.09 4.22
CA TYR B 796 44.88 -0.45 4.44
C TYR B 796 45.80 0.76 4.27
N LEU B 797 45.44 1.70 3.40
CA LEU B 797 46.30 2.85 3.16
C LEU B 797 46.44 3.74 4.40
N LYS B 798 45.54 3.62 5.36
CA LYS B 798 45.62 4.42 6.58
C LYS B 798 46.75 3.97 7.50
N LEU B 799 47.20 2.72 7.38
CA LEU B 799 48.22 2.20 8.26
C LEU B 799 49.57 2.88 7.99
N PRO B 800 50.40 3.04 9.01
CA PRO B 800 51.72 3.69 8.85
C PRO B 800 52.79 2.75 8.29
N VAL B 801 52.81 2.62 6.96
CA VAL B 801 53.81 1.84 6.25
C VAL B 801 54.59 2.77 5.33
N GLU B 802 55.70 2.27 4.82
CA GLU B 802 56.58 3.09 4.01
C GLU B 802 55.96 3.36 2.64
N GLN B 803 56.58 4.30 1.92
CA GLN B 803 56.02 4.77 0.66
C GLN B 803 56.06 3.69 -0.42
N GLY B 804 57.09 2.85 -0.41
CA GLY B 804 57.24 1.86 -1.47
C GLY B 804 56.11 0.85 -1.50
N GLU B 805 55.69 0.36 -0.33
CA GLU B 805 54.60 -0.61 -0.28
C GLU B 805 53.30 0.00 -0.78
N LYS B 806 53.02 1.25 -0.38
CA LYS B 806 51.80 1.91 -0.85
C LYS B 806 51.83 2.14 -2.35
N ARG B 807 53.00 2.53 -2.89
CA ARG B 807 53.11 2.71 -4.34
C ARG B 807 52.90 1.39 -5.07
N ALA B 808 53.48 0.31 -4.55
CA ALA B 808 53.29 -1.01 -5.16
C ALA B 808 51.82 -1.43 -5.11
N LEU B 809 51.15 -1.16 -3.99
CA LEU B 809 49.73 -1.48 -3.88
C LEU B 809 48.91 -0.67 -4.87
N TYR B 810 49.24 0.60 -5.04
CA TYR B 810 48.55 1.42 -6.03
C TYR B 810 48.74 0.87 -7.44
N GLU B 811 49.97 0.47 -7.77
CA GLU B 811 50.23 -0.09 -9.09
C GLU B 811 49.45 -1.40 -9.29
N ALA B 812 49.41 -2.25 -8.25
CA ALA B 812 48.69 -3.50 -8.35
C ALA B 812 47.19 -3.26 -8.54
N VAL B 813 46.62 -2.31 -7.81
CA VAL B 813 45.21 -2.00 -7.96
C VAL B 813 44.92 -1.44 -9.34
N LYS B 814 45.81 -0.58 -9.86
CA LYS B 814 45.63 -0.06 -11.20
C LYS B 814 45.67 -1.17 -12.24
N GLU B 815 46.58 -2.12 -12.08
CA GLU B 815 46.71 -3.21 -13.05
C GLU B 815 45.60 -4.25 -12.92
N SER B 816 44.94 -4.33 -11.76
CA SER B 816 43.97 -5.39 -11.49
C SER B 816 42.65 -5.08 -12.19
N ASP B 817 41.63 -5.89 -11.91
CA ASP B 817 40.33 -5.77 -12.56
C ASP B 817 39.46 -4.68 -11.94
N LEU B 818 39.83 -4.14 -10.78
CA LEU B 818 39.03 -3.10 -10.15
C LEU B 818 39.08 -1.78 -10.91
N TYR B 819 40.07 -1.61 -11.79
CA TYR B 819 40.22 -0.36 -12.54
C TYR B 819 39.51 -0.51 -13.88
N ASP B 820 38.40 0.19 -14.04
CA ASP B 820 37.67 0.19 -15.31
C ASP B 820 38.52 0.85 -16.39
N GLY B 821 38.55 0.21 -17.56
CA GLY B 821 39.38 0.68 -18.64
C GLY B 821 38.87 1.93 -19.33
N GLU B 822 37.70 1.85 -19.94
CA GLU B 822 37.18 2.96 -20.73
C GLU B 822 36.87 4.16 -19.85
N LEU B 823 36.19 3.93 -18.72
CA LEU B 823 35.79 5.03 -17.85
C LEU B 823 36.93 5.57 -17.01
N SER B 824 38.01 4.80 -16.84
CA SER B 824 39.16 5.21 -16.03
C SER B 824 38.74 5.55 -14.60
N MET B 825 37.80 4.78 -14.06
CA MET B 825 37.33 4.92 -12.70
C MET B 825 37.51 3.62 -11.95
N TYR B 826 37.36 3.68 -10.63
CA TYR B 826 37.56 2.52 -9.77
C TYR B 826 36.21 1.92 -9.39
N LYS B 827 36.04 0.62 -9.66
CA LYS B 827 34.82 -0.07 -9.33
C LYS B 827 34.78 -0.43 -7.85
N VAL B 828 33.73 -1.13 -7.44
CA VAL B 828 33.56 -1.52 -6.05
C VAL B 828 34.11 -2.91 -5.79
N ASN B 829 33.87 -3.85 -6.71
CA ASN B 829 34.29 -5.22 -6.51
C ASN B 829 34.45 -5.90 -7.86
N ALA B 830 35.11 -7.06 -7.85
CA ALA B 830 35.27 -7.87 -9.04
C ALA B 830 33.99 -8.69 -9.26
N SER B 831 34.07 -9.68 -10.16
CA SER B 831 32.91 -10.48 -10.48
C SER B 831 32.47 -11.31 -9.27
N LEU B 832 31.17 -11.26 -8.97
CA LEU B 832 30.58 -12.03 -7.89
C LEU B 832 29.84 -13.27 -8.40
N ALA B 833 29.94 -13.57 -9.70
CA ALA B 833 29.17 -14.66 -10.29
C ALA B 833 29.70 -16.04 -9.94
N ASP B 834 30.88 -16.13 -9.32
CA ASP B 834 31.50 -17.41 -9.00
C ASP B 834 31.45 -17.71 -7.50
N SER B 835 30.75 -16.91 -6.72
CA SER B 835 30.68 -17.09 -5.28
C SER B 835 29.38 -17.81 -4.90
N SER B 836 29.14 -17.95 -3.61
CA SER B 836 27.93 -18.61 -3.13
C SER B 836 26.70 -17.76 -3.45
N PHE B 837 25.57 -18.44 -3.64
CA PHE B 837 24.34 -17.78 -4.01
C PHE B 837 23.58 -17.20 -2.82
N GLU B 838 23.99 -17.54 -1.59
CA GLU B 838 23.32 -17.06 -0.39
C GLU B 838 23.94 -15.79 0.17
N LEU B 839 24.72 -15.05 -0.64
CA LEU B 839 25.37 -13.85 -0.15
C LEU B 839 24.37 -12.76 0.20
N GLY B 840 23.30 -12.63 -0.55
CA GLY B 840 22.28 -11.66 -0.26
C GLY B 840 21.69 -11.07 -1.53
N ARG B 841 21.14 -9.87 -1.40
CA ARG B 841 20.48 -9.22 -2.53
C ARG B 841 21.47 -8.83 -3.62
N ALA B 842 22.76 -8.71 -3.29
CA ALA B 842 23.74 -8.31 -4.28
C ALA B 842 23.85 -9.33 -5.41
N ARG B 843 23.64 -10.62 -5.11
CA ARG B 843 23.73 -11.64 -6.15
C ARG B 843 22.55 -11.60 -7.11
N ALA B 844 21.47 -10.91 -6.76
CA ALA B 844 20.28 -10.86 -7.59
C ALA B 844 20.27 -9.66 -8.53
N PHE B 845 21.31 -8.83 -8.51
CA PHE B 845 21.38 -7.63 -9.34
C PHE B 845 22.23 -7.88 -10.58
N THR B 846 21.86 -7.20 -11.66
CA THR B 846 22.64 -7.26 -12.88
C THR B 846 23.99 -6.57 -12.67
N PRO B 847 25.08 -7.15 -13.19
CA PRO B 847 26.39 -6.47 -13.08
C PRO B 847 26.35 -5.11 -13.73
N GLY B 848 27.04 -4.16 -13.11
CA GLY B 848 27.02 -2.78 -13.58
C GLY B 848 25.78 -2.00 -13.20
N TRP B 849 25.13 -2.37 -12.10
CA TRP B 849 23.91 -1.71 -11.67
C TRP B 849 23.79 -1.82 -10.15
N LEU B 850 23.51 -0.69 -9.50
CA LEU B 850 23.39 -0.61 -8.03
C LEU B 850 24.71 -1.10 -7.43
N GLU B 851 24.68 -1.80 -6.30
CA GLU B 851 25.91 -2.24 -5.64
C GLU B 851 26.36 -3.58 -6.21
N ASN B 852 26.77 -3.55 -7.48
CA ASN B 852 27.31 -4.74 -8.13
C ASN B 852 28.21 -4.27 -9.27
N GLU B 853 29.53 -4.26 -9.04
CA GLU B 853 30.52 -3.95 -10.06
C GLU B 853 30.24 -2.61 -10.73
N SER B 854 29.77 -1.65 -9.95
CA SER B 854 29.47 -0.32 -10.46
C SER B 854 30.57 0.65 -10.02
N ILE B 855 30.37 1.93 -10.30
CA ILE B 855 31.30 2.96 -9.85
C ILE B 855 30.65 3.73 -8.69
N TRP B 856 30.92 3.30 -7.46
CA TRP B 856 30.38 3.96 -6.29
C TRP B 856 31.23 5.17 -5.96
N LEU B 857 30.64 6.36 -6.00
CA LEU B 857 31.41 7.58 -5.81
C LEU B 857 31.99 7.68 -4.41
N HIS B 858 31.31 7.12 -3.41
CA HIS B 858 31.81 7.22 -2.04
C HIS B 858 33.16 6.51 -1.89
N MET B 859 33.24 5.26 -2.34
CA MET B 859 34.50 4.52 -2.23
C MET B 859 35.58 5.12 -3.11
N GLU B 860 35.20 5.60 -4.30
CA GLU B 860 36.18 6.22 -5.19
C GLU B 860 36.79 7.47 -4.56
N TYR B 861 35.94 8.32 -3.96
CA TYR B 861 36.45 9.51 -3.30
C TYR B 861 37.25 9.17 -2.05
N LYS B 862 36.86 8.12 -1.32
CA LYS B 862 37.68 7.68 -0.20
C LYS B 862 39.05 7.23 -0.66
N TYR B 863 39.12 6.49 -1.76
CA TYR B 863 40.42 6.05 -2.27
C TYR B 863 41.26 7.24 -2.73
N LEU B 864 40.64 8.22 -3.39
CA LEU B 864 41.37 9.41 -3.81
C LEU B 864 41.88 10.19 -2.60
N LEU B 865 41.06 10.31 -1.57
CA LEU B 865 41.49 11.00 -0.34
C LEU B 865 42.65 10.28 0.32
N GLU B 866 42.60 8.94 0.36
CA GLU B 866 43.70 8.18 0.93
C GLU B 866 44.98 8.34 0.11
N LEU B 867 44.85 8.41 -1.22
CA LEU B 867 46.01 8.68 -2.06
C LEU B 867 46.58 10.06 -1.76
N LEU B 868 45.72 11.05 -1.59
CA LEU B 868 46.19 12.41 -1.29
C LEU B 868 46.90 12.47 0.06
N ARG B 869 46.33 11.82 1.07
CA ARG B 869 46.94 11.86 2.40
C ARG B 869 48.25 11.11 2.46
N SER B 870 48.41 10.07 1.62
CA SER B 870 49.63 9.27 1.67
C SER B 870 50.84 10.03 1.17
N GLY B 871 50.65 10.94 0.21
CA GLY B 871 51.74 11.67 -0.39
C GLY B 871 51.98 11.38 -1.85
N LEU B 872 51.11 10.60 -2.51
CA LEU B 872 51.22 10.35 -3.94
C LEU B 872 50.52 11.47 -4.70
N TYR B 873 51.17 12.64 -4.69
CA TYR B 873 50.53 13.85 -5.19
C TYR B 873 50.30 13.77 -6.70
N GLU B 874 51.31 13.32 -7.45
CA GLU B 874 51.18 13.29 -8.91
C GLU B 874 50.09 12.32 -9.35
N GLU B 875 50.06 11.13 -8.76
CA GLU B 875 49.02 10.15 -9.09
C GLU B 875 47.65 10.67 -8.69
N PHE B 876 47.56 11.31 -7.53
CA PHE B 876 46.29 11.88 -7.09
C PHE B 876 45.79 12.93 -8.07
N PHE B 877 46.69 13.81 -8.52
CA PHE B 877 46.29 14.84 -9.49
C PHE B 877 45.83 14.20 -10.79
N ALA B 878 46.58 13.20 -11.27
CA ALA B 878 46.24 12.57 -12.54
C ALA B 878 44.88 11.89 -12.47
N ASP B 879 44.60 11.20 -11.35
CA ASP B 879 43.32 10.51 -11.22
C ASP B 879 42.17 11.46 -10.93
N PHE B 880 42.42 12.55 -10.19
CA PHE B 880 41.36 13.49 -9.87
C PHE B 880 40.98 14.35 -11.07
N LYS B 881 41.92 14.59 -11.98
CA LYS B 881 41.59 15.31 -13.20
C LYS B 881 40.55 14.55 -14.03
N LYS B 882 40.54 13.23 -13.93
CA LYS B 882 39.69 12.40 -14.78
C LYS B 882 38.46 11.85 -14.07
N ALA B 883 38.53 11.63 -12.76
CA ALA B 883 37.45 11.00 -12.02
C ALA B 883 36.55 11.98 -11.28
N ALA B 884 36.81 13.28 -11.37
CA ALA B 884 36.00 14.25 -10.65
C ALA B 884 34.68 14.51 -11.35
N ILE B 885 33.64 14.76 -10.55
CA ILE B 885 32.33 15.07 -11.12
C ILE B 885 32.33 16.35 -11.96
N PRO B 886 32.88 17.48 -11.50
CA PRO B 886 32.81 18.70 -12.31
C PRO B 886 33.54 18.60 -13.64
N PHE B 887 34.49 17.69 -13.78
CA PHE B 887 35.25 17.54 -15.01
C PHE B 887 34.61 16.57 -16.00
N GLN B 888 33.46 15.98 -15.65
CA GLN B 888 32.79 15.04 -16.54
C GLN B 888 32.09 15.79 -17.68
N ASN B 889 31.85 15.07 -18.76
CA ASN B 889 31.09 15.62 -19.88
C ASN B 889 29.61 15.64 -19.53
N PRO B 890 28.95 16.80 -19.54
CA PRO B 890 27.53 16.83 -19.17
C PRO B 890 26.64 16.01 -20.08
N GLU B 891 27.01 15.85 -21.36
CA GLU B 891 26.18 15.07 -22.27
C GLU B 891 26.17 13.60 -21.89
N ILE B 892 27.35 13.02 -21.64
CA ILE B 892 27.42 11.62 -21.25
C ILE B 892 26.87 11.41 -19.85
N TYR B 893 27.20 12.33 -18.93
CA TYR B 893 26.75 12.18 -17.55
C TYR B 893 25.24 12.26 -17.43
N GLY B 894 24.58 12.94 -18.35
CA GLY B 894 23.13 13.03 -18.34
C GLY B 894 22.56 13.72 -17.12
N ARG B 895 23.27 14.71 -16.59
CA ARG B 895 22.85 15.42 -15.39
C ARG B 895 23.73 16.66 -15.26
N SER B 896 23.28 17.60 -14.43
CA SER B 896 24.10 18.77 -14.14
C SER B 896 25.39 18.35 -13.46
N ILE B 897 26.51 18.93 -13.91
CA ILE B 897 27.82 18.56 -13.37
C ILE B 897 28.06 19.11 -11.98
N TYR B 898 27.12 19.87 -11.43
CA TYR B 898 27.25 20.41 -10.09
C TYR B 898 26.66 19.51 -9.02
N GLU B 899 26.06 18.39 -9.40
CA GLU B 899 25.34 17.52 -8.47
C GLU B 899 25.99 16.15 -8.43
N ASN B 900 26.04 15.56 -7.24
CA ASN B 900 26.62 14.25 -7.06
C ASN B 900 25.62 13.16 -7.45
N SER B 901 26.06 11.91 -7.34
CA SER B 901 25.20 10.76 -7.58
C SER B 901 25.70 9.59 -6.75
N SER B 902 24.81 8.64 -6.48
CA SER B 902 25.19 7.48 -5.68
C SER B 902 26.18 6.60 -6.44
N PHE B 903 25.95 6.38 -7.74
CA PHE B 903 26.83 5.52 -8.51
C PHE B 903 26.71 5.88 -9.98
N ILE B 904 27.68 5.40 -10.76
CA ILE B 904 27.71 5.57 -12.20
C ILE B 904 27.82 4.20 -12.84
N ALA B 905 26.97 3.91 -13.82
CA ALA B 905 27.00 2.62 -14.49
C ALA B 905 28.33 2.44 -15.20
N SER B 906 28.91 1.25 -15.05
CA SER B 906 30.22 0.95 -15.59
C SER B 906 30.09 0.26 -16.96
N SER B 907 31.22 -0.21 -17.49
CA SER B 907 31.20 -0.89 -18.77
C SER B 907 30.59 -2.28 -18.68
N ARG B 908 30.49 -2.85 -17.47
CA ARG B 908 29.87 -4.15 -17.30
C ARG B 908 28.36 -4.13 -17.48
N ASN B 909 27.76 -2.95 -17.58
CA ASN B 909 26.32 -2.85 -17.77
C ASN B 909 25.95 -3.44 -19.13
N PRO B 910 24.98 -4.35 -19.19
CA PRO B 910 24.63 -4.97 -20.48
C PRO B 910 24.15 -3.97 -21.52
N ASN B 911 23.48 -2.90 -21.12
CA ASN B 911 22.99 -1.91 -22.06
C ASN B 911 24.06 -0.87 -22.35
N PRO B 912 24.57 -0.78 -23.56
CA PRO B 912 25.66 0.18 -23.83
C PRO B 912 25.26 1.63 -23.63
N SER B 913 24.01 2.00 -23.91
CA SER B 913 23.63 3.42 -23.89
C SER B 913 23.55 3.99 -22.50
N CYS B 914 23.47 3.15 -21.46
CA CYS B 914 23.42 3.62 -20.08
C CYS B 914 24.79 3.65 -19.41
N ARG B 915 25.86 3.37 -20.16
CA ARG B 915 27.20 3.33 -19.60
C ARG B 915 27.72 4.75 -19.42
N GLY B 916 27.93 5.16 -18.17
CA GLY B 916 28.47 6.47 -17.87
C GLY B 916 27.41 7.50 -17.48
N ARG B 917 26.40 7.06 -16.73
CA ARG B 917 25.34 7.94 -16.27
C ARG B 917 25.11 7.74 -14.79
N GLY B 918 24.96 8.85 -14.06
CA GLY B 918 24.67 8.78 -12.64
C GLY B 918 23.23 8.43 -12.35
N PHE B 919 22.98 8.01 -11.12
CA PHE B 919 21.64 7.61 -10.69
C PHE B 919 21.44 7.96 -9.23
N VAL B 920 20.24 7.66 -8.73
CA VAL B 920 19.83 7.87 -7.35
C VAL B 920 20.06 9.32 -6.94
N ALA B 921 19.71 10.24 -7.84
CA ALA B 921 19.72 11.68 -7.56
C ALA B 921 21.04 12.16 -6.99
N ARG B 922 21.00 12.73 -5.79
CA ARG B 922 22.18 13.28 -5.14
C ARG B 922 22.09 12.94 -3.65
N LEU B 923 22.85 13.67 -2.83
CA LEU B 923 22.94 13.43 -1.40
C LEU B 923 23.52 12.06 -1.09
N SER B 924 24.73 11.80 -1.61
CA SER B 924 25.45 10.58 -1.31
C SER B 924 26.42 10.83 -0.16
N GLY B 925 27.21 9.82 0.18
CA GLY B 925 28.21 9.95 1.21
C GLY B 925 29.52 10.55 0.77
N SER B 926 29.63 10.95 -0.49
CA SER B 926 30.87 11.51 -1.02
C SER B 926 31.04 12.99 -0.73
N THR B 927 30.02 13.66 -0.21
CA THR B 927 30.12 15.10 0.04
C THR B 927 31.17 15.40 1.09
N ILE B 928 31.16 14.67 2.21
CA ILE B 928 32.14 14.91 3.26
C ILE B 928 33.54 14.54 2.78
N GLU B 929 33.65 13.50 1.95
CA GLU B 929 34.94 13.14 1.38
C GLU B 929 35.49 14.27 0.52
N PHE B 930 34.64 14.86 -0.32
CA PHE B 930 35.11 15.96 -1.15
C PHE B 930 35.45 17.19 -0.31
N ILE B 931 34.70 17.43 0.76
CA ILE B 931 35.00 18.56 1.64
C ILE B 931 36.37 18.38 2.28
N SER B 932 36.65 17.17 2.77
CA SER B 932 37.96 16.90 3.37
C SER B 932 39.07 17.02 2.34
N MET B 933 38.84 16.51 1.13
CA MET B 933 39.84 16.63 0.07
C MET B 933 40.12 18.10 -0.24
N TRP B 934 39.07 18.91 -0.34
CA TRP B 934 39.24 20.34 -0.63
C TRP B 934 40.02 21.03 0.48
N LYS B 935 39.69 20.72 1.74
CA LYS B 935 40.39 21.34 2.85
C LYS B 935 41.87 20.97 2.85
N GLU B 936 42.18 19.68 2.70
CA GLU B 936 43.57 19.26 2.74
C GLU B 936 44.34 19.66 1.48
N MET B 937 43.63 19.96 0.39
CA MET B 937 44.29 20.42 -0.83
C MET B 937 44.52 21.92 -0.82
N MET B 938 43.66 22.69 -0.16
CA MET B 938 43.82 24.14 -0.12
C MET B 938 44.71 24.60 1.03
N PHE B 939 44.66 23.94 2.18
CA PHE B 939 45.35 24.43 3.37
C PHE B 939 46.41 23.49 3.91
N GLY B 940 46.38 22.21 3.57
CA GLY B 940 47.35 21.25 4.06
C GLY B 940 46.79 20.41 5.20
N ALA B 941 47.59 19.42 5.60
CA ALA B 941 47.14 18.46 6.61
C ALA B 941 47.02 19.10 7.98
N HIS B 942 48.05 19.83 8.41
CA HIS B 942 48.12 20.39 9.76
C HIS B 942 48.46 21.87 9.69
N PRO B 943 47.47 22.73 9.51
CA PRO B 943 47.75 24.18 9.54
C PRO B 943 48.33 24.66 10.86
N PHE B 944 47.93 24.06 11.97
CA PHE B 944 48.38 24.48 13.30
C PHE B 944 49.24 23.37 13.91
N ARG B 945 50.37 23.76 14.48
CA ARG B 945 51.26 22.85 15.18
C ARG B 945 51.59 23.43 16.55
N THR B 946 52.08 22.56 17.43
CA THR B 946 52.43 22.94 18.79
C THR B 946 53.89 22.60 19.05
N GLU B 947 54.62 23.55 19.64
CA GLU B 947 56.00 23.34 20.04
C GLU B 947 56.29 24.19 21.27
N GLN B 948 56.92 23.58 22.27
CA GLN B 948 57.19 24.21 23.57
C GLN B 948 56.02 25.07 24.04
N GLU B 949 54.82 24.50 23.96
CA GLU B 949 53.58 25.15 24.41
C GLU B 949 53.39 26.50 23.71
N GLU B 950 53.59 26.51 22.40
CA GLU B 950 53.44 27.71 21.60
C GLU B 950 52.80 27.34 20.26
N LEU B 951 51.85 28.15 19.82
CA LEU B 951 51.14 27.89 18.58
C LEU B 951 51.99 28.31 17.38
N VAL B 952 51.94 27.50 16.32
CA VAL B 952 52.62 27.79 15.07
C VAL B 952 51.62 27.63 13.93
N PHE B 953 51.56 28.64 13.06
CA PHE B 953 50.66 28.64 11.91
C PHE B 953 51.47 28.64 10.64
N SER B 954 51.13 27.73 9.71
CA SER B 954 51.81 27.64 8.43
C SER B 954 50.86 27.03 7.42
N LEU B 955 51.15 27.27 6.14
CA LEU B 955 50.35 26.75 5.04
C LEU B 955 51.23 25.90 4.13
N ALA B 956 50.72 24.73 3.76
CA ALA B 956 51.40 23.83 2.82
C ALA B 956 50.39 23.37 1.77
N PRO B 957 49.95 24.27 0.90
CA PRO B 957 48.97 23.89 -0.12
C PRO B 957 49.60 23.04 -1.21
N ALA B 958 48.74 22.29 -1.91
CA ALA B 958 49.15 21.44 -3.02
C ALA B 958 48.06 21.52 -4.09
N ILE B 959 48.25 22.42 -5.05
CA ILE B 959 47.28 22.68 -6.11
C ILE B 959 47.84 22.17 -7.42
N PRO B 960 47.08 21.41 -8.20
CA PRO B 960 47.55 20.99 -9.52
C PRO B 960 47.60 22.16 -10.49
N ALA B 961 48.30 21.95 -11.60
CA ALA B 961 48.55 23.02 -12.55
C ALA B 961 47.26 23.47 -13.24
N TYR B 962 46.28 22.59 -13.39
CA TYR B 962 45.06 22.91 -14.12
C TYR B 962 44.03 23.65 -13.28
N LEU B 963 44.44 24.25 -12.15
CA LEU B 963 43.55 25.07 -11.34
C LEU B 963 44.02 26.50 -11.18
N ILE B 964 45.28 26.80 -11.49
CA ILE B 964 45.80 28.16 -11.35
C ILE B 964 45.39 28.98 -12.57
N PRO B 965 44.72 30.12 -12.38
CA PRO B 965 44.33 30.95 -13.54
C PRO B 965 45.54 31.56 -14.24
N GLU B 966 45.28 32.27 -15.34
CA GLU B 966 46.38 32.90 -16.08
C GLU B 966 47.06 33.97 -15.25
N ASP B 967 46.28 34.77 -14.52
CA ASP B 967 46.86 35.81 -13.66
C ASP B 967 47.51 35.23 -12.41
N GLY B 968 47.36 33.95 -12.15
CA GLY B 968 48.02 33.31 -11.02
C GLY B 968 47.52 33.76 -9.66
N ARG B 969 46.21 33.91 -9.49
CA ARG B 969 45.62 34.26 -8.21
C ARG B 969 44.57 33.23 -7.85
N LEU B 970 44.65 32.71 -6.62
CA LEU B 970 43.72 31.71 -6.12
C LEU B 970 43.30 32.09 -4.71
N SER B 971 42.01 31.96 -4.42
CA SER B 971 41.46 32.34 -3.13
C SER B 971 40.60 31.22 -2.57
N ALA B 972 40.55 31.15 -1.24
CA ALA B 972 39.76 30.15 -0.54
C ALA B 972 39.37 30.69 0.82
N ALA B 973 38.32 30.10 1.40
CA ALA B 973 37.81 30.51 2.69
C ALA B 973 38.43 29.66 3.78
N PHE B 974 39.15 30.31 4.69
CA PHE B 974 39.81 29.65 5.81
C PHE B 974 39.01 29.91 7.08
N MET B 975 38.60 28.82 7.75
CA MET B 975 37.75 28.88 8.94
C MET B 975 36.42 29.58 8.67
N SER B 976 36.01 29.63 7.41
CA SER B 976 34.77 30.22 6.93
C SER B 976 34.63 31.71 7.28
N LYS B 977 35.68 32.33 7.78
CA LYS B 977 35.63 33.75 8.13
C LYS B 977 36.78 34.55 7.52
N THR B 978 37.96 33.96 7.41
CA THR B 978 39.14 34.64 6.90
C THR B 978 39.40 34.22 5.47
N THR B 979 39.61 35.20 4.60
CA THR B 979 39.88 34.94 3.19
C THR B 979 41.38 34.94 2.95
N VAL B 980 41.87 33.89 2.30
CA VAL B 980 43.28 33.72 2.00
C VAL B 980 43.48 33.80 0.49
N CYS B 981 44.36 34.70 0.05
CA CYS B 981 44.66 34.89 -1.36
C CYS B 981 46.11 34.52 -1.62
N TYR B 982 46.33 33.66 -2.60
CA TYR B 982 47.66 33.22 -2.98
C TYR B 982 48.18 34.02 -4.17
N GLU B 983 49.47 33.83 -4.46
CA GLU B 983 50.11 34.49 -5.59
C GLU B 983 51.19 33.55 -6.11
N PHE B 984 50.84 32.75 -7.12
CA PHE B 984 51.76 31.78 -7.69
C PHE B 984 52.52 32.41 -8.86
N GLY B 985 53.81 32.08 -8.94
CA GLY B 985 54.68 32.67 -9.94
C GLY B 985 54.92 31.82 -11.16
N GLY B 986 54.06 30.83 -11.39
CA GLY B 986 54.24 29.98 -12.56
C GLY B 986 53.08 29.01 -12.71
N HIS B 987 53.15 28.23 -13.78
CA HIS B 987 52.15 27.21 -14.10
C HIS B 987 52.81 25.84 -13.94
N ARG B 988 52.75 25.31 -12.72
CA ARG B 988 53.32 24.00 -12.44
C ARG B 988 52.66 23.46 -11.18
N ASP B 989 52.83 22.16 -10.95
CA ASP B 989 52.28 21.52 -9.76
C ASP B 989 53.06 21.98 -8.53
N TYR B 990 52.37 22.64 -7.60
CA TYR B 990 53.00 23.14 -6.39
C TYR B 990 52.81 22.15 -5.24
N VAL B 991 53.39 20.96 -5.42
CA VAL B 991 53.40 19.93 -4.40
C VAL B 991 54.36 20.38 -3.29
N PRO B 992 54.15 19.97 -2.05
CA PRO B 992 55.08 20.38 -0.99
C PRO B 992 56.49 19.88 -1.25
N GLY B 993 57.47 20.73 -0.92
CA GLY B 993 58.86 20.42 -1.13
C GLY B 993 59.46 21.04 -2.38
N THR B 994 58.62 21.50 -3.32
CA THR B 994 59.10 22.11 -4.55
C THR B 994 58.84 23.61 -4.59
N TYR B 995 58.52 24.22 -3.44
CA TYR B 995 58.28 25.65 -3.37
C TYR B 995 58.59 26.13 -1.95
N ARG B 996 58.76 27.44 -1.83
CA ARG B 996 59.02 28.05 -0.53
C ARG B 996 58.27 29.37 -0.45
N ILE B 997 57.59 29.59 0.67
CA ILE B 997 56.80 30.80 0.87
C ILE B 997 57.74 31.95 1.21
N ARG B 998 57.56 33.09 0.53
CA ARG B 998 58.44 34.24 0.73
C ARG B 998 57.98 35.11 1.89
N HIS B 999 56.76 35.64 1.81
CA HIS B 999 56.25 36.51 2.87
C HIS B 999 54.72 36.49 2.83
N MET B 1000 54.12 36.90 3.94
CA MET B 1000 52.68 36.98 4.08
C MET B 1000 52.28 38.32 4.69
N VAL B 1001 51.08 38.78 4.34
CA VAL B 1001 50.55 40.05 4.82
C VAL B 1001 49.19 39.78 5.45
N PHE B 1002 48.96 40.36 6.62
CA PHE B 1002 47.71 40.18 7.35
C PHE B 1002 46.94 41.49 7.41
N PHE B 1003 45.62 41.40 7.31
CA PHE B 1003 44.73 42.55 7.33
C PHE B 1003 43.76 42.40 8.49
N TYR B 1004 43.97 43.15 9.55
CA TYR B 1004 43.07 43.10 10.70
C TYR B 1004 41.74 43.76 10.35
N GLU B 1005 40.71 43.43 11.15
CA GLU B 1005 39.38 43.97 10.89
C GLU B 1005 39.26 45.44 11.28
N ASN B 1006 40.18 45.95 12.08
CA ASN B 1006 40.16 47.35 12.50
C ASN B 1006 41.01 48.26 11.60
N GLY B 1007 41.60 47.71 10.54
CA GLY B 1007 42.36 48.49 9.59
C GLY B 1007 43.86 48.38 9.73
N SER B 1008 44.36 47.90 10.87
CA SER B 1008 45.79 47.76 11.05
C SER B 1008 46.33 46.61 10.19
N GLN B 1009 47.56 46.78 9.72
CA GLN B 1009 48.24 45.79 8.89
C GLN B 1009 49.41 45.19 9.65
N ALA B 1010 49.96 44.13 9.06
CA ALA B 1010 51.14 43.46 9.60
C ALA B 1010 51.78 42.64 8.49
N THR B 1011 53.11 42.62 8.47
CA THR B 1011 53.87 41.89 7.47
C THR B 1011 54.89 41.01 8.18
N VAL B 1012 54.76 39.70 8.00
CA VAL B 1012 55.65 38.73 8.62
C VAL B 1012 56.48 38.11 7.51
N GLU B 1013 57.79 38.37 7.53
CA GLU B 1013 58.69 37.81 6.53
C GLU B 1013 58.89 36.32 6.80
N GLY B 1014 59.01 35.54 5.73
CA GLY B 1014 59.19 34.11 5.86
C GLY B 1014 57.89 33.34 5.64
N GLU B 1015 57.73 32.24 6.38
CA GLU B 1015 56.54 31.41 6.26
C GLU B 1015 55.94 30.99 7.58
N LYS B 1016 56.64 31.18 8.70
CA LYS B 1016 56.18 30.72 10.01
C LYS B 1016 55.69 31.92 10.82
N VAL B 1017 54.49 31.81 11.38
CA VAL B 1017 53.91 32.83 12.24
C VAL B 1017 53.54 32.18 13.56
N SER B 1018 54.00 32.76 14.66
CA SER B 1018 53.80 32.18 15.98
C SER B 1018 53.42 33.25 16.98
N GLY B 1019 52.52 32.90 17.90
CA GLY B 1019 52.19 33.79 19.00
C GLY B 1019 50.80 34.41 18.94
N LYS B 1020 50.72 35.68 19.33
CA LYS B 1020 49.43 36.37 19.37
C LYS B 1020 48.82 36.48 17.98
N LEU B 1021 49.65 36.56 16.93
CA LEU B 1021 49.11 36.57 15.58
C LEU B 1021 48.41 35.27 15.26
N ALA B 1022 49.02 34.14 15.63
CA ALA B 1022 48.37 32.84 15.42
C ALA B 1022 47.11 32.72 16.24
N GLU B 1023 47.13 33.21 17.49
CA GLU B 1023 45.94 33.19 18.33
C GLU B 1023 44.81 33.99 17.69
N ASP B 1024 45.13 35.17 17.16
CA ASP B 1024 44.11 35.98 16.48
C ASP B 1024 43.59 35.28 15.24
N ILE B 1025 44.47 34.63 14.48
CA ILE B 1025 44.04 33.91 13.29
C ILE B 1025 43.07 32.80 13.66
N ARG B 1026 43.38 32.04 14.70
CA ARG B 1026 42.50 30.96 15.12
C ARG B 1026 41.20 31.49 15.73
N ALA B 1027 41.22 32.73 16.22
CA ALA B 1027 40.05 33.35 16.83
C ALA B 1027 39.20 34.13 15.83
N GLY B 1028 39.56 34.10 14.54
CA GLY B 1028 38.81 34.83 13.53
C GLY B 1028 38.90 36.33 13.65
N ARG B 1029 40.09 36.85 13.98
CA ARG B 1029 40.32 38.29 14.09
C ARG B 1029 41.04 38.86 12.88
N VAL B 1030 41.20 38.07 11.82
CA VAL B 1030 41.88 38.50 10.60
C VAL B 1030 40.87 38.42 9.47
N ARG B 1031 40.80 39.47 8.66
CA ARG B 1031 39.83 39.55 7.58
C ARG B 1031 40.36 39.02 6.25
N LYS B 1032 41.59 39.38 5.88
CA LYS B 1032 42.15 38.96 4.61
C LYS B 1032 43.64 38.71 4.77
N MET B 1033 44.17 37.81 3.95
CA MET B 1033 45.58 37.47 3.96
C MET B 1033 46.11 37.46 2.53
N GLU B 1034 47.38 37.82 2.39
CA GLU B 1034 48.06 37.82 1.10
C GLU B 1034 49.32 36.96 1.22
N VAL B 1035 49.32 35.82 0.56
CA VAL B 1035 50.44 34.88 0.60
C VAL B 1035 51.08 34.83 -0.78
N ALA B 1036 52.39 35.01 -0.82
CA ALA B 1036 53.14 35.02 -2.07
C ALA B 1036 54.07 33.80 -2.10
N VAL B 1037 54.04 33.07 -3.21
CA VAL B 1037 54.88 31.90 -3.41
C VAL B 1037 55.82 32.19 -4.58
N ASP B 1038 57.12 32.03 -4.34
CA ASP B 1038 58.15 32.31 -5.34
C ASP B 1038 58.06 33.76 -5.83
N LEU B 1039 57.86 34.68 -4.90
CA LEU B 1039 57.78 36.12 -5.17
C LEU B 1039 56.60 36.39 -6.11
N GLU B 1040 56.74 37.37 -6.99
CA GLU B 1040 55.65 37.78 -7.85
C GLU B 1040 55.40 36.75 -8.95
N HIS B 1041 54.43 37.05 -9.81
CA HIS B 1041 54.03 36.15 -10.88
C HIS B 1041 54.61 36.63 -12.20
N HIS B 1042 55.20 35.70 -12.96
CA HIS B 1042 55.76 36.00 -14.27
C HIS B 1042 54.70 35.75 -15.34
N HIS B 1043 55.12 35.76 -16.60
CA HIS B 1043 54.20 35.52 -17.71
C HIS B 1043 53.76 34.07 -17.75
#